data_7JKX
# 
_entry.id   7JKX 
# 
_audit_conform.dict_name       mmcif_pdbx.dic 
_audit_conform.dict_version    5.380 
_audit_conform.dict_location   http://mmcif.pdb.org/dictionaries/ascii/mmcif_pdbx.dic 
# 
loop_
_database_2.database_id 
_database_2.database_code 
_database_2.pdbx_database_accession 
_database_2.pdbx_DOI 
PDB   7JKX         pdb_00007jkx 10.2210/pdb7jkx/pdb 
WWPDB D_1000250967 ?            ?                   
# 
_pdbx_database_status.status_code                     REL 
_pdbx_database_status.status_code_sf                  REL 
_pdbx_database_status.status_code_mr                  ? 
_pdbx_database_status.entry_id                        7JKX 
_pdbx_database_status.recvd_initial_deposition_date   2020-07-29 
_pdbx_database_status.SG_entry                        N 
_pdbx_database_status.deposit_site                    RCSB 
_pdbx_database_status.process_site                    RCSB 
_pdbx_database_status.status_code_cs                  ? 
_pdbx_database_status.status_code_nmr_data            ? 
_pdbx_database_status.methods_development_category    ? 
_pdbx_database_status.pdb_format_compatible           Y 
# 
loop_
_audit_author.name 
_audit_author.pdbx_ordinal 
_audit_author.identifier_ORCID 
'Ratia, K.M.'      1 0000-0002-4834-9207 
'Xiong, R.'        2 0000-0002-6350-9037 
'Li, Y.'           3 0000-0002-4780-6154 
'Shen, Z.'         4 ?                   
'Zhao, J.'         5 ?                   
'Huang, F.'        6 ?                   
'Dubrovyskyii, O.' 7 ?                   
'Thatcher, G.R.'   8 0000-0002-7757-1739 
# 
_citation.abstract                  ? 
_citation.abstract_id_CAS           ? 
_citation.book_id_ISBN              ? 
_citation.book_publisher            ? 
_citation.book_publisher_city       ? 
_citation.book_title                ? 
_citation.coordinate_linkage        ? 
_citation.country                   ? 
_citation.database_id_Medline       ? 
_citation.details                   ? 
_citation.id                        primary 
_citation.journal_abbrev            'To Be Published' 
_citation.journal_id_ASTM           ? 
_citation.journal_id_CSD            0353 
_citation.journal_id_ISSN           ? 
_citation.journal_full              ? 
_citation.journal_issue             ? 
_citation.journal_volume            ? 
_citation.language                  ? 
_citation.page_first                ? 
_citation.page_last                 ? 
_citation.title                     'Bromodomain-containing protein 4 (BRD4) bromodomain 1 (BD1) complexed with YF3-6' 
_citation.year                      ? 
_citation.database_id_CSD           ? 
_citation.pdbx_database_id_DOI      ? 
_citation.pdbx_database_id_PubMed   ? 
_citation.unpublished_flag          ? 
# 
loop_
_citation_author.citation_id 
_citation_author.name 
_citation_author.ordinal 
_citation_author.identifier_ORCID 
primary 'Xiong, R.'        1 0000-0002-6350-9037 
primary 'Ratia, K.M.'      2 0000-0002-4834-9207 
primary 'Li, Y.'           3 0000-0002-4780-6154 
primary 'Shen, Z.'         4 ?                   
primary 'Zhao, J.'         5 ?                   
primary 'Huang, F.'        6 ?                   
primary 'Dubrovyskyii, O.' 7 ?                   
primary 'Thatcher, G.R.'   8 0000-0002-7757-1739 
# 
_cell.angle_alpha                  90.000 
_cell.angle_alpha_esd              ? 
_cell.angle_beta                   90.000 
_cell.angle_beta_esd               ? 
_cell.angle_gamma                  90.000 
_cell.angle_gamma_esd              ? 
_cell.entry_id                     7JKX 
_cell.details                      ? 
_cell.formula_units_Z              ? 
_cell.length_a                     39.049 
_cell.length_a_esd                 ? 
_cell.length_b                     44.227 
_cell.length_b_esd                 ? 
_cell.length_c                     79.121 
_cell.length_c_esd                 ? 
_cell.volume                       ? 
_cell.volume_esd                   ? 
_cell.Z_PDB                        4 
_cell.reciprocal_angle_alpha       ? 
_cell.reciprocal_angle_beta        ? 
_cell.reciprocal_angle_gamma       ? 
_cell.reciprocal_angle_alpha_esd   ? 
_cell.reciprocal_angle_beta_esd    ? 
_cell.reciprocal_angle_gamma_esd   ? 
_cell.reciprocal_length_a          ? 
_cell.reciprocal_length_b          ? 
_cell.reciprocal_length_c          ? 
_cell.reciprocal_length_a_esd      ? 
_cell.reciprocal_length_b_esd      ? 
_cell.reciprocal_length_c_esd      ? 
_cell.pdbx_unique_axis             ? 
# 
_symmetry.entry_id                         7JKX 
_symmetry.cell_setting                     ? 
_symmetry.Int_Tables_number                19 
_symmetry.space_group_name_Hall            ? 
_symmetry.space_group_name_H-M             'P 21 21 21' 
_symmetry.pdbx_full_space_group_name_H-M   ? 
# 
loop_
_entity.id 
_entity.type 
_entity.src_method 
_entity.pdbx_description 
_entity.formula_weight 
_entity.pdbx_number_of_molecules 
_entity.pdbx_ec 
_entity.pdbx_mutation 
_entity.pdbx_fragment 
_entity.details 
1 polymer     man 'Bromodomain-containing protein 4' 15123.376 1   ? ? ? ? 
2 non-polymer syn 
'N-{1-[1,1-di(pyridin-2-yl)ethyl]-6-[1-methyl-5-(methylamino)-6-oxo-1,6-dihydropyridin-3-yl]-1H-indol-4-yl}ethanesulfonamide' 
542.652   1   ? ? ? ? 
3 water       nat water 18.015    223 ? ? ? ? 
# 
_entity_name_com.entity_id   1 
_entity_name_com.name        'Protein HUNK1' 
# 
_entity_poly.entity_id                      1 
_entity_poly.type                           'polypeptide(L)' 
_entity_poly.nstd_linkage                   no 
_entity_poly.nstd_monomer                   no 
_entity_poly.pdbx_seq_one_letter_code       
;LENPPPPETSNPNKPKRQTNQLQYLLRVVLKTLWKHQFAWPFQQPVDAVKLNLPDYYKIIKTPMDMGTIKKRLENNYYWN
AQECIQDFNTMFTNCYIYNKPGDDIVLMAEALEKLFLQKINELPTEE
;
_entity_poly.pdbx_seq_one_letter_code_can   
;LENPPPPETSNPNKPKRQTNQLQYLLRVVLKTLWKHQFAWPFQQPVDAVKLNLPDYYKIIKTPMDMGTIKKRLENNYYWN
AQECIQDFNTMFTNCYIYNKPGDDIVLMAEALEKLFLQKINELPTEE
;
_entity_poly.pdbx_strand_id                 A 
_entity_poly.pdbx_target_identifier         ? 
# 
loop_
_entity_poly_seq.entity_id 
_entity_poly_seq.num 
_entity_poly_seq.mon_id 
_entity_poly_seq.hetero 
1 1   LEU n 
1 2   GLU n 
1 3   ASN n 
1 4   PRO n 
1 5   PRO n 
1 6   PRO n 
1 7   PRO n 
1 8   GLU n 
1 9   THR n 
1 10  SER n 
1 11  ASN n 
1 12  PRO n 
1 13  ASN n 
1 14  LYS n 
1 15  PRO n 
1 16  LYS n 
1 17  ARG n 
1 18  GLN n 
1 19  THR n 
1 20  ASN n 
1 21  GLN n 
1 22  LEU n 
1 23  GLN n 
1 24  TYR n 
1 25  LEU n 
1 26  LEU n 
1 27  ARG n 
1 28  VAL n 
1 29  VAL n 
1 30  LEU n 
1 31  LYS n 
1 32  THR n 
1 33  LEU n 
1 34  TRP n 
1 35  LYS n 
1 36  HIS n 
1 37  GLN n 
1 38  PHE n 
1 39  ALA n 
1 40  TRP n 
1 41  PRO n 
1 42  PHE n 
1 43  GLN n 
1 44  GLN n 
1 45  PRO n 
1 46  VAL n 
1 47  ASP n 
1 48  ALA n 
1 49  VAL n 
1 50  LYS n 
1 51  LEU n 
1 52  ASN n 
1 53  LEU n 
1 54  PRO n 
1 55  ASP n 
1 56  TYR n 
1 57  TYR n 
1 58  LYS n 
1 59  ILE n 
1 60  ILE n 
1 61  LYS n 
1 62  THR n 
1 63  PRO n 
1 64  MET n 
1 65  ASP n 
1 66  MET n 
1 67  GLY n 
1 68  THR n 
1 69  ILE n 
1 70  LYS n 
1 71  LYS n 
1 72  ARG n 
1 73  LEU n 
1 74  GLU n 
1 75  ASN n 
1 76  ASN n 
1 77  TYR n 
1 78  TYR n 
1 79  TRP n 
1 80  ASN n 
1 81  ALA n 
1 82  GLN n 
1 83  GLU n 
1 84  CYS n 
1 85  ILE n 
1 86  GLN n 
1 87  ASP n 
1 88  PHE n 
1 89  ASN n 
1 90  THR n 
1 91  MET n 
1 92  PHE n 
1 93  THR n 
1 94  ASN n 
1 95  CYS n 
1 96  TYR n 
1 97  ILE n 
1 98  TYR n 
1 99  ASN n 
1 100 LYS n 
1 101 PRO n 
1 102 GLY n 
1 103 ASP n 
1 104 ASP n 
1 105 ILE n 
1 106 VAL n 
1 107 LEU n 
1 108 MET n 
1 109 ALA n 
1 110 GLU n 
1 111 ALA n 
1 112 LEU n 
1 113 GLU n 
1 114 LYS n 
1 115 LEU n 
1 116 PHE n 
1 117 LEU n 
1 118 GLN n 
1 119 LYS n 
1 120 ILE n 
1 121 ASN n 
1 122 GLU n 
1 123 LEU n 
1 124 PRO n 
1 125 THR n 
1 126 GLU n 
1 127 GLU n 
# 
_entity_src_gen.entity_id                          1 
_entity_src_gen.pdbx_src_id                        1 
_entity_src_gen.pdbx_alt_source_flag               sample 
_entity_src_gen.pdbx_seq_type                      'Biological sequence' 
_entity_src_gen.pdbx_beg_seq_num                   1 
_entity_src_gen.pdbx_end_seq_num                   127 
_entity_src_gen.gene_src_common_name               Human 
_entity_src_gen.gene_src_genus                     ? 
_entity_src_gen.pdbx_gene_src_gene                 'BRD4, HUNK1' 
_entity_src_gen.gene_src_species                   ? 
_entity_src_gen.gene_src_strain                    ? 
_entity_src_gen.gene_src_tissue                    ? 
_entity_src_gen.gene_src_tissue_fraction           ? 
_entity_src_gen.gene_src_details                   ? 
_entity_src_gen.pdbx_gene_src_fragment             ? 
_entity_src_gen.pdbx_gene_src_scientific_name      'Homo sapiens' 
_entity_src_gen.pdbx_gene_src_ncbi_taxonomy_id     9606 
_entity_src_gen.pdbx_gene_src_variant              ? 
_entity_src_gen.pdbx_gene_src_cell_line            ? 
_entity_src_gen.pdbx_gene_src_atcc                 ? 
_entity_src_gen.pdbx_gene_src_organ                ? 
_entity_src_gen.pdbx_gene_src_organelle            ? 
_entity_src_gen.pdbx_gene_src_cell                 ? 
_entity_src_gen.pdbx_gene_src_cellular_location    ? 
_entity_src_gen.host_org_common_name               ? 
_entity_src_gen.pdbx_host_org_scientific_name      'Escherichia coli BL21(DE3)' 
_entity_src_gen.pdbx_host_org_ncbi_taxonomy_id     469008 
_entity_src_gen.host_org_genus                     ? 
_entity_src_gen.pdbx_host_org_gene                 ? 
_entity_src_gen.pdbx_host_org_organ                ? 
_entity_src_gen.host_org_species                   ? 
_entity_src_gen.pdbx_host_org_tissue               ? 
_entity_src_gen.pdbx_host_org_tissue_fraction      ? 
_entity_src_gen.pdbx_host_org_strain               ? 
_entity_src_gen.pdbx_host_org_variant              ? 
_entity_src_gen.pdbx_host_org_cell_line            ? 
_entity_src_gen.pdbx_host_org_atcc                 ? 
_entity_src_gen.pdbx_host_org_culture_collection   ? 
_entity_src_gen.pdbx_host_org_cell                 ? 
_entity_src_gen.pdbx_host_org_organelle            ? 
_entity_src_gen.pdbx_host_org_cellular_location    ? 
_entity_src_gen.pdbx_host_org_vector_type          ? 
_entity_src_gen.pdbx_host_org_vector               ? 
_entity_src_gen.host_org_details                   ? 
_entity_src_gen.expression_system_id               ? 
_entity_src_gen.plasmid_name                       ? 
_entity_src_gen.plasmid_details                    ? 
_entity_src_gen.pdbx_description                   ? 
# 
_struct_ref.id                         1 
_struct_ref.db_name                    UNP 
_struct_ref.db_code                    BRD4_HUMAN 
_struct_ref.pdbx_db_accession          O60885 
_struct_ref.pdbx_db_isoform            ? 
_struct_ref.entity_id                  1 
_struct_ref.pdbx_seq_one_letter_code   
;NPPPPETSNPNKPKRQTNQLQYLLRVVLKTLWKHQFAWPFQQPVDAVKLNLPDYYKIIKTPMDMGTIKKRLENNYYWNAQ
ECIQDFNTMFTNCYIYNKPGDDIVLMAEALEKLFLQKINELPTEE
;
_struct_ref.pdbx_align_begin           44 
# 
_struct_ref_seq.align_id                      1 
_struct_ref_seq.ref_id                        1 
_struct_ref_seq.pdbx_PDB_id_code              7JKX 
_struct_ref_seq.pdbx_strand_id                A 
_struct_ref_seq.seq_align_beg                 3 
_struct_ref_seq.pdbx_seq_align_beg_ins_code   ? 
_struct_ref_seq.seq_align_end                 127 
_struct_ref_seq.pdbx_seq_align_end_ins_code   ? 
_struct_ref_seq.pdbx_db_accession             O60885 
_struct_ref_seq.db_align_beg                  44 
_struct_ref_seq.pdbx_db_align_beg_ins_code    ? 
_struct_ref_seq.db_align_end                  168 
_struct_ref_seq.pdbx_db_align_end_ins_code    ? 
_struct_ref_seq.pdbx_auth_seq_align_beg       44 
_struct_ref_seq.pdbx_auth_seq_align_end       168 
# 
loop_
_struct_ref_seq_dif.align_id 
_struct_ref_seq_dif.pdbx_pdb_id_code 
_struct_ref_seq_dif.mon_id 
_struct_ref_seq_dif.pdbx_pdb_strand_id 
_struct_ref_seq_dif.seq_num 
_struct_ref_seq_dif.pdbx_pdb_ins_code 
_struct_ref_seq_dif.pdbx_seq_db_name 
_struct_ref_seq_dif.pdbx_seq_db_accession_code 
_struct_ref_seq_dif.db_mon_id 
_struct_ref_seq_dif.pdbx_seq_db_seq_num 
_struct_ref_seq_dif.details 
_struct_ref_seq_dif.pdbx_auth_seq_num 
_struct_ref_seq_dif.pdbx_ordinal 
1 7JKX LEU A 1 ? UNP O60885 ? ? 'expression tag' 42 1 
1 7JKX GLU A 2 ? UNP O60885 ? ? 'expression tag' 43 2 
# 
loop_
_chem_comp.id 
_chem_comp.type 
_chem_comp.mon_nstd_flag 
_chem_comp.name 
_chem_comp.pdbx_synonyms 
_chem_comp.formula 
_chem_comp.formula_weight 
ALA 'L-peptide linking' y ALANINE ? 'C3 H7 N O2'      89.093  
ARG 'L-peptide linking' y ARGININE ? 'C6 H15 N4 O2 1'  175.209 
ASN 'L-peptide linking' y ASPARAGINE ? 'C4 H8 N2 O3'     132.118 
ASP 'L-peptide linking' y 'ASPARTIC ACID' ? 'C4 H7 N O4'      133.103 
CYS 'L-peptide linking' y CYSTEINE ? 'C3 H7 N O2 S'    121.158 
GLN 'L-peptide linking' y GLUTAMINE ? 'C5 H10 N2 O3'    146.144 
GLU 'L-peptide linking' y 'GLUTAMIC ACID' ? 'C5 H9 N O4'      147.129 
GLY 'peptide linking'   y GLYCINE ? 'C2 H5 N O2'      75.067  
HIS 'L-peptide linking' y HISTIDINE ? 'C6 H10 N3 O2 1'  156.162 
HOH non-polymer         . WATER ? 'H2 O'            18.015  
ILE 'L-peptide linking' y ISOLEUCINE ? 'C6 H13 N O2'     131.173 
LEU 'L-peptide linking' y LEUCINE ? 'C6 H13 N O2'     131.173 
LYS 'L-peptide linking' y LYSINE ? 'C6 H15 N2 O2 1'  147.195 
MET 'L-peptide linking' y METHIONINE ? 'C5 H11 N O2 S'   149.211 
PHE 'L-peptide linking' y PHENYLALANINE ? 'C9 H11 N O2'     165.189 
PRO 'L-peptide linking' y PROLINE ? 'C5 H9 N O2'      115.130 
SER 'L-peptide linking' y SERINE ? 'C3 H7 N O3'      105.093 
THR 'L-peptide linking' y THREONINE ? 'C4 H9 N O3'      119.119 
TRP 'L-peptide linking' y TRYPTOPHAN ? 'C11 H12 N2 O2'   204.225 
TYR 'L-peptide linking' y TYROSINE ? 'C9 H11 N O3'     181.189 
VAL 'L-peptide linking' y VALINE ? 'C5 H11 N O2'     117.146 
Y36 non-polymer         . 
'N-{1-[1,1-di(pyridin-2-yl)ethyl]-6-[1-methyl-5-(methylamino)-6-oxo-1,6-dihydropyridin-3-yl]-1H-indol-4-yl}ethanesulfonamide' ? 
'C29 H30 N6 O3 S' 542.652 
# 
_exptl.absorpt_coefficient_mu     ? 
_exptl.absorpt_correction_T_max   ? 
_exptl.absorpt_correction_T_min   ? 
_exptl.absorpt_correction_type    ? 
_exptl.absorpt_process_details    ? 
_exptl.entry_id                   7JKX 
_exptl.crystals_number            1 
_exptl.details                    ? 
_exptl.method                     'X-RAY DIFFRACTION' 
_exptl.method_details             ? 
# 
_exptl_crystal.colour                      ? 
_exptl_crystal.density_diffrn              ? 
_exptl_crystal.density_Matthews            2.26 
_exptl_crystal.density_method              ? 
_exptl_crystal.density_percent_sol         45.55 
_exptl_crystal.description                 ? 
_exptl_crystal.F_000                       ? 
_exptl_crystal.id                          1 
_exptl_crystal.preparation                 ? 
_exptl_crystal.size_max                    ? 
_exptl_crystal.size_mid                    ? 
_exptl_crystal.size_min                    ? 
_exptl_crystal.size_rad                    ? 
_exptl_crystal.colour_lustre               ? 
_exptl_crystal.colour_modifier             ? 
_exptl_crystal.colour_primary              ? 
_exptl_crystal.density_meas                ? 
_exptl_crystal.density_meas_esd            ? 
_exptl_crystal.density_meas_gt             ? 
_exptl_crystal.density_meas_lt             ? 
_exptl_crystal.density_meas_temp           ? 
_exptl_crystal.density_meas_temp_esd       ? 
_exptl_crystal.density_meas_temp_gt        ? 
_exptl_crystal.density_meas_temp_lt        ? 
_exptl_crystal.pdbx_crystal_image_url      ? 
_exptl_crystal.pdbx_crystal_image_format   ? 
_exptl_crystal.pdbx_mosaicity              ? 
_exptl_crystal.pdbx_mosaicity_esd          ? 
# 
_exptl_crystal_grow.apparatus       ? 
_exptl_crystal_grow.atmosphere      ? 
_exptl_crystal_grow.crystal_id      1 
_exptl_crystal_grow.details         ? 
_exptl_crystal_grow.method          'VAPOR DIFFUSION, HANGING DROP' 
_exptl_crystal_grow.method_ref      ? 
_exptl_crystal_grow.pH              8.5 
_exptl_crystal_grow.pressure        ? 
_exptl_crystal_grow.pressure_esd    ? 
_exptl_crystal_grow.seeding         ? 
_exptl_crystal_grow.seeding_ref     ? 
_exptl_crystal_grow.temp            277 
_exptl_crystal_grow.temp_details    ? 
_exptl_crystal_grow.temp_esd        ? 
_exptl_crystal_grow.time            ? 
_exptl_crystal_grow.pdbx_details    '0.2M LiSO4, 0.1M Tris-HCl pH 8.5, 16-20% PEG 4000' 
_exptl_crystal_grow.pdbx_pH_range   ? 
# 
_diffrn.ambient_environment              ? 
_diffrn.ambient_temp                     100 
_diffrn.ambient_temp_details             ? 
_diffrn.ambient_temp_esd                 ? 
_diffrn.crystal_id                       1 
_diffrn.crystal_support                  ? 
_diffrn.crystal_treatment                ? 
_diffrn.details                          ? 
_diffrn.id                               1 
_diffrn.ambient_pressure                 ? 
_diffrn.ambient_pressure_esd             ? 
_diffrn.ambient_pressure_gt              ? 
_diffrn.ambient_pressure_lt              ? 
_diffrn.ambient_temp_gt                  ? 
_diffrn.ambient_temp_lt                  ? 
_diffrn.pdbx_serial_crystal_experiment   N 
# 
_diffrn_detector.details                      ? 
_diffrn_detector.detector                     CCD 
_diffrn_detector.diffrn_id                    1 
_diffrn_detector.type                         'RAYONIX MX-300' 
_diffrn_detector.area_resol_mean              ? 
_diffrn_detector.dtime                        ? 
_diffrn_detector.pdbx_frames_total            ? 
_diffrn_detector.pdbx_collection_time_total   ? 
_diffrn_detector.pdbx_collection_date         2019-06-22 
_diffrn_detector.pdbx_frequency               ? 
# 
_diffrn_radiation.collimation                      ? 
_diffrn_radiation.diffrn_id                        1 
_diffrn_radiation.filter_edge                      ? 
_diffrn_radiation.inhomogeneity                    ? 
_diffrn_radiation.monochromator                    ? 
_diffrn_radiation.polarisn_norm                    ? 
_diffrn_radiation.polarisn_ratio                   ? 
_diffrn_radiation.probe                            ? 
_diffrn_radiation.type                             ? 
_diffrn_radiation.xray_symbol                      ? 
_diffrn_radiation.wavelength_id                    1 
_diffrn_radiation.pdbx_monochromatic_or_laue_m_l   M 
_diffrn_radiation.pdbx_wavelength_list             ? 
_diffrn_radiation.pdbx_wavelength                  ? 
_diffrn_radiation.pdbx_diffrn_protocol             'SINGLE WAVELENGTH' 
_diffrn_radiation.pdbx_analyzer                    ? 
_diffrn_radiation.pdbx_scattering_type             x-ray 
# 
_diffrn_radiation_wavelength.id           1 
_diffrn_radiation_wavelength.wavelength   0.9787 
_diffrn_radiation_wavelength.wt           1.0 
# 
_diffrn_source.current                     ? 
_diffrn_source.details                     ? 
_diffrn_source.diffrn_id                   1 
_diffrn_source.power                       ? 
_diffrn_source.size                        ? 
_diffrn_source.source                      SYNCHROTRON 
_diffrn_source.target                      ? 
_diffrn_source.type                        'APS BEAMLINE 21-ID-F' 
_diffrn_source.voltage                     ? 
_diffrn_source.take-off_angle              ? 
_diffrn_source.pdbx_wavelength_list        0.9787 
_diffrn_source.pdbx_wavelength             ? 
_diffrn_source.pdbx_synchrotron_beamline   21-ID-F 
_diffrn_source.pdbx_synchrotron_site       APS 
# 
_reflns.B_iso_Wilson_estimate            ? 
_reflns.entry_id                         7JKX 
_reflns.data_reduction_details           ? 
_reflns.data_reduction_method            ? 
_reflns.d_resolution_high                1.200 
_reflns.d_resolution_low                 19.530 
_reflns.details                          ? 
_reflns.limit_h_max                      ? 
_reflns.limit_h_min                      ? 
_reflns.limit_k_max                      ? 
_reflns.limit_k_min                      ? 
_reflns.limit_l_max                      ? 
_reflns.limit_l_min                      ? 
_reflns.number_all                       ? 
_reflns.number_obs                       43497 
_reflns.observed_criterion               ? 
_reflns.observed_criterion_F_max         ? 
_reflns.observed_criterion_F_min         ? 
_reflns.observed_criterion_I_max         ? 
_reflns.observed_criterion_I_min         ? 
_reflns.observed_criterion_sigma_F       ? 
_reflns.observed_criterion_sigma_I       ? 
_reflns.percent_possible_obs             99.600 
_reflns.R_free_details                   ? 
_reflns.Rmerge_F_all                     ? 
_reflns.Rmerge_F_obs                     ? 
_reflns.Friedel_coverage                 ? 
_reflns.number_gt                        ? 
_reflns.threshold_expression             ? 
_reflns.pdbx_redundancy                  7.000 
_reflns.pdbx_Rmerge_I_obs                0.036 
_reflns.pdbx_Rmerge_I_all                ? 
_reflns.pdbx_Rsym_value                  ? 
_reflns.pdbx_netI_over_av_sigmaI         28.5 
_reflns.pdbx_netI_over_sigmaI            28.500 
_reflns.pdbx_res_netI_over_av_sigmaI_2   ? 
_reflns.pdbx_res_netI_over_sigmaI_2      ? 
_reflns.pdbx_chi_squared                 ? 
_reflns.pdbx_scaling_rejects             ? 
_reflns.pdbx_d_res_high_opt              ? 
_reflns.pdbx_d_res_low_opt               ? 
_reflns.pdbx_d_res_opt_method            ? 
_reflns.phase_calculation_details        ? 
_reflns.pdbx_Rrim_I_all                  0.039 
_reflns.pdbx_Rpim_I_all                  0.016 
_reflns.pdbx_d_opt                       ? 
_reflns.pdbx_number_measured_all         ? 
_reflns.pdbx_diffrn_id                   1 
_reflns.pdbx_ordinal                     1 
_reflns.pdbx_CC_half                     0.999 
_reflns.pdbx_CC_star                     ? 
_reflns.pdbx_R_split                     ? 
# 
_reflns_shell.d_res_high                  1.200 
_reflns_shell.d_res_low                   1.220 
_reflns_shell.meanI_over_sigI_all         ? 
_reflns_shell.meanI_over_sigI_obs         7.4 
_reflns_shell.number_measured_all         ? 
_reflns_shell.number_measured_obs         ? 
_reflns_shell.number_possible             ? 
_reflns_shell.number_unique_all           ? 
_reflns_shell.number_unique_obs           2082 
_reflns_shell.percent_possible_all        97.200 
_reflns_shell.percent_possible_obs        ? 
_reflns_shell.Rmerge_F_all                ? 
_reflns_shell.Rmerge_F_obs                ? 
_reflns_shell.Rmerge_I_all                ? 
_reflns_shell.Rmerge_I_obs                0.193 
_reflns_shell.meanI_over_sigI_gt          ? 
_reflns_shell.meanI_over_uI_all           ? 
_reflns_shell.meanI_over_uI_gt            ? 
_reflns_shell.number_measured_gt          ? 
_reflns_shell.number_unique_gt            ? 
_reflns_shell.percent_possible_gt         ? 
_reflns_shell.Rmerge_F_gt                 ? 
_reflns_shell.Rmerge_I_gt                 ? 
_reflns_shell.pdbx_redundancy             6.300 
_reflns_shell.pdbx_Rsym_value             ? 
_reflns_shell.pdbx_chi_squared            ? 
_reflns_shell.pdbx_netI_over_sigmaI_all   ? 
_reflns_shell.pdbx_netI_over_sigmaI_obs   ? 
_reflns_shell.pdbx_Rrim_I_all             0.210 
_reflns_shell.pdbx_Rpim_I_all             0.082 
_reflns_shell.pdbx_rejects                ? 
_reflns_shell.pdbx_ordinal                1 
_reflns_shell.pdbx_diffrn_id              1 
_reflns_shell.pdbx_CC_half                0.987 
_reflns_shell.pdbx_CC_star                ? 
_reflns_shell.pdbx_R_split                ? 
# 
_refine.aniso_B[1][1]                            1.0200 
_refine.aniso_B[1][2]                            0.0000 
_refine.aniso_B[1][3]                            0.0000 
_refine.aniso_B[2][2]                            -0.7800 
_refine.aniso_B[2][3]                            0.0000 
_refine.aniso_B[3][3]                            -0.2400 
_refine.B_iso_max                                52.290 
_refine.B_iso_mean                               14.3360 
_refine.B_iso_min                                7.770 
_refine.correlation_coeff_Fo_to_Fc               0.9660 
_refine.correlation_coeff_Fo_to_Fc_free          0.9580 
_refine.details                                  
'HYDROGENS HAVE BEEN ADDED IN THE RIDING POSITIONS U VALUES      : REFINED INDIVIDUALLY' 
_refine.diff_density_max                         ? 
_refine.diff_density_max_esd                     ? 
_refine.diff_density_min                         ? 
_refine.diff_density_min_esd                     ? 
_refine.diff_density_rms                         ? 
_refine.diff_density_rms_esd                     ? 
_refine.entry_id                                 7JKX 
_refine.pdbx_refine_id                           'X-RAY DIFFRACTION' 
_refine.ls_abs_structure_details                 ? 
_refine.ls_abs_structure_Flack                   ? 
_refine.ls_abs_structure_Flack_esd               ? 
_refine.ls_abs_structure_Rogers                  ? 
_refine.ls_abs_structure_Rogers_esd              ? 
_refine.ls_d_res_high                            1.2000 
_refine.ls_d_res_low                             19.5300 
_refine.ls_extinction_coef                       ? 
_refine.ls_extinction_coef_esd                   ? 
_refine.ls_extinction_expression                 ? 
_refine.ls_extinction_method                     ? 
_refine.ls_goodness_of_fit_all                   ? 
_refine.ls_goodness_of_fit_all_esd               ? 
_refine.ls_goodness_of_fit_obs                   ? 
_refine.ls_goodness_of_fit_obs_esd               ? 
_refine.ls_hydrogen_treatment                    ? 
_refine.ls_matrix_type                           ? 
_refine.ls_number_constraints                    ? 
_refine.ls_number_parameters                     ? 
_refine.ls_number_reflns_all                     ? 
_refine.ls_number_reflns_obs                     41351 
_refine.ls_number_reflns_R_free                  2083 
_refine.ls_number_reflns_R_work                  ? 
_refine.ls_number_restraints                     ? 
_refine.ls_percent_reflns_obs                    99.5000 
_refine.ls_percent_reflns_R_free                 4.8000 
_refine.ls_R_factor_all                          ? 
_refine.ls_R_factor_obs                          0.1844 
_refine.ls_R_factor_R_free                       0.2095 
_refine.ls_R_factor_R_free_error                 ? 
_refine.ls_R_factor_R_free_error_details         ? 
_refine.ls_R_factor_R_work                       0.1831 
_refine.ls_R_Fsqd_factor_obs                     ? 
_refine.ls_R_I_factor_obs                        ? 
_refine.ls_redundancy_reflns_all                 ? 
_refine.ls_redundancy_reflns_obs                 ? 
_refine.ls_restrained_S_all                      ? 
_refine.ls_restrained_S_obs                      ? 
_refine.ls_shift_over_esd_max                    ? 
_refine.ls_shift_over_esd_mean                   ? 
_refine.ls_structure_factor_coef                 ? 
_refine.ls_weighting_details                     ? 
_refine.ls_weighting_scheme                      ? 
_refine.ls_wR_factor_all                         ? 
_refine.ls_wR_factor_obs                         ? 
_refine.ls_wR_factor_R_free                      ? 
_refine.ls_wR_factor_R_work                      ? 
_refine.occupancy_max                            ? 
_refine.occupancy_min                            ? 
_refine.solvent_model_details                    MASK 
_refine.solvent_model_param_bsol                 ? 
_refine.solvent_model_param_ksol                 ? 
_refine.pdbx_R_complete                          ? 
_refine.ls_R_factor_gt                           ? 
_refine.ls_goodness_of_fit_gt                    ? 
_refine.ls_goodness_of_fit_ref                   ? 
_refine.ls_shift_over_su_max                     ? 
_refine.ls_shift_over_su_max_lt                  ? 
_refine.ls_shift_over_su_mean                    ? 
_refine.ls_shift_over_su_mean_lt                 ? 
_refine.pdbx_ls_sigma_I                          ? 
_refine.pdbx_ls_sigma_F                          ? 
_refine.pdbx_ls_sigma_Fsqd                       ? 
_refine.pdbx_data_cutoff_high_absF               ? 
_refine.pdbx_data_cutoff_high_rms_absF           ? 
_refine.pdbx_data_cutoff_low_absF                ? 
_refine.pdbx_isotropic_thermal_model             ? 
_refine.pdbx_ls_cross_valid_method               THROUGHOUT 
_refine.pdbx_method_to_determine_struct          'MOLECULAR REPLACEMENT' 
_refine.pdbx_starting_model                      3MXF 
_refine.pdbx_stereochemistry_target_values       'MAXIMUM LIKELIHOOD' 
_refine.pdbx_R_Free_selection_details            RANDOM 
_refine.pdbx_stereochem_target_val_spec_case     ? 
_refine.pdbx_overall_ESU_R                       0.0430 
_refine.pdbx_overall_ESU_R_Free                  0.0460 
_refine.pdbx_solvent_vdw_probe_radii             1.2000 
_refine.pdbx_solvent_ion_probe_radii             0.8000 
_refine.pdbx_solvent_shrinkage_radii             0.8000 
_refine.pdbx_real_space_R                        ? 
_refine.pdbx_density_correlation                 ? 
_refine.pdbx_pd_number_of_powder_patterns        ? 
_refine.pdbx_pd_number_of_points                 ? 
_refine.pdbx_pd_meas_number_of_points            ? 
_refine.pdbx_pd_proc_ls_prof_R_factor            ? 
_refine.pdbx_pd_proc_ls_prof_wR_factor           ? 
_refine.pdbx_pd_Marquardt_correlation_coeff      ? 
_refine.pdbx_pd_Fsqrd_R_factor                   ? 
_refine.pdbx_pd_ls_matrix_band_width             ? 
_refine.pdbx_overall_phase_error                 ? 
_refine.pdbx_overall_SU_R_free_Cruickshank_DPI   ? 
_refine.pdbx_overall_SU_R_free_Blow_DPI          ? 
_refine.pdbx_overall_SU_R_Blow_DPI               ? 
_refine.pdbx_TLS_residual_ADP_flag               ? 
_refine.pdbx_diffrn_id                           1 
_refine.overall_SU_B                             0.6170 
_refine.overall_SU_ML                            0.0290 
_refine.overall_SU_R_Cruickshank_DPI             ? 
_refine.overall_SU_R_free                        ? 
_refine.overall_FOM_free_R_set                   ? 
_refine.overall_FOM_work_R_set                   ? 
_refine.pdbx_average_fsc_overall                 ? 
_refine.pdbx_average_fsc_work                    ? 
_refine.pdbx_average_fsc_free                    ? 
# 
_refine_hist.pdbx_refine_id                   'X-RAY DIFFRACTION' 
_refine_hist.cycle_id                         final 
_refine_hist.details                          ? 
_refine_hist.d_res_high                       1.2000 
_refine_hist.d_res_low                        19.5300 
_refine_hist.number_atoms_solvent             223 
_refine_hist.number_atoms_total               1327 
_refine_hist.number_reflns_all                ? 
_refine_hist.number_reflns_obs                ? 
_refine_hist.number_reflns_R_free             ? 
_refine_hist.number_reflns_R_work             ? 
_refine_hist.R_factor_all                     ? 
_refine_hist.R_factor_obs                     ? 
_refine_hist.R_factor_R_free                  ? 
_refine_hist.R_factor_R_work                  ? 
_refine_hist.pdbx_number_residues_total       127 
_refine_hist.pdbx_B_iso_mean_ligand           12.27 
_refine_hist.pdbx_B_iso_mean_solvent          24.33 
_refine_hist.pdbx_number_atoms_protein        1065 
_refine_hist.pdbx_number_atoms_nucleic_acid   0 
_refine_hist.pdbx_number_atoms_ligand         39 
_refine_hist.pdbx_number_atoms_lipid          ? 
_refine_hist.pdbx_number_atoms_carb           ? 
_refine_hist.pdbx_pseudo_atom_details         ? 
# 
loop_
_refine_ls_restr.pdbx_refine_id 
_refine_ls_restr.criterion 
_refine_ls_restr.dev_ideal 
_refine_ls_restr.dev_ideal_target 
_refine_ls_restr.number 
_refine_ls_restr.rejects 
_refine_ls_restr.type 
_refine_ls_restr.weight 
_refine_ls_restr.pdbx_restraint_function 
'X-RAY DIFFRACTION' ? 0.015  0.013  1152 ? r_bond_refined_d       ? ? 
'X-RAY DIFFRACTION' ? 0.001  0.017  1047 ? r_bond_other_d         ? ? 
'X-RAY DIFFRACTION' ? 1.903  1.668  1578 ? r_angle_refined_deg    ? ? 
'X-RAY DIFFRACTION' ? 1.532  1.573  2452 ? r_angle_other_deg      ? ? 
'X-RAY DIFFRACTION' ? 6.080  5.000  130  ? r_dihedral_angle_1_deg ? ? 
'X-RAY DIFFRACTION' ? 35.227 25.172 58   ? r_dihedral_angle_2_deg ? ? 
'X-RAY DIFFRACTION' ? 10.836 15.000 200  ? r_dihedral_angle_3_deg ? ? 
'X-RAY DIFFRACTION' ? 13.105 15.000 3    ? r_dihedral_angle_4_deg ? ? 
'X-RAY DIFFRACTION' ? 0.107  0.200  146  ? r_chiral_restr         ? ? 
'X-RAY DIFFRACTION' ? 0.012  0.020  1251 ? r_gen_planes_refined   ? ? 
'X-RAY DIFFRACTION' ? 0.001  0.020  220  ? r_gen_planes_other     ? ? 
# 
_refine_ls_shell.pdbx_refine_id                   'X-RAY DIFFRACTION' 
_refine_ls_shell.d_res_high                       1.2000 
_refine_ls_shell.d_res_low                        1.2310 
_refine_ls_shell.number_reflns_all                3121 
_refine_ls_shell.number_reflns_obs                ? 
_refine_ls_shell.number_reflns_R_free             135 
_refine_ls_shell.number_reflns_R_work             2986 
_refine_ls_shell.percent_reflns_obs               98.0800 
_refine_ls_shell.percent_reflns_R_free            ? 
_refine_ls_shell.R_factor_all                     ? 
_refine_ls_shell.R_factor_obs                     ? 
_refine_ls_shell.R_factor_R_free                  0.2570 
_refine_ls_shell.R_factor_R_free_error            0.0000 
_refine_ls_shell.R_factor_R_work                  0.2330 
_refine_ls_shell.redundancy_reflns_all            ? 
_refine_ls_shell.redundancy_reflns_obs            ? 
_refine_ls_shell.wR_factor_all                    ? 
_refine_ls_shell.wR_factor_obs                    ? 
_refine_ls_shell.wR_factor_R_free                 ? 
_refine_ls_shell.wR_factor_R_work                 ? 
_refine_ls_shell.pdbx_R_complete                  ? 
_refine_ls_shell.pdbx_total_number_of_bins_used   20 
_refine_ls_shell.pdbx_phase_error                 ? 
_refine_ls_shell.pdbx_fsc_work                    ? 
_refine_ls_shell.pdbx_fsc_free                    ? 
# 
_struct.entry_id                     7JKX 
_struct.title                        'Bromodomain-containing protein 4 (BRD4) bromodomain 1 (BD1) complexed with YF3-6' 
_struct.pdbx_model_details           ? 
_struct.pdbx_formula_weight          ? 
_struct.pdbx_formula_weight_method   ? 
_struct.pdbx_model_type_details      ? 
_struct.pdbx_CASP_flag               N 
# 
_struct_keywords.entry_id        7JKX 
_struct_keywords.text            
'Pan BDs Inhibitor, TRANSCRIPTION, Structural Genomics, Seattle Structural Genomics Center for Infectious Disease, SSGCID' 
_struct_keywords.pdbx_keywords   TRANSCRIPTION 
# 
loop_
_struct_asym.id 
_struct_asym.pdbx_blank_PDB_chainid_flag 
_struct_asym.pdbx_modified 
_struct_asym.entity_id 
_struct_asym.details 
A N N 1 ? 
B N N 2 ? 
C N N 3 ? 
# 
loop_
_struct_conf.conf_type_id 
_struct_conf.id 
_struct_conf.pdbx_PDB_helix_id 
_struct_conf.beg_label_comp_id 
_struct_conf.beg_label_asym_id 
_struct_conf.beg_label_seq_id 
_struct_conf.pdbx_beg_PDB_ins_code 
_struct_conf.end_label_comp_id 
_struct_conf.end_label_asym_id 
_struct_conf.end_label_seq_id 
_struct_conf.pdbx_end_PDB_ins_code 
_struct_conf.beg_auth_comp_id 
_struct_conf.beg_auth_asym_id 
_struct_conf.beg_auth_seq_id 
_struct_conf.end_auth_comp_id 
_struct_conf.end_auth_asym_id 
_struct_conf.end_auth_seq_id 
_struct_conf.pdbx_PDB_helix_class 
_struct_conf.details 
_struct_conf.pdbx_PDB_helix_length 
HELX_P HELX_P1 AA1 THR A 19  ? VAL A 28  ? THR A 60  VAL A 69  1 ? 10 
HELX_P HELX_P2 AA2 VAL A 28  ? LYS A 35  ? VAL A 69  LYS A 76  1 ? 8  
HELX_P HELX_P3 AA3 ALA A 39  ? GLN A 43  ? ALA A 80  GLN A 84  5 ? 5  
HELX_P HELX_P4 AA4 ASP A 47  ? ASN A 52  ? ASP A 88  ASN A 93  1 ? 6  
HELX_P HELX_P5 AA5 ASP A 55  ? ILE A 60  ? ASP A 96  ILE A 101 1 ? 6  
HELX_P HELX_P6 AA6 ASP A 65  ? ASN A 75  ? ASP A 106 ASN A 116 1 ? 11 
HELX_P HELX_P7 AA7 ASN A 80  ? ASN A 99  ? ASN A 121 ASN A 140 1 ? 20 
HELX_P HELX_P8 AA8 ASP A 103 ? GLU A 122 ? ASP A 144 GLU A 163 1 ? 20 
# 
_struct_conf_type.id          HELX_P 
_struct_conf_type.criteria    ? 
_struct_conf_type.reference   ? 
# 
_struct_site.id                   AC1 
_struct_site.pdbx_evidence_code   Software 
_struct_site.pdbx_auth_asym_id    A 
_struct_site.pdbx_auth_comp_id    Y36 
_struct_site.pdbx_auth_seq_id     201 
_struct_site.pdbx_auth_ins_code   ? 
_struct_site.pdbx_num_residues    18 
_struct_site.details              'binding site for residue Y36 A 201' 
# 
loop_
_struct_site_gen.id 
_struct_site_gen.site_id 
_struct_site_gen.pdbx_num_res 
_struct_site_gen.label_comp_id 
_struct_site_gen.label_asym_id 
_struct_site_gen.label_seq_id 
_struct_site_gen.pdbx_auth_ins_code 
_struct_site_gen.auth_comp_id 
_struct_site_gen.auth_asym_id 
_struct_site_gen.auth_seq_id 
_struct_site_gen.label_atom_id 
_struct_site_gen.label_alt_id 
_struct_site_gen.symmetry 
_struct_site_gen.details 
1  AC1 18 PRO A 12  ? PRO A 53  . ? 2_554 ? 
2  AC1 18 TRP A 40  ? TRP A 81  . ? 1_555 ? 
3  AC1 18 PRO A 41  ? PRO A 82  . ? 1_555 ? 
4  AC1 18 PHE A 42  ? PHE A 83  . ? 1_555 ? 
5  AC1 18 GLN A 44  ? GLN A 85  . ? 1_555 ? 
6  AC1 18 PRO A 45  ? PRO A 86  . ? 1_555 ? 
7  AC1 18 VAL A 46  ? VAL A 87  . ? 1_555 ? 
8  AC1 18 ASP A 47  ? ASP A 88  . ? 1_555 ? 
9  AC1 18 LYS A 50  ? LYS A 91  . ? 1_555 ? 
10 AC1 18 LEU A 51  ? LEU A 92  . ? 1_555 ? 
11 AC1 18 LEU A 53  ? LEU A 94  . ? 1_555 ? 
12 AC1 18 TYR A 98  ? TYR A 139 . ? 1_555 ? 
13 AC1 18 ASN A 99  ? ASN A 140 . ? 1_555 ? 
14 AC1 18 ASP A 104 ? ASP A 145 . ? 1_555 ? 
15 AC1 18 MET A 108 ? MET A 149 . ? 1_555 ? 
16 AC1 18 HOH C .   ? HOH A 309 . ? 1_555 ? 
17 AC1 18 HOH C .   ? HOH A 336 . ? 4_445 ? 
18 AC1 18 HOH C .   ? HOH A 517 . ? 1_555 ? 
# 
_atom_sites.entry_id                    7JKX 
_atom_sites.Cartn_transf_matrix[1][1]   ? 
_atom_sites.Cartn_transf_matrix[1][2]   ? 
_atom_sites.Cartn_transf_matrix[1][3]   ? 
_atom_sites.Cartn_transf_matrix[2][1]   ? 
_atom_sites.Cartn_transf_matrix[2][2]   ? 
_atom_sites.Cartn_transf_matrix[2][3]   ? 
_atom_sites.Cartn_transf_matrix[3][1]   ? 
_atom_sites.Cartn_transf_matrix[3][2]   ? 
_atom_sites.Cartn_transf_matrix[3][3]   ? 
_atom_sites.Cartn_transf_vector[1]      ? 
_atom_sites.Cartn_transf_vector[2]      ? 
_atom_sites.Cartn_transf_vector[3]      ? 
_atom_sites.fract_transf_matrix[1][1]   -0.00647552 
_atom_sites.fract_transf_matrix[1][2]   -0.00124605 
_atom_sites.fract_transf_matrix[1][3]   0.02474542 
_atom_sites.fract_transf_matrix[2][1]   0.02089975 
_atom_sites.fract_transf_matrix[2][2]   0.00639681 
_atom_sites.fract_transf_matrix[2][3]   0.00579127 
_atom_sites.fract_transf_matrix[3][1]   -0.00361259 
_atom_sites.fract_transf_matrix[3][2]   0.01210706 
_atom_sites.fract_transf_matrix[3][3]   -0.00033572 
_atom_sites.fract_transf_vector[1]      0.344147 
_atom_sites.fract_transf_vector[2]      0.081017 
_atom_sites.fract_transf_vector[3]      0.110971 
_atom_sites.solution_primary            ? 
_atom_sites.solution_secondary          ? 
_atom_sites.solution_hydrogens          ? 
_atom_sites.special_details             ? 
# 
loop_
_atom_type.symbol 
C 
N 
O 
S 
# 
loop_
_atom_site.group_PDB 
_atom_site.id 
_atom_site.type_symbol 
_atom_site.label_atom_id 
_atom_site.label_alt_id 
_atom_site.label_comp_id 
_atom_site.label_asym_id 
_atom_site.label_entity_id 
_atom_site.label_seq_id 
_atom_site.pdbx_PDB_ins_code 
_atom_site.Cartn_x 
_atom_site.Cartn_y 
_atom_site.Cartn_z 
_atom_site.occupancy 
_atom_site.B_iso_or_equiv 
_atom_site.pdbx_formal_charge 
_atom_site.auth_seq_id 
_atom_site.auth_comp_id 
_atom_site.auth_asym_id 
_atom_site.auth_atom_id 
_atom_site.pdbx_PDB_model_num 
ATOM   1    N N   . LEU A 1 1   ? -23.526 -8.784  -3.009  1.00 18.05 ? 42  LEU A N   1 
ATOM   2    C CA  . LEU A 1 1   ? -22.376 -8.252  -2.233  1.00 16.35 ? 42  LEU A CA  1 
ATOM   3    C C   . LEU A 1 1   ? -21.824 -6.982  -2.864  1.00 15.25 ? 42  LEU A C   1 
ATOM   4    O O   . LEU A 1 1   ? -21.739 -6.942  -4.075  1.00 14.47 ? 42  LEU A O   1 
ATOM   5    C CB  . LEU A 1 1   ? -21.312 -9.340  -2.206  1.00 17.63 ? 42  LEU A CB  1 
ATOM   6    C CG  . LEU A 1 1   ? -20.079 -9.065  -1.345  1.00 19.87 ? 42  LEU A CG  1 
ATOM   7    C CD1 . LEU A 1 1   ? -20.458 -8.731  0.092   1.00 22.71 ? 42  LEU A CD1 1 
ATOM   8    C CD2 . LEU A 1 1   ? -19.104 -10.239 -1.399  1.00 22.28 ? 42  LEU A CD2 1 
ATOM   9    N N   . GLU A 1 2   ? -21.457 -6.004  -2.034  1.00 14.29 ? 43  GLU A N   1 
ATOM   10   C CA  . GLU A 1 2   ? -20.857 -4.720  -2.484  1.00 14.01 ? 43  GLU A CA  1 
ATOM   11   C C   . GLU A 1 2   ? -19.394 -4.638  -2.043  1.00 11.95 ? 43  GLU A C   1 
ATOM   12   O O   . GLU A 1 2   ? -19.113 -5.082  -0.938  1.00 13.44 ? 43  GLU A O   1 
ATOM   13   C CB  . GLU A 1 2   ? -21.580 -3.511  -1.863  1.00 15.30 ? 43  GLU A CB  1 
ATOM   14   C CG  . GLU A 1 2   ? -23.083 -3.388  -2.123  1.00 17.91 ? 43  GLU A CG  1 
ATOM   15   C CD  . GLU A 1 2   ? -23.735 -2.223  -1.372  1.00 19.74 ? 43  GLU A CD  1 
ATOM   16   O OE1 . GLU A 1 2   ? -23.014 -1.524  -0.617  1.00 19.48 ? 43  GLU A OE1 1 
ATOM   17   O OE2 . GLU A 1 2   ? -24.973 -2.029  -1.496  1.00 22.26 ? 43  GLU A OE2 1 
ATOM   18   N N   . ASN A 1 3   ? -18.557 -3.976  -2.818  1.00 11.76 ? 44  ASN A N   1 
ATOM   19   C CA  . ASN A 1 3   ? -17.287 -3.418  -2.310  1.00 10.95 ? 44  ASN A CA  1 
ATOM   20   C C   . ASN A 1 3   ? -17.554 -2.042  -1.743  1.00 10.14 ? 44  ASN A C   1 
ATOM   21   O O   . ASN A 1 3   ? -18.426 -1.323  -2.275  1.00 12.37 ? 44  ASN A O   1 
ATOM   22   C CB  . ASN A 1 3   ? -16.264 -3.283  -3.421  1.00 11.97 ? 44  ASN A CB  1 
ATOM   23   C CG  . ASN A 1 3   ? -15.812 -4.628  -3.908  1.00 12.44 ? 44  ASN A CG  1 
ATOM   24   O OD1 . ASN A 1 3   ? -15.459 -5.511  -3.126  1.00 12.31 ? 44  ASN A OD1 1 
ATOM   25   N ND2 . ASN A 1 3   ? -15.788 -4.799  -5.206  1.00 14.16 ? 44  ASN A ND2 1 
ATOM   26   N N   . PRO A 1 4   ? -16.840 -1.587  -0.707  1.00 9.53  ? 45  PRO A N   1 
ATOM   27   C CA  . PRO A 1 4   ? -16.910 -0.194  -0.286  1.00 9.27  ? 45  PRO A CA  1 
ATOM   28   C C   . PRO A 1 4   ? -16.215 0.653   -1.331  1.00 9.67  ? 45  PRO A C   1 
ATOM   29   O O   . PRO A 1 4   ? -15.438 0.163   -2.162  1.00 9.58  ? 45  PRO A O   1 
ATOM   30   C CB  . PRO A 1 4   ? -16.113 -0.177  1.010   1.00 10.76 ? 45  PRO A CB  1 
ATOM   31   C CG  . PRO A 1 4   ? -15.111 -1.262  0.819   1.00 11.10 ? 45  PRO A CG  1 
ATOM   32   C CD  . PRO A 1 4   ? -15.784 -2.334  -0.012  1.00 9.93  ? 45  PRO A CD  1 
ATOM   33   N N   . PRO A 1 5   ? -16.408 1.979   -1.278  1.00 9.54  ? 46  PRO A N   1 
ATOM   34   C CA  . PRO A 1 5   ? -15.588 2.892   -2.071  1.00 10.05 ? 46  PRO A CA  1 
ATOM   35   C C   . PRO A 1 5   ? -14.129 2.694   -1.700  1.00 9.74  ? 46  PRO A C   1 
ATOM   36   O O   . PRO A 1 5   ? -13.814 2.299   -0.585  1.00 9.55  ? 46  PRO A O   1 
ATOM   37   C CB  . PRO A 1 5   ? -16.087 4.272   -1.667  1.00 10.71 ? 46  PRO A CB  1 
ATOM   38   C CG  . PRO A 1 5   ? -16.649 4.083   -0.312  1.00 11.34 ? 46  PRO A CG  1 
ATOM   39   C CD  . PRO A 1 5   ? -17.244 2.693   -0.306  1.00 10.59 ? 46  PRO A CD  1 
ATOM   40   N N   . PRO A 1 6   ? -13.207 3.040   -2.614  1.00 10.81 ? 47  PRO A N   1 
ATOM   41   C CA  . PRO A 1 6   ? -11.794 2.918   -2.312  1.00 11.16 ? 47  PRO A CA  1 
ATOM   42   C C   . PRO A 1 6   ? -11.374 3.954   -1.294  1.00 10.45 ? 47  PRO A C   1 
ATOM   43   O O   . PRO A 1 6   ? -12.112 4.954   -0.997  1.00 11.20 ? 47  PRO A O   1 
ATOM   44   C CB  . PRO A 1 6   ? -11.162 3.233   -3.706  1.00 13.90 ? 47  PRO A CB  1 
ATOM   45   C CG  . PRO A 1 6   ? -12.155 4.160   -4.385  1.00 15.00 ? 47  PRO A CG  1 
ATOM   46   C CD  . PRO A 1 6   ? -13.489 3.590   -3.958  1.00 13.07 ? 47  PRO A CD  1 
ATOM   47   N N   . PRO A 1 7   ? -10.151 3.832   -0.755  1.00 10.44 ? 48  PRO A N   1 
ATOM   48   C CA  . PRO A 1 7   ? -9.647  4.882   0.102   1.00 10.59 ? 48  PRO A CA  1 
ATOM   49   C C   . PRO A 1 7   ? -9.565  6.210   -0.675  1.00 11.60 ? 48  PRO A C   1 
ATOM   50   O O   . PRO A 1 7   ? -9.340  6.218   -1.827  1.00 11.81 ? 48  PRO A O   1 
ATOM   51   C CB  . PRO A 1 7   ? -8.275  4.383   0.551   1.00 10.78 ? 48  PRO A CB  1 
ATOM   52   C CG  . PRO A 1 7   ? -8.345  2.885   0.343   1.00 10.55 ? 48  PRO A CG  1 
ATOM   53   C CD  . PRO A 1 7   ? -9.199  2.708   -0.884  1.00 10.34 ? 48  PRO A CD  1 
ATOM   54   N N   . GLU A 1 8   ? -9.693  7.309   0.068   1.00 12.79 ? 49  GLU A N   1 
ATOM   55   C CA  . GLU A 1 8   ? -9.586  8.663   -0.509  1.00 13.76 ? 49  GLU A CA  1 
ATOM   56   C C   . GLU A 1 8   ? -8.208  8.841   -1.123  1.00 13.02 ? 49  GLU A C   1 
ATOM   57   O O   . GLU A 1 8   ? -7.212  8.501   -0.440  1.00 14.25 ? 49  GLU A O   1 
ATOM   58   C CB  . GLU A 1 8   ? -9.834  9.703   0.576   1.00 14.61 ? 49  GLU A CB  1 
ATOM   59   C CG  . GLU A 1 8   ? -9.867  11.164  0.113   1.00 15.26 ? 49  GLU A CG  1 
ATOM   60   C CD  . GLU A 1 8   ? -10.060 12.138  1.273   1.00 18.14 ? 49  GLU A CD  1 
ATOM   61   O OE1 . GLU A 1 8   ? -9.310  12.122  2.256   1.00 19.69 ? 49  GLU A OE1 1 
ATOM   62   O OE2 . GLU A 1 8   ? -11.056 12.917  1.248   1.00 25.22 ? 49  GLU A OE2 1 
ATOM   63   N N   . THR A 1 9   ? -8.139  9.389   -2.326  1.00 13.75 ? 50  THR A N   1 
ATOM   64   C CA  . THR A 1 9   ? -6.857  9.686   -2.993  1.00 14.66 ? 50  THR A CA  1 
ATOM   65   C C   . THR A 1 9   ? -6.763  11.161  -3.402  1.00 15.64 ? 50  THR A C   1 
ATOM   66   O O   . THR A 1 9   ? -5.629  11.543  -3.748  1.00 19.86 ? 50  THR A O   1 
ATOM   67   C CB  . THR A 1 9   ? -6.650  8.776   -4.185  1.00 15.34 ? 50  THR A CB  1 
ATOM   68   O OG1 . THR A 1 9   ? -7.812  8.930   -4.990  1.00 16.94 ? 50  THR A OG1 1 
ATOM   69   C CG2 . THR A 1 9   ? -6.434  7.324   -3.791  1.00 14.35 ? 50  THR A CG2 1 
ATOM   70   N N   . SER A 1 10  ? -7.867  11.902  -3.424  1.00 15.10 ? 51  SER A N   1 
ATOM   71   C CA  . SER A 1 10  ? -7.928  13.318  -3.904  1.00 15.83 ? 51  SER A CA  1 
ATOM   72   C C   . SER A 1 10  ? -8.657  14.131  -2.846  1.00 15.14 ? 51  SER A C   1 
ATOM   73   O O   . SER A 1 10  ? -9.714  13.725  -2.332  1.00 17.44 ? 51  SER A O   1 
ATOM   74   C CB  . SER A 1 10  ? -8.593  13.351  -5.232  1.00 18.19 ? 51  SER A CB  1 
ATOM   75   O OG  . SER A 1 10  ? -8.843  14.682  -5.716  1.00 20.74 ? 51  SER A OG  1 
ATOM   76   N N   . ASN A 1 11  ? -8.074  15.253  -2.438  1.00 14.12 ? 52  ASN A N   1 
ATOM   77   C CA  . ASN A 1 11  ? -8.732  16.240  -1.572  1.00 12.91 ? 52  ASN A CA  1 
ATOM   78   C C   . ASN A 1 11  ? -8.025  17.553  -1.815  1.00 12.56 ? 52  ASN A C   1 
ATOM   79   O O   . ASN A 1 11  ? -6.924  17.796  -1.306  1.00 12.83 ? 52  ASN A O   1 
ATOM   80   C CB  . ASN A 1 11  ? -8.624  15.886  -0.095  1.00 14.49 ? 52  ASN A CB  1 
ATOM   81   C CG  . ASN A 1 11  ? -9.209  17.003  0.758   1.00 15.20 ? 52  ASN A CG  1 
ATOM   82   O OD1 . ASN A 1 11  ? -9.727  18.003  0.217   1.00 16.30 ? 52  ASN A OD1 1 
ATOM   83   N ND2 . ASN A 1 11  ? -9.247  16.824  2.065   1.00 17.09 ? 52  ASN A ND2 1 
ATOM   84   N N   . PRO A 1 12  ? -8.600  18.424  -2.680  1.00 13.25 ? 53  PRO A N   1 
ATOM   85   C CA  . PRO A 1 12  ? -7.987  19.712  -2.985  1.00 13.48 ? 53  PRO A CA  1 
ATOM   86   C C   . PRO A 1 12  ? -7.679  20.595  -1.782  1.00 12.95 ? 53  PRO A C   1 
ATOM   87   O O   . PRO A 1 12  ? -6.832  21.479  -1.911  1.00 13.91 ? 53  PRO A O   1 
ATOM   88   C CB  . PRO A 1 12  ? -9.080  20.394  -3.794  1.00 15.75 ? 53  PRO A CB  1 
ATOM   89   C CG  . PRO A 1 12  ? -9.827  19.305  -4.436  1.00 14.90 ? 53  PRO A CG  1 
ATOM   90   C CD  . PRO A 1 12  ? -9.812  18.166  -3.472  1.00 13.34 ? 53  PRO A CD  1 
ATOM   91   N N   . ASN A 1 13  ? -8.412  20.436  -0.709  1.00 12.27 ? 54  ASN A N   1 
ATOM   92   C CA  . ASN A 1 13  ? -8.247  21.298  0.469   1.00 14.82 ? 54  ASN A CA  1 
ATOM   93   C C   . ASN A 1 13  ? -7.237  20.736  1.440   1.00 13.25 ? 54  ASN A C   1 
ATOM   94   O O   . ASN A 1 13  ? -7.023  21.388  2.453   1.00 13.52 ? 54  ASN A O   1 
ATOM   95   C CB  . ASN A 1 13  ? -9.543  21.472  1.254   1.00 17.18 ? 54  ASN A CB  1 
ATOM   96   C CG  . ASN A 1 13  ? -10.225 22.784  0.960   1.00 16.93 ? 54  ASN A CG  1 
ATOM   97   O OD1 . ASN A 1 13  ? -9.544  23.722  0.484   1.00 18.27 ? 54  ASN A OD1 1 
ATOM   98   N ND2 . ASN A 1 13  ? -11.542 22.822  1.210   1.00 18.82 ? 54  ASN A ND2 1 
ATOM   99   N N   . LYS A 1 14  ? -6.692  19.536  1.204   1.00 12.04 ? 55  LYS A N   1 
ATOM   100  C CA  . LYS A 1 14  ? -5.767  18.911  2.183   1.00 11.88 ? 55  LYS A CA  1 
ATOM   101  C C   . LYS A 1 14  ? -4.530  19.789  2.336   1.00 11.62 ? 55  LYS A C   1 
ATOM   102  O O   . LYS A 1 14  ? -3.988  20.305  1.385   1.00 11.92 ? 55  LYS A O   1 
ATOM   103  C CB  . LYS A 1 14  ? -5.398  17.519  1.683   1.00 13.40 ? 55  LYS A CB  1 
ATOM   104  C CG  . LYS A 1 14  ? -4.978  16.548  2.763   1.00 13.58 ? 55  LYS A CG  1 
ATOM   105  C CD  . LYS A 1 14  ? -4.793  15.142  2.286   1.00 13.27 ? 55  LYS A CD  1 
ATOM   106  C CE  . LYS A 1 14  ? -4.451  14.221  3.451   1.00 13.70 ? 55  LYS A CE  1 
ATOM   107  N NZ  . LYS A 1 14  ? -5.633  13.945  4.305   1.00 16.50 ? 55  LYS A NZ  1 
ATOM   108  N N   . PRO A 1 15  ? -3.886  19.777  3.527   1.00 12.06 ? 56  PRO A N   1 
ATOM   109  C CA  . PRO A 1 15  ? -2.506  20.243  3.603   1.00 10.78 ? 56  PRO A CA  1 
ATOM   110  C C   . PRO A 1 15  ? -1.615  19.412  2.693   1.00 11.91 ? 56  PRO A C   1 
ATOM   111  O O   . PRO A 1 15  ? -1.749  18.209  2.670   1.00 12.31 ? 56  PRO A O   1 
ATOM   112  C CB  . PRO A 1 15  ? -2.135  20.045  5.092   1.00 11.86 ? 56  PRO A CB  1 
ATOM   113  C CG  . PRO A 1 15  ? -3.159  19.072  5.642   1.00 13.39 ? 56  PRO A CG  1 
ATOM   114  C CD  . PRO A 1 15  ? -4.393  19.305  4.823   1.00 12.61 ? 56  PRO A CD  1 
ATOM   115  N N   . LYS A 1 16  ? -0.734  20.057  1.945   1.00 11.74 ? 57  LYS A N   1 
ATOM   116  C CA  . LYS A 1 16  ? 0.135   19.385  0.957   1.00 13.32 ? 57  LYS A CA  1 
ATOM   117  C C   . LYS A 1 16  ? 1.472   20.052  0.819   1.00 10.82 ? 57  LYS A C   1 
ATOM   118  O O   . LYS A 1 16  ? 1.602   21.281  0.958   1.00 12.19 ? 57  LYS A O   1 
ATOM   119  C CB  . LYS A 1 16  ? -0.446  19.357  -0.455  1.00 12.73 ? 57  LYS A CB  1 
ATOM   120  C CG  . LYS A 1 16  ? -1.715  18.539  -0.546  1.00 12.81 ? 57  LYS A CG  1 
ATOM   121  C CD  . LYS A 1 16  ? -2.204  18.352  -1.942  1.00 13.55 ? 57  LYS A CD  1 
ATOM   122  C CE  . LYS A 1 16  ? -3.451  17.500  -2.052  1.00 13.65 ? 57  LYS A CE  1 
ATOM   123  N NZ  . LYS A 1 16  ? -3.854  17.293  -3.456  1.00 13.90 ? 57  LYS A NZ  1 
ATOM   124  N N   . ARG A 1 17  ? 2.498   19.239  0.655   1.00 13.11 ? 58  ARG A N   1 
ATOM   125  C CA  . ARG A 1 17  ? 3.848   19.691  0.324   1.00 13.25 ? 58  ARG A CA  1 
ATOM   126  C C   . ARG A 1 17  ? 4.570   18.614  -0.492  1.00 14.91 ? 58  ARG A C   1 
ATOM   127  O O   . ARG A 1 17  ? 4.191   17.440  -0.490  1.00 16.04 ? 58  ARG A O   1 
ATOM   128  C CB  . ARG A 1 17  ? 4.604   19.987  1.617   1.00 12.23 ? 58  ARG A CB  1 
ATOM   129  C CG  . ARG A 1 17  ? 4.819   18.764  2.490   1.00 11.86 ? 58  ARG A CG  1 
ATOM   130  C CD  . ARG A 1 17  ? 5.566   19.167  3.740   1.00 11.24 ? 58  ARG A CD  1 
ATOM   131  N NE  . ARG A 1 17  ? 5.843   18.038  4.560   1.00 11.64 ? 58  ARG A NE  1 
ATOM   132  C CZ  . ARG A 1 17  ? 6.668   17.998  5.561   1.00 12.73 ? 58  ARG A CZ  1 
ATOM   133  N NH1 . ARG A 1 17  ? 7.277   19.113  5.941   1.00 14.93 ? 58  ARG A NH1 1 
ATOM   134  N NH2 . ARG A 1 17  ? 6.854   16.853  6.176   1.00 14.35 ? 58  ARG A NH2 1 
ATOM   135  N N   . GLN A 1 18  ? 5.638   18.994  -1.193  1.00 16.52 ? 59  GLN A N   1 
ATOM   136  C CA  . GLN A 1 18  ? 6.465   18.064  -2.025  1.00 21.15 ? 59  GLN A CA  1 
ATOM   137  C C   . GLN A 1 18  ? 7.837   17.998  -1.365  1.00 19.36 ? 59  GLN A C   1 
ATOM   138  O O   . GLN A 1 18  ? 8.387   19.068  -1.139  1.00 20.75 ? 59  GLN A O   1 
ATOM   139  C CB  . GLN A 1 18  ? 6.589   18.540  -3.484  1.00 26.36 ? 59  GLN A CB  1 
ATOM   140  C CG  . GLN A 1 18  ? 5.256   18.707  -4.206  1.00 30.60 ? 59  GLN A CG  1 
ATOM   141  C CD  . GLN A 1 18  ? 5.405   19.003  -5.680  1.00 35.87 ? 59  GLN A CD  1 
ATOM   142  O OE1 . GLN A 1 18  ? 5.918   18.188  -6.448  1.00 37.32 ? 59  GLN A OE1 1 
ATOM   143  N NE2 . GLN A 1 18  ? 4.943   20.176  -6.085  1.00 40.68 ? 59  GLN A NE2 1 
ATOM   144  N N   . THR A 1 19  ? 8.353   16.790  -1.124  1.00 20.88 ? 60  THR A N   1 
ATOM   145  C CA  . THR A 1 19  ? 9.583   16.555  -0.318  1.00 19.99 ? 60  THR A CA  1 
ATOM   146  C C   . THR A 1 19  ? 10.435  15.405  -0.846  1.00 16.22 ? 60  THR A C   1 
ATOM   147  O O   . THR A 1 19  ? 9.948   14.536  -1.622  1.00 15.98 ? 60  THR A O   1 
ATOM   148  C CB  . THR A 1 19  ? 9.266   16.228  1.137   1.00 20.14 ? 60  THR A CB  1 
ATOM   149  O OG1 . THR A 1 19  ? 8.870   14.858  1.243   1.00 20.27 ? 60  THR A OG1 1 
ATOM   150  C CG2 . THR A 1 19  ? 8.200   17.132  1.736   1.00 22.59 ? 60  THR A CG2 1 
ATOM   151  N N   . ASN A 1 20  ? 11.709  15.427  -0.460  1.00 15.84 ? 61  ASN A N   1 
ATOM   152  C CA  . ASN A 1 20  ? 12.687  14.455  -0.977  1.00 14.83 ? 61  ASN A CA  1 
ATOM   153  C C   . ASN A 1 20  ? 12.282  13.052  -0.529  1.00 13.90 ? 61  ASN A C   1 
ATOM   154  O O   . ASN A 1 20  ? 12.509  12.122  -1.275  1.00 13.45 ? 61  ASN A O   1 
ATOM   155  C CB  . ASN A 1 20  ? 14.121  14.839  -0.585  1.00 15.34 ? 61  ASN A CB  1 
ATOM   156  C CG  . ASN A 1 20  ? 14.452  14.703  0.886   1.00 17.02 ? 61  ASN A CG  1 
ATOM   157  O OD1 . ASN A 1 20  ? 13.770  15.230  1.760   1.00 20.83 ? 61  ASN A OD1 1 
ATOM   158  N ND2 . ASN A 1 20  ? 15.481  13.963  1.208   1.00 17.39 ? 61  ASN A ND2 1 
ATOM   159  N N   . GLN A 1 21  ? 11.806  12.875  0.691   1.00 13.27 ? 62  GLN A N   1 
ATOM   160  C CA  . GLN A 1 21  ? 11.463  11.522  1.167   1.00 13.39 ? 62  GLN A CA  1 
ATOM   161  C C   . GLN A 1 21  ? 10.254  10.993  0.369   1.00 12.94 ? 62  GLN A C   1 
ATOM   162  O O   . GLN A 1 21  ? 10.248  9.798   0.022   1.00 13.22 ? 62  GLN A O   1 
ATOM   163  C CB  . GLN A 1 21  ? 11.187  11.505  2.674   1.00 13.66 ? 62  GLN A CB  1 
ATOM   164  C CG  . GLN A 1 21  ? 12.421  11.764  3.526   1.00 13.13 ? 62  GLN A CG  1 
ATOM   165  C CD  . GLN A 1 21  ? 12.178  11.520  4.988   1.00 13.86 ? 62  GLN A CD  1 
ATOM   166  O OE1 . GLN A 1 21  ? 11.084  11.733  5.473   1.00 16.70 ? 62  GLN A OE1 1 
ATOM   167  N NE2 . GLN A 1 21  ? 13.225  11.099  5.687   1.00 16.33 ? 62  GLN A NE2 1 
ATOM   168  N N   . LEU A 1 22  ? 9.287   11.841  0.109   1.00 13.20 ? 63  LEU A N   1 
ATOM   169  C CA  . LEU A 1 22  ? 8.072   11.392  -0.638  1.00 12.83 ? 63  LEU A CA  1 
ATOM   170  C C   . LEU A 1 22  ? 8.492   11.079  -2.077  1.00 12.13 ? 63  LEU A C   1 
ATOM   171  O O   . LEU A 1 22  ? 7.951   10.178  -2.705  1.00 12.62 ? 63  LEU A O   1 
ATOM   172  C CB  . LEU A 1 22  ? 6.995   12.477  -0.583  1.00 14.89 ? 63  LEU A CB  1 
ATOM   173  C CG  . LEU A 1 22  ? 6.331   12.661  0.780   1.00 19.79 ? 63  LEU A CG  1 
ATOM   174  C CD1 . LEU A 1 22  ? 5.529   13.944  0.836   1.00 22.12 ? 63  LEU A CD1 1 
ATOM   175  C CD2 . LEU A 1 22  ? 5.490   11.458  1.093   1.00 20.39 ? 63  LEU A CD2 1 
ATOM   176  N N   . GLN A 1 23  ? 9.409   11.872  -2.642  1.00 13.18 ? 64  GLN A N   1 
ATOM   177  C CA  . GLN A 1 23  ? 9.891   11.571  -4.019  1.00 12.82 ? 64  GLN A CA  1 
ATOM   178  C C   . GLN A 1 23  ? 10.576  10.201  -4.037  1.00 11.77 ? 64  GLN A C   1 
ATOM   179  O O   . GLN A 1 23  ? 10.318  9.453   -4.964  1.00 12.86 ? 64  GLN A O   1 
ATOM   180  C CB  . GLN A 1 23  ? 10.843  12.686  -4.468  1.00 15.00 ? 64  GLN A CB  1 
ATOM   181  C CG  . GLN A 1 23  ? 10.090  13.965  -4.812  1.00 20.47 ? 64  GLN A CG  1 
ATOM   182  C CD  . GLN A 1 23  ? 10.901  15.237  -4.778  1.00 22.91 ? 64  GLN A CD  1 
ATOM   183  O OE1 . GLN A 1 23  ? 12.051  15.275  -4.343  1.00 27.94 ? 64  GLN A OE1 1 
ATOM   184  N NE2 . GLN A 1 23  ? 10.230  16.325  -5.127  1.00 31.71 ? 64  GLN A NE2 1 
ATOM   185  N N   . TYR A 1 24  ? 11.383  9.881   -3.041  1.00 11.67 ? 65  TYR A N   1 
ATOM   186  C CA  . TYR A 1 24  ? 12.033  8.575   -2.966  1.00 11.72 ? 65  TYR A CA  1 
ATOM   187  C C   . TYR A 1 24  ? 10.990  7.458   -2.866  1.00 12.30 ? 65  TYR A C   1 
ATOM   188  O O   . TYR A 1 24  ? 11.131  6.375   -3.464  1.00 12.48 ? 65  TYR A O   1 
ATOM   189  C CB  . TYR A 1 24  ? 12.978  8.567   -1.770  1.00 13.55 ? 65  TYR A CB  1 
ATOM   190  C CG  . TYR A 1 24  ? 13.668  7.266   -1.525  1.00 12.73 ? 65  TYR A CG  1 
ATOM   191  C CD1 . TYR A 1 24  ? 14.939  7.027   -2.066  1.00 14.01 ? 65  TYR A CD1 1 
ATOM   192  C CD2 . TYR A 1 24  ? 13.115  6.328   -0.689  1.00 13.09 ? 65  TYR A CD2 1 
ATOM   193  C CE1 . TYR A 1 24  ? 15.591  5.842   -1.795  1.00 14.32 ? 65  TYR A CE1 1 
ATOM   194  C CE2 . TYR A 1 24  ? 13.771  5.161   -0.384  1.00 14.05 ? 65  TYR A CE2 1 
ATOM   195  C CZ  . TYR A 1 24  ? 15.010  4.902   -0.950  1.00 14.19 ? 65  TYR A CZ  1 
ATOM   196  O OH  . TYR A 1 24  ? 15.637  3.714   -0.711  1.00 15.68 ? 65  TYR A OH  1 
ATOM   197  N N   . LEU A 1 25  ? 9.966   7.685   -2.055  1.00 11.03 ? 66  LEU A N   1 
ATOM   198  C CA  . LEU A 1 25  ? 8.918   6.668   -1.872  1.00 10.94 ? 66  LEU A CA  1 
ATOM   199  C C   . LEU A 1 25  ? 8.234   6.376   -3.212  1.00 11.75 ? 66  LEU A C   1 
ATOM   200  O O   . LEU A 1 25  ? 7.848   5.221   -3.393  1.00 12.26 ? 66  LEU A O   1 
ATOM   201  C CB  . LEU A 1 25  ? 7.927   7.132   -0.797  1.00 11.88 ? 66  LEU A CB  1 
ATOM   202  C CG  . LEU A 1 25  ? 8.406   6.918   0.635   1.00 14.08 ? 66  LEU A CG  1 
ATOM   203  C CD1 . LEU A 1 25  ? 7.733   7.867   1.609   1.00 15.56 ? 66  LEU A CD1 1 
ATOM   204  C CD2 . LEU A 1 25  ? 8.246   5.474   1.086   1.00 15.23 ? 66  LEU A CD2 1 
ATOM   205  N N   . LEU A 1 26  ? 8.035   7.333   -4.084  1.00 12.38 ? 67  LEU A N   1 
ATOM   206  C CA  . LEU A 1 26  ? 7.436   7.023   -5.395  1.00 12.88 ? 67  LEU A CA  1 
ATOM   207  C C   . LEU A 1 26  ? 8.484   6.462   -6.345  1.00 13.71 ? 67  LEU A C   1 
ATOM   208  O O   . LEU A 1 26  ? 8.248   5.402   -6.954  1.00 14.53 ? 67  LEU A O   1 
ATOM   209  C CB  . LEU A 1 26  ? 6.803   8.296   -5.951  1.00 14.72 ? 67  LEU A CB  1 
ATOM   210  C CG  . LEU A 1 26  ? 6.155   8.130   -7.321  1.00 15.69 ? 67  LEU A CG  1 
ATOM   211  C CD1 . LEU A 1 26  ? 5.003   7.130   -7.241  1.00 16.73 ? 67  LEU A CD1 1 
ATOM   212  C CD2 . LEU A 1 26  ? 5.677   9.458   -7.859  1.00 18.59 ? 67  LEU A CD2 1 
ATOM   213  N N   . ARG A 1 27  ? 9.626   7.110   -6.501  1.00 13.82 ? 68  ARG A N   1 
ATOM   214  C CA  . ARG A 1 27  ? 10.585  6.798   -7.584  1.00 15.73 ? 68  ARG A CA  1 
ATOM   215  C C   . ARG A 1 27  ? 11.365  5.526   -7.286  1.00 15.34 ? 68  ARG A C   1 
ATOM   216  O O   . ARG A 1 27  ? 11.868  4.891   -8.251  1.00 17.51 ? 68  ARG A O   1 
ATOM   217  C CB  . ARG A 1 27  ? 11.562  7.967   -7.779  1.00 17.73 ? 68  ARG A CB  1 
ATOM   218  C CG  . ARG A 1 27  ? 12.675  7.743   -8.803  1.00 23.31 ? 68  ARG A CG  1 
ATOM   219  C CD  . ARG A 1 27  ? 12.151  7.430   -10.208 1.00 28.20 ? 68  ARG A CD  1 
ATOM   220  N NE  . ARG A 1 27  ? 13.211  7.282   -11.211 1.00 29.83 ? 68  ARG A NE  1 
ATOM   221  C CZ  . ARG A 1 27  ? 13.970  6.199   -11.398 1.00 34.26 ? 68  ARG A CZ  1 
ATOM   222  N NH1 . ARG A 1 27  ? 13.808  5.117   -10.661 1.00 32.75 ? 68  ARG A NH1 1 
ATOM   223  N NH2 . ARG A 1 27  ? 14.889  6.196   -12.350 1.00 35.71 ? 68  ARG A NH2 1 
ATOM   224  N N   . VAL A 1 28  ? 11.612  5.223   -6.013  1.00 13.39 ? 69  VAL A N   1 
ATOM   225  C CA  . VAL A 1 28  ? 12.404  4.046   -5.632  1.00 14.72 ? 69  VAL A CA  1 
ATOM   226  C C   . VAL A 1 28  ? 11.466  3.001   -5.041  1.00 13.01 ? 69  VAL A C   1 
ATOM   227  O O   . VAL A 1 28  ? 11.434  1.861   -5.504  1.00 14.89 ? 69  VAL A O   1 
ATOM   228  C CB  . VAL A 1 28  ? 13.557  4.435   -4.707  1.00 14.64 ? 69  VAL A CB  1 
ATOM   229  C CG1 . VAL A 1 28  ? 14.306  3.209   -4.244  1.00 15.72 ? 69  VAL A CG1 1 
ATOM   230  C CG2 . VAL A 1 28  ? 14.482  5.442   -5.394  1.00 15.54 ? 69  VAL A CG2 1 
ATOM   231  N N   . VAL A 1 29  ? 10.769  3.338   -3.952  1.00 12.79 ? 70  VAL A N   1 
ATOM   232  C CA  . VAL A 1 29  ? 10.049  2.273   -3.203  1.00 12.81 ? 70  VAL A CA  1 
ATOM   233  C C   . VAL A 1 29  ? 8.881   1.720   -4.025  1.00 12.17 ? 70  VAL A C   1 
ATOM   234  O O   . VAL A 1 29  ? 8.847   0.504   -4.313  1.00 12.56 ? 70  VAL A O   1 
ATOM   235  C CB  . VAL A 1 29  ? 9.617   2.742   -1.808  1.00 11.91 ? 70  VAL A CB  1 
ATOM   236  C CG1 . VAL A 1 29  ? 8.953   1.606   -1.042  1.00 13.11 ? 70  VAL A CG1 1 
ATOM   237  C CG2 . VAL A 1 29  ? 10.815  3.244   -1.025  1.00 13.45 ? 70  VAL A CG2 1 
ATOM   238  N N   . LEU A 1 30  ? 7.924   2.555   -4.362  1.00 12.67 ? 71  LEU A N   1 
ATOM   239  C CA  . LEU A 1 30  ? 6.737   2.088   -5.072  1.00 12.97 ? 71  LEU A CA  1 
ATOM   240  C C   . LEU A 1 30  ? 7.172   1.498   -6.405  1.00 13.39 ? 71  LEU A C   1 
ATOM   241  O O   . LEU A 1 30  ? 6.705   0.415   -6.767  1.00 13.15 ? 71  LEU A O   1 
ATOM   242  C CB  . LEU A 1 30  ? 5.779   3.265   -5.245  1.00 13.36 ? 71  LEU A CB  1 
ATOM   243  C CG  . LEU A 1 30  ? 4.408   3.015   -5.886  1.00 15.50 ? 71  LEU A CG  1 
ATOM   244  C CD1 . LEU A 1 30  ? 4.407   2.843   -7.380  1.00 16.79 ? 71  LEU A CD1 1 
ATOM   245  C CD2 . LEU A 1 30  ? 3.645   1.899   -5.256  1.00 15.51 ? 71  LEU A CD2 1 
ATOM   246  N N   . LYS A 1 31  ? 8.078   2.160   -7.124  1.00 14.04 ? 72  LYS A N   1 
ATOM   247  C CA  . LYS A 1 31  ? 8.523   1.684   -8.449  1.00 16.37 ? 72  LYS A CA  1 
ATOM   248  C C   . LYS A 1 31  ? 9.101   0.275   -8.327  1.00 15.42 ? 72  LYS A C   1 
ATOM   249  O O   . LYS A 1 31  ? 8.771   -0.547  -9.205  1.00 16.44 ? 72  LYS A O   1 
ATOM   250  C CB  . LYS A 1 31  ? 9.539   2.681   -9.021  1.00 19.09 ? 72  LYS A CB  1 
ATOM   251  C CG  . LYS A 1 31  ? 10.153  2.260   -10.354 1.00 22.07 ? 72  LYS A CG  1 
ATOM   252  C CD  . LYS A 1 31  ? 11.015  3.304   -11.051 1.00 26.77 ? 72  LYS A CD  1 
ATOM   253  C CE  . LYS A 1 31  ? 11.396  2.864   -12.455 1.00 31.18 ? 72  LYS A CE  1 
ATOM   254  N NZ  . LYS A 1 31  ? 12.431  3.731   -13.059 1.00 37.25 ? 72  LYS A NZ  1 
ATOM   255  N N   . THR A 1 32  ? 9.915   0.003   -7.314  1.00 14.71 ? 73  THR A N   1 
ATOM   256  C CA  . THR A 1 32  ? 10.574  -1.314  -7.115  1.00 14.61 ? 73  THR A CA  1 
ATOM   257  C C   . THR A 1 32  ? 9.476   -2.362  -6.913  1.00 13.91 ? 73  THR A C   1 
ATOM   258  O O   . THR A 1 32  ? 9.509   -3.473  -7.521  1.00 15.84 ? 73  THR A O   1 
ATOM   259  C CB  . THR A 1 32  ? 11.567  -1.315  -5.953  1.00 16.37 ? 73  THR A CB  1 
ATOM   260  O OG1 . THR A 1 32  ? 12.662  -0.482  -6.337  1.00 17.47 ? 73  THR A OG1 1 
ATOM   261  C CG2 . THR A 1 32  ? 12.122  -2.681  -5.616  1.00 17.95 ? 73  THR A CG2 1 
ATOM   262  N N   . LEU A 1 33  ? 8.523   -2.102  -6.019  1.00 12.71 ? 74  LEU A N   1 
ATOM   263  C CA  . LEU A 1 33  ? 7.498   -3.134  -5.724  1.00 11.76 ? 74  LEU A CA  1 
ATOM   264  C C   . LEU A 1 33  ? 6.578   -3.311  -6.910  1.00 11.39 ? 74  LEU A C   1 
ATOM   265  O O   . LEU A 1 33  ? 6.173   -4.432  -7.173  1.00 12.50 ? 74  LEU A O   1 
ATOM   266  C CB  . LEU A 1 33  ? 6.739   -2.749  -4.449  1.00 11.68 ? 74  LEU A CB  1 
ATOM   267  C CG  . LEU A 1 33  ? 7.340   -3.299  -3.157  1.00 13.24 ? 74  LEU A CG  1 
ATOM   268  C CD1 . LEU A 1 33  ? 8.694   -2.710  -2.879  1.00 15.82 ? 74  LEU A CD1 1 
ATOM   269  C CD2 . LEU A 1 33  ? 6.433   -3.010  -1.969  1.00 13.41 ? 74  LEU A CD2 1 
ATOM   270  N N   . TRP A 1 34  ? 6.238   -2.254  -7.567  1.00 11.94 ? 75  TRP A N   1 
ATOM   271  C CA  . TRP A 1 34  ? 5.224   -2.287  -8.640  1.00 12.60 ? 75  TRP A CA  1 
ATOM   272  C C   . TRP A 1 34  ? 5.630   -3.229  -9.780  1.00 12.79 ? 75  TRP A C   1 
ATOM   273  O O   . TRP A 1 34  ? 4.792   -3.859  -10.375 1.00 13.98 ? 75  TRP A O   1 
ATOM   274  C CB  . TRP A 1 34  ? 4.979   -0.889  -9.177  1.00 13.46 ? 75  TRP A CB  1 
ATOM   275  C CG  . TRP A 1 34  ? 3.758   -0.793  -10.011 1.00 13.66 ? 75  TRP A CG  1 
ATOM   276  C CD1 . TRP A 1 34  ? 3.677   -0.934  -11.367 1.00 15.36 ? 75  TRP A CD1 1 
ATOM   277  C CD2 . TRP A 1 34  ? 2.430   -0.484  -9.569  1.00 13.01 ? 75  TRP A CD2 1 
ATOM   278  N NE1 . TRP A 1 34  ? 2.394   -0.769  -11.797 1.00 15.64 ? 75  TRP A NE1 1 
ATOM   279  C CE2 . TRP A 1 34  ? 1.601   -0.493  -10.699 1.00 12.76 ? 75  TRP A CE2 1 
ATOM   280  C CE3 . TRP A 1 34  ? 1.842   -0.235  -8.303  1.00 12.47 ? 75  TRP A CE3 1 
ATOM   281  C CZ2 . TRP A 1 34  ? 0.237   -0.235  -10.619 1.00 13.86 ? 75  TRP A CZ2 1 
ATOM   282  C CZ3 . TRP A 1 34  ? 0.508   0.040   -8.235  1.00 12.99 ? 75  TRP A CZ3 1 
ATOM   283  C CH2 . TRP A 1 34  ? -0.289  0.025   -9.369  1.00 12.98 ? 75  TRP A CH2 1 
ATOM   284  N N   . LYS A 1 35  ? 6.904   -3.219  -10.125 1.00 13.25 ? 76  LYS A N   1 
ATOM   285  C CA  . LYS A 1 35  ? 7.344   -4.007  -11.321 1.00 13.67 ? 76  LYS A CA  1 
ATOM   286  C C   . LYS A 1 35  ? 7.556   -5.476  -10.959 1.00 14.15 ? 76  LYS A C   1 
ATOM   287  O O   . LYS A 1 35  ? 7.809   -6.290  -11.891 1.00 14.81 ? 76  LYS A O   1 
ATOM   288  C CB  . LYS A 1 35  ? 8.588   -3.374  -11.919 1.00 16.98 ? 76  LYS A CB  1 
ATOM   289  C CG  . LYS A 1 35  ? 9.787   -3.545  -11.079 1.00 17.53 ? 76  LYS A CG  1 
ATOM   290  C CD  . LYS A 1 35  ? 10.804  -2.640  -11.666 1.00 18.98 ? 76  LYS A CD  1 
ATOM   291  C CE  . LYS A 1 35  ? 12.101  -2.914  -11.007 1.00 20.61 ? 76  LYS A CE  1 
ATOM   292  N NZ  . LYS A 1 35  ? 13.144  -1.928  -11.413 1.00 20.70 ? 76  LYS A NZ  1 
ATOM   293  N N   . HIS A 1 36  ? 7.451   -5.872  -9.713  1.00 13.95 ? 77  HIS A N   1 
ATOM   294  C CA  . HIS A 1 36  ? 7.718   -7.256  -9.259  1.00 13.85 ? 77  HIS A CA  1 
ATOM   295  C C   . HIS A 1 36  ? 6.611   -8.194  -9.747  1.00 12.37 ? 77  HIS A C   1 
ATOM   296  O O   . HIS A 1 36  ? 5.492   -7.786  -9.953  1.00 13.49 ? 77  HIS A O   1 
ATOM   297  C CB  . HIS A 1 36  ? 7.804   -7.237  -7.739  1.00 13.61 ? 77  HIS A CB  1 
ATOM   298  C CG  . HIS A 1 36  ? 8.334   -8.499  -7.180  1.00 14.70 ? 77  HIS A CG  1 
ATOM   299  N ND1 . HIS A 1 36  ? 7.584   -9.656  -7.029  1.00 14.72 ? 77  HIS A ND1 1 
ATOM   300  C CD2 . HIS A 1 36  ? 9.521   -8.739  -6.601  1.00 15.43 ? 77  HIS A CD2 1 
ATOM   301  C CE1 . HIS A 1 36  ? 8.320   -10.566 -6.458  1.00 16.72 ? 77  HIS A CE1 1 
ATOM   302  N NE2 . HIS A 1 36  ? 9.537   -10.037 -6.204  1.00 17.56 ? 77  HIS A NE2 1 
ATOM   303  N N   . GLN A 1 37  ? 7.011   -9.421  -10.113 1.00 13.92 ? 78  GLN A N   1 
ATOM   304  C CA  . GLN A 1 37  ? 6.064   -10.421 -10.648 1.00 13.92 ? 78  GLN A CA  1 
ATOM   305  C C   . GLN A 1 37  ? 4.960   -10.765 -9.652  1.00 12.87 ? 78  GLN A C   1 
ATOM   306  O O   . GLN A 1 37  ? 3.998   -11.242 -10.108 1.00 13.85 ? 78  GLN A O   1 
ATOM   307  C CB  . GLN A 1 37  ? 6.754   -11.737 -11.008 1.00 17.17 ? 78  GLN A CB  1 
ATOM   308  C CG  . GLN A 1 37  ? 7.516   -12.354 -9.854  1.00 21.62 ? 78  GLN A CG  1 
ATOM   309  C CD  . GLN A 1 37  ? 8.419   -13.516 -10.201 1.00 29.04 ? 78  GLN A CD  1 
ATOM   310  O OE1 . GLN A 1 37  ? 8.688   -13.803 -11.372 1.00 31.53 ? 78  GLN A OE1 1 
ATOM   311  N NE2 . GLN A 1 37  ? 8.921   -14.167 -9.163  1.00 30.42 ? 78  GLN A NE2 1 
ATOM   312  N N   . PHE A 1 38  ? 5.157   -10.499 -8.353  1.00 12.58 ? 79  PHE A N   1 
ATOM   313  C CA  . PHE A 1 38  ? 4.103   -10.756 -7.343  1.00 11.76 ? 79  PHE A CA  1 
ATOM   314  C C   . PHE A 1 38  ? 3.278   -9.506  -7.023  1.00 12.14 ? 79  PHE A C   1 
ATOM   315  O O   . PHE A 1 38  ? 2.417   -9.585  -6.119  1.00 11.77 ? 79  PHE A O   1 
ATOM   316  C CB  . PHE A 1 38  ? 4.731   -11.325 -6.089  1.00 12.81 ? 79  PHE A CB  1 
ATOM   317  C CG  . PHE A 1 38  ? 5.330   -12.711 -6.198  1.00 12.98 ? 79  PHE A CG  1 
ATOM   318  C CD1 . PHE A 1 38  ? 5.054   -13.555 -7.254  1.00 13.44 ? 79  PHE A CD1 1 
ATOM   319  C CD2 . PHE A 1 38  ? 6.145   -13.177 -5.199  1.00 14.80 ? 79  PHE A CD2 1 
ATOM   320  C CE1 . PHE A 1 38  ? 5.601   -14.830 -7.321  1.00 15.34 ? 79  PHE A CE1 1 
ATOM   321  C CE2 . PHE A 1 38  ? 6.683   -14.455 -5.242  1.00 15.55 ? 79  PHE A CE2 1 
ATOM   322  C CZ  . PHE A 1 38  ? 6.412   -15.273 -6.309  1.00 17.10 ? 79  PHE A CZ  1 
ATOM   323  N N   . ALA A 1 39  ? 3.435   -8.409  -7.754  1.00 11.10 ? 80  ALA A N   1 
ATOM   324  C CA  . ALA A 1 39  ? 2.741   -7.141  -7.425  1.00 10.94 ? 80  ALA A CA  1 
ATOM   325  C C   . ALA A 1 39  ? 1.271   -7.223  -7.732  1.00 10.97 ? 80  ALA A C   1 
ATOM   326  O O   . ALA A 1 39  ? 0.491   -6.497  -7.037  1.00 9.60  ? 80  ALA A O   1 
ATOM   327  C CB  . ALA A 1 39  ? 3.380   -5.978  -8.155  1.00 11.98 ? 80  ALA A CB  1 
ATOM   328  N N   . TRP A 1 40  ? 0.829   -7.931  -8.779  1.00 10.61 ? 81  TRP A N   1 
ATOM   329  C CA  . TRP A 1 40  ? -0.503  -7.720  -9.350  1.00 10.64 ? 81  TRP A CA  1 
ATOM   330  C C   . TRP A 1 40  ? -1.639  -7.835  -8.336  1.00 9.19  ? 81  TRP A C   1 
ATOM   331  O O   . TRP A 1 40  ? -2.554  -7.040  -8.437  1.00 9.34  ? 81  TRP A O   1 
ATOM   332  C CB  . TRP A 1 40  ? -0.708  -8.594  -10.598 1.00 10.95 ? 81  TRP A CB  1 
ATOM   333  C CG  . TRP A 1 40  ? -0.737  -10.071 -10.340 1.00 10.44 ? 81  TRP A CG  1 
ATOM   334  C CD1 . TRP A 1 40  ? 0.321   -10.920 -10.375 1.00 10.17 ? 81  TRP A CD1 1 
ATOM   335  C CD2 . TRP A 1 40  ? -1.871  -10.846 -9.948  1.00 9.85  ? 81  TRP A CD2 1 
ATOM   336  N NE1 . TRP A 1 40  ? -0.094  -12.187 -10.073 1.00 11.31 ? 81  TRP A NE1 1 
ATOM   337  C CE2 . TRP A 1 40  ? -1.420  -12.190 -9.802  1.00 11.07 ? 81  TRP A CE2 1 
ATOM   338  C CE3 . TRP A 1 40  ? -3.194  -10.536 -9.710  1.00 10.38 ? 81  TRP A CE3 1 
ATOM   339  C CZ2 . TRP A 1 40  ? -2.298  -13.189 -9.405  1.00 11.17 ? 81  TRP A CZ2 1 
ATOM   340  C CZ3 . TRP A 1 40  ? -4.048  -11.540 -9.349  1.00 10.54 ? 81  TRP A CZ3 1 
ATOM   341  C CH2 . TRP A 1 40  ? -3.592  -12.842 -9.201  1.00 11.51 ? 81  TRP A CH2 1 
ATOM   342  N N   . PRO A 1 41  ? -1.676  -8.771  -7.360  1.00 9.16  ? 82  PRO A N   1 
ATOM   343  C CA  . PRO A 1 41  ? -2.825  -8.774  -6.464  1.00 9.51  ? 82  PRO A CA  1 
ATOM   344  C C   . PRO A 1 41  ? -2.911  -7.549  -5.549  1.00 8.06  ? 82  PRO A C   1 
ATOM   345  O O   . PRO A 1 41  ? -3.933  -7.410  -4.906  1.00 8.84  ? 82  PRO A O   1 
ATOM   346  C CB  . PRO A 1 41  ? -2.585  -10.017 -5.596  1.00 9.03  ? 82  PRO A CB  1 
ATOM   347  C CG  . PRO A 1 41  ? -1.597  -10.868 -6.375  1.00 9.34  ? 82  PRO A CG  1 
ATOM   348  C CD  . PRO A 1 41  ? -0.742  -9.860  -7.039  1.00 8.65  ? 82  PRO A CD  1 
ATOM   349  N N   . PHE A 1 42  ? -1.842  -6.803  -5.480  1.00 8.44  ? 83  PHE A N   1 
ATOM   350  C CA  . PHE A 1 42  ? -1.682  -5.620  -4.608  1.00 8.96  ? 83  PHE A CA  1 
ATOM   351  C C   . PHE A 1 42  ? -1.835  -4.346  -5.393  1.00 8.63  ? 83  PHE A C   1 
ATOM   352  O O   . PHE A 1 42  ? -1.720  -3.249  -4.758  1.00 9.65  ? 83  PHE A O   1 
ATOM   353  C CB  . PHE A 1 42  ? -0.337  -5.641  -3.896  1.00 10.04 ? 83  PHE A CB  1 
ATOM   354  C CG  . PHE A 1 42  ? -0.150  -6.912  -3.118  1.00 9.77  ? 83  PHE A CG  1 
ATOM   355  C CD1 . PHE A 1 42  ? 0.420   -8.050  -3.699  1.00 10.15 ? 83  PHE A CD1 1 
ATOM   356  C CD2 . PHE A 1 42  ? -0.557  -7.006  -1.789  1.00 12.11 ? 83  PHE A CD2 1 
ATOM   357  C CE1 . PHE A 1 42  ? 0.541   -9.241  -3.012  1.00 11.70 ? 83  PHE A CE1 1 
ATOM   358  C CE2 . PHE A 1 42  ? -0.435  -8.230  -1.125  1.00 13.50 ? 83  PHE A CE2 1 
ATOM   359  C CZ  . PHE A 1 42  ? 0.102   -9.349  -1.734  1.00 12.45 ? 83  PHE A CZ  1 
ATOM   360  N N   . GLN A 1 43  ? -2.045  -4.329  -6.705  1.00 9.17  ? 84  GLN A N   1 
ATOM   361  C CA  . GLN A 1 43  ? -2.029  -3.105  -7.497  1.00 9.44  ? 84  GLN A CA  1 
ATOM   362  C C   . GLN A 1 43  ? -3.389  -2.442  -7.559  1.00 9.27  ? 84  GLN A C   1 
ATOM   363  O O   . GLN A 1 43  ? -3.443  -1.312  -8.099  1.00 10.71 ? 84  GLN A O   1 
ATOM   364  C CB  . GLN A 1 43  ? -1.542  -3.437  -8.909  1.00 10.28 ? 84  GLN A CB  1 
ATOM   365  C CG  . GLN A 1 43  ? -0.028  -3.628  -8.977  1.00 11.02 ? 84  GLN A CG  1 
ATOM   366  C CD  . GLN A 1 43  ? 0.497   -4.064  -10.331 1.00 12.08 ? 84  GLN A CD  1 
ATOM   367  O OE1 . GLN A 1 43  ? -0.236  -4.643  -11.095 1.00 15.66 ? 84  GLN A OE1 1 
ATOM   368  N NE2 . GLN A 1 43  ? 1.771   -3.834  -10.594 1.00 14.60 ? 84  GLN A NE2 1 
ATOM   369  N N   . GLN A 1 44  ? -4.432  -3.033  -6.994  1.00 9.68  ? 85  GLN A N   1 
ATOM   370  C CA  . GLN A 1 44  ? -5.765  -2.427  -6.914  1.00 10.35 ? 85  GLN A CA  1 
ATOM   371  C C   . GLN A 1 44  ? -6.354  -2.862  -5.577  1.00 8.57  ? 85  GLN A C   1 
ATOM   372  O O   . GLN A 1 44  ? -5.900  -3.848  -5.031  1.00 8.83  ? 85  GLN A O   1 
ATOM   373  C CB  . GLN A 1 44  ? -6.667  -2.932  -8.041  1.00 12.64 ? 85  GLN A CB  1 
ATOM   374  C CG  . GLN A 1 44  ? -6.193  -2.642  -9.455  1.00 16.23 ? 85  GLN A CG  1 
ATOM   375  C CD  . GLN A 1 44  ? -7.102  -3.329  -10.449 1.00 21.79 ? 85  GLN A CD  1 
ATOM   376  O OE1 . GLN A 1 44  ? -6.914  -4.497  -10.803 1.00 31.40 ? 85  GLN A OE1 1 
ATOM   377  N NE2 . GLN A 1 44  ? -8.151  -2.631  -10.837 1.00 26.02 ? 85  GLN A NE2 1 
ATOM   378  N N   . PRO A 1 45  ? -7.410  -2.180  -5.131  1.00 8.67  ? 86  PRO A N   1 
ATOM   379  C CA  . PRO A 1 45  ? -8.110  -2.656  -3.950  1.00 9.52  ? 86  PRO A CA  1 
ATOM   380  C C   . PRO A 1 45  ? -8.575  -4.099  -4.034  1.00 9.00  ? 86  PRO A C   1 
ATOM   381  O O   . PRO A 1 45  ? -8.969  -4.570  -5.122  1.00 9.62  ? 86  PRO A O   1 
ATOM   382  C CB  . PRO A 1 45  ? -9.320  -1.718  -3.889  1.00 10.04 ? 86  PRO A CB  1 
ATOM   383  C CG  . PRO A 1 45  ? -8.807  -0.436  -4.508  1.00 10.33 ? 86  PRO A CG  1 
ATOM   384  C CD  . PRO A 1 45  ? -7.905  -0.893  -5.615  1.00 10.67 ? 86  PRO A CD  1 
ATOM   385  N N   . VAL A 1 46  ? -8.574  -4.823  -2.930  1.00 8.38  ? 87  VAL A N   1 
ATOM   386  C CA  . VAL A 1 46  ? -9.197  -6.158  -2.901  1.00 9.01  ? 87  VAL A CA  1 
ATOM   387  C C   . VAL A 1 46  ? -10.625 -6.033  -3.390  1.00 8.95  ? 87  VAL A C   1 
ATOM   388  O O   . VAL A 1 46  ? -11.418 -5.244  -2.873  1.00 9.57  ? 87  VAL A O   1 
ATOM   389  C CB  . VAL A 1 46  ? -9.106  -6.744  -1.496  1.00 9.29  ? 87  VAL A CB  1 
ATOM   390  C CG1 . VAL A 1 46  ? -9.952  -7.975  -1.391  1.00 10.10 ? 87  VAL A CG1 1 
ATOM   391  C CG2 . VAL A 1 46  ? -7.680  -7.032  -1.086  1.00 10.23 ? 87  VAL A CG2 1 
ATOM   392  N N   . ASP A 1 47  ? -10.964 -6.858  -4.381  1.00 9.64  ? 88  ASP A N   1 
ATOM   393  C CA  . ASP A 1 47  ? -12.319 -6.907  -4.949  1.00 9.99  ? 88  ASP A CA  1 
ATOM   394  C C   . ASP A 1 47  ? -13.046 -8.102  -4.334  1.00 9.99  ? 88  ASP A C   1 
ATOM   395  O O   . ASP A 1 47  ? -12.884 -9.248  -4.781  1.00 10.44 ? 88  ASP A O   1 
ATOM   396  C CB  . ASP A 1 47  ? -12.247 -7.018  -6.469  1.00 10.92 ? 88  ASP A CB  1 
ATOM   397  C CG  . ASP A 1 47  ? -13.604 -6.977  -7.118  1.00 12.21 ? 88  ASP A CG  1 
ATOM   398  O OD1 . ASP A 1 47  ? -14.607 -7.229  -6.456  1.00 11.83 ? 88  ASP A OD1 1 
ATOM   399  O OD2 . ASP A 1 47  ? -13.653 -6.722  -8.356  1.00 14.09 ? 88  ASP A OD2 1 
ATOM   400  N N   . ALA A 1 48  ? -13.734 -7.843  -3.240  1.00 10.33 ? 89  ALA A N   1 
ATOM   401  C CA  . ALA A 1 48  ? -14.378 -8.902  -2.451  1.00 10.99 ? 89  ALA A CA  1 
ATOM   402  C C   . ALA A 1 48  ? -15.528 -9.532  -3.235  1.00 12.70 ? 89  ALA A C   1 
ATOM   403  O O   . ALA A 1 48  ? -15.867 -10.707 -2.969  1.00 13.44 ? 89  ALA A O   1 
ATOM   404  C CB  . ALA A 1 48  ? -14.883 -8.340  -1.161  1.00 12.58 ? 89  ALA A CB  1 
ATOM   405  N N   . VAL A 1 49  ? -16.130 -8.793  -4.131  1.00 13.83 ? 90  VAL A N   1 
ATOM   406  C CA  . VAL A 1 49  ? -17.253 -9.336  -4.948  1.00 15.93 ? 90  VAL A CA  1 
ATOM   407  C C   . VAL A 1 49  ? -16.639 -10.362 -5.886  1.00 16.25 ? 90  VAL A C   1 
ATOM   408  O O   . VAL A 1 49  ? -17.070 -11.531 -5.922  1.00 18.13 ? 90  VAL A O   1 
ATOM   409  C CB  . VAL A 1 49  ? -17.944 -8.202  -5.728  1.00 18.96 ? 90  VAL A CB  1 
ATOM   410  C CG1 . VAL A 1 49  ? -18.994 -8.795  -6.674  1.00 19.60 ? 90  VAL A CG1 1 
ATOM   411  C CG2 . VAL A 1 49  ? -18.549 -7.150  -4.827  1.00 20.02 ? 90  VAL A CG2 1 
ATOM   412  N N   . LYS A 1 50  ? -15.580 -10.013 -6.562  1.00 14.28 ? 91  LYS A N   1 
ATOM   413  C CA  . LYS A 1 50  ? -14.872 -10.924 -7.484  1.00 14.83 ? 91  LYS A CA  1 
ATOM   414  C C   . LYS A 1 50  ? -14.392 -12.202 -6.773  1.00 14.48 ? 91  LYS A C   1 
ATOM   415  O O   . LYS A 1 50  ? -14.403 -13.350 -7.355  1.00 15.24 ? 91  LYS A O   1 
ATOM   416  C CB  . LYS A 1 50  ? -13.707 -10.200 -8.153  1.00 16.38 ? 91  LYS A CB  1 
ATOM   417  C CG  . LYS A 1 50  ? -12.886 -11.107 -9.020  1.00 17.01 ? 91  LYS A CG  1 
ATOM   418  C CD  . LYS A 1 50  ? -12.208 -10.321 -10.007 1.00 21.84 ? 91  LYS A CD  1 
ATOM   419  C CE  . LYS A 1 50  ? -10.929 -9.838  -9.415  1.00 19.84 ? 91  LYS A CE  1 
ATOM   420  N NZ  . LYS A 1 50  ? -10.342 -8.770  -10.273 1.00 16.24 ? 91  LYS A NZ  1 
ATOM   421  N N   . LEU A 1 51  ? -13.853 -12.062 -5.569  1.00 11.86 ? 92  LEU A N   1 
ATOM   422  C CA  . LEU A 1 51  ? -13.233 -13.173 -4.837  1.00 11.95 ? 92  LEU A CA  1 
ATOM   423  C C   . LEU A 1 51  ? -14.229 -13.939 -3.955  1.00 11.38 ? 92  LEU A C   1 
ATOM   424  O O   . LEU A 1 51  ? -13.799 -14.902 -3.340  1.00 12.91 ? 92  LEU A O   1 
ATOM   425  C CB  . LEU A 1 51  ? -12.086 -12.569 -4.022  1.00 11.39 ? 92  LEU A CB  1 
ATOM   426  C CG  . LEU A 1 51  ? -10.986 -11.878 -4.845  1.00 12.52 ? 92  LEU A CG  1 
ATOM   427  C CD1 . LEU A 1 51  ? -9.869  -11.495 -3.885  1.00 12.85 ? 92  LEU A CD1 1 
ATOM   428  C CD2 . LEU A 1 51  ? -10.420 -12.736 -5.980  1.00 13.69 ? 92  LEU A CD2 1 
ATOM   429  N N   . ASN A 1 52  ? -15.466 -13.492 -3.915  1.00 12.95 ? 93  ASN A N   1 
ATOM   430  C CA  . ASN A 1 52  ? -16.495 -14.109 -3.028  1.00 15.84 ? 93  ASN A CA  1 
ATOM   431  C C   . ASN A 1 52  ? -16.032 -14.092 -1.572  1.00 16.74 ? 93  ASN A C   1 
ATOM   432  O O   . ASN A 1 52  ? -15.984 -15.180 -0.929  1.00 18.02 ? 93  ASN A O   1 
ATOM   433  C CB  . ASN A 1 52  ? -16.773 -15.577 -3.419  1.00 19.34 ? 93  ASN A CB  1 
ATOM   434  C CG  . ASN A 1 52  ? -17.854 -16.222 -2.573  1.00 20.98 ? 93  ASN A CG  1 
ATOM   435  O OD1 . ASN A 1 52  ? -18.668 -15.498 -1.995  1.00 23.88 ? 93  ASN A OD1 1 
ATOM   436  N ND2 . ASN A 1 52  ? -17.918 -17.549 -2.549  1.00 25.02 ? 93  ASN A ND2 1 
ATOM   437  N N   . LEU A 1 53  ? -15.627 -12.921 -1.076  1.00 13.45 ? 94  LEU A N   1 
ATOM   438  C CA  . LEU A 1 53  ? -15.177 -12.772 0.316   1.00 12.98 ? 94  LEU A CA  1 
ATOM   439  C C   . LEU A 1 53  ? -16.102 -11.804 1.026   1.00 11.99 ? 94  LEU A C   1 
ATOM   440  O O   . LEU A 1 53  ? -15.757 -10.669 1.284   1.00 11.19 ? 94  LEU A O   1 
ATOM   441  C CB  . LEU A 1 53  ? -13.736 -12.278 0.337   1.00 12.89 ? 94  LEU A CB  1 
ATOM   442  C CG  . LEU A 1 53  ? -12.688 -13.154 -0.378  1.00 15.57 ? 94  LEU A CG  1 
ATOM   443  C CD1 . LEU A 1 53  ? -11.334 -12.480 -0.326  1.00 17.32 ? 94  LEU A CD1 1 
ATOM   444  C CD2 . LEU A 1 53  ? -12.641 -14.546 0.238   1.00 21.19 ? 94  LEU A CD2 1 
ATOM   445  N N   . PRO A 1 54  ? -17.334 -12.260 1.404   1.00 12.62 ? 95  PRO A N   1 
ATOM   446  C CA  . PRO A 1 54  ? -18.276 -11.351 2.017   1.00 11.59 ? 95  PRO A CA  1 
ATOM   447  C C   . PRO A 1 54  ? -17.836 -10.786 3.376   1.00 10.37 ? 95  PRO A C   1 
ATOM   448  O O   . PRO A 1 54  ? -18.364 -9.787  3.802   1.00 11.94 ? 95  PRO A O   1 
ATOM   449  C CB  . PRO A 1 54  ? -19.547 -12.242 2.149   1.00 13.72 ? 95  PRO A CB  1 
ATOM   450  C CG  . PRO A 1 54  ? -19.038 -13.631 2.154   1.00 15.56 ? 95  PRO A CG  1 
ATOM   451  C CD  . PRO A 1 54  ? -17.901 -13.593 1.165   1.00 14.01 ? 95  PRO A CD  1 
ATOM   452  N N   . ASP A 1 55  ? -16.866 -11.408 4.041   1.00 10.42 ? 96  ASP A N   1 
ATOM   453  C CA  . ASP A 1 55  ? -16.371 -10.912 5.322   1.00 10.15 ? 96  ASP A CA  1 
ATOM   454  C C   . ASP A 1 55  ? -15.207 -9.950  5.213   1.00 9.25  ? 96  ASP A C   1 
ATOM   455  O O   . ASP A 1 55  ? -14.862 -9.343  6.217   1.00 10.41 ? 96  ASP A O   1 
ATOM   456  C CB  . ASP A 1 55  ? -15.974 -12.081 6.242   1.00 11.04 ? 96  ASP A CB  1 
ATOM   457  C CG  . ASP A 1 55  ? -14.802 -12.882 5.798   1.00 11.81 ? 96  ASP A CG  1 
ATOM   458  O OD1 . ASP A 1 55  ? -14.395 -12.773 4.610   1.00 13.37 ? 96  ASP A OD1 1 
ATOM   459  O OD2 . ASP A 1 55  ? -14.289 -13.642 6.661   1.00 13.24 ? 96  ASP A OD2 1 
ATOM   460  N N   . TYR A 1 56  ? -14.574 -9.792  4.041   1.00 9.36  ? 97  TYR A N   1 
ATOM   461  C CA  . TYR A 1 56  ? -13.278 -9.066  3.994   1.00 9.28  ? 97  TYR A CA  1 
ATOM   462  C C   . TYR A 1 56  ? -13.451 -7.646  4.528   1.00 9.67  ? 97  TYR A C   1 
ATOM   463  O O   . TYR A 1 56  ? -12.754 -7.184  5.426   1.00 9.70  ? 97  TYR A O   1 
ATOM   464  C CB  . TYR A 1 56  ? -12.697 -9.085  2.583   1.00 10.11 ? 97  TYR A CB  1 
ATOM   465  C CG  . TYR A 1 56  ? -11.366 -8.411  2.493   1.00 8.68  ? 97  TYR A CG  1 
ATOM   466  C CD1 . TYR A 1 56  ? -10.205 -9.116  2.758   1.00 9.12  ? 97  TYR A CD1 1 
ATOM   467  C CD2 . TYR A 1 56  ? -11.265 -7.051  2.255   1.00 9.10  ? 97  TYR A CD2 1 
ATOM   468  C CE1 . TYR A 1 56  ? -8.974  -8.499  2.778   1.00 8.71  ? 97  TYR A CE1 1 
ATOM   469  C CE2 . TYR A 1 56  ? -10.034 -6.414  2.286   1.00 9.19  ? 97  TYR A CE2 1 
ATOM   470  C CZ  . TYR A 1 56  ? -8.892  -7.143  2.547   1.00 8.84  ? 97  TYR A CZ  1 
ATOM   471  O OH  . TYR A 1 56  ? -7.705  -6.489  2.634   1.00 9.50  ? 97  TYR A OH  1 
ATOM   472  N N   . TYR A 1 57  ? -14.447 -6.947  3.993   1.00 9.11  ? 98  TYR A N   1 
ATOM   473  C CA  . TYR A 1 57  ? -14.722 -5.546  4.357   1.00 9.87  ? 98  TYR A CA  1 
ATOM   474  C C   . TYR A 1 57  ? -15.672 -5.442  5.549   1.00 10.44 ? 98  TYR A C   1 
ATOM   475  O O   . TYR A 1 57  ? -16.225 -4.352  5.829   1.00 11.76 ? 98  TYR A O   1 
ATOM   476  C CB  . TYR A 1 57  ? -15.222 -4.798  3.134   1.00 8.78  ? 98  TYR A CB  1 
ATOM   477  C CG  . TYR A 1 57  ? -14.166 -4.538  2.105   1.00 7.99  ? 98  TYR A CG  1 
ATOM   478  C CD1 . TYR A 1 57  ? -13.094 -3.713  2.367   1.00 8.50  ? 98  TYR A CD1 1 
ATOM   479  C CD2 . TYR A 1 57  ? -14.234 -5.147  0.875   1.00 8.23  ? 98  TYR A CD2 1 
ATOM   480  C CE1 . TYR A 1 57  ? -12.125 -3.486  1.421   1.00 8.12  ? 98  TYR A CE1 1 
ATOM   481  C CE2 . TYR A 1 57  ? -13.264 -4.932  -0.108  1.00 7.96  ? 98  TYR A CE2 1 
ATOM   482  C CZ  . TYR A 1 57  ? -12.218 -4.071  0.165   1.00 7.77  ? 98  TYR A CZ  1 
ATOM   483  O OH  . TYR A 1 57  ? -11.220 -3.730  -0.706  1.00 8.52  ? 98  TYR A OH  1 
ATOM   484  N N   . LYS A 1 58  ? -15.765 -6.526  6.306   1.00 10.45 ? 99  LYS A N   1 
ATOM   485  C CA  . LYS A 1 58  ? -16.433 -6.491  7.628   1.00 10.50 ? 99  LYS A CA  1 
ATOM   486  C C   . LYS A 1 58  ? -15.375 -6.721  8.708   1.00 10.57 ? 99  LYS A C   1 
ATOM   487  O O   . LYS A 1 58  ? -15.608 -6.458  9.854   1.00 13.05 ? 99  LYS A O   1 
ATOM   488  C CB  . LYS A 1 58  ? -17.516 -7.559  7.740   1.00 11.38 ? 99  LYS A CB  1 
ATOM   489  C CG  . LYS A 1 58  ? -18.730 -7.272  6.888   1.00 11.49 ? 99  LYS A CG  1 
ATOM   490  C CD  . LYS A 1 58  ? -19.786 -8.336  7.083   1.00 11.98 ? 99  LYS A CD  1 
ATOM   491  C CE  . LYS A 1 58  ? -21.127 -7.946  6.472   1.00 13.27 ? 99  LYS A CE  1 
ATOM   492  N NZ  . LYS A 1 58  ? -21.705 -6.761  7.168   1.00 12.55 ? 99  LYS A NZ  1 
ATOM   493  N N   . ILE A 1 59  ? -14.227 -7.265  8.323   1.00 11.13 ? 100 ILE A N   1 
ATOM   494  C CA  . ILE A 1 59  ? -13.195 -7.501  9.315   1.00 12.22 ? 100 ILE A CA  1 
ATOM   495  C C   . ILE A 1 59  ? -11.938 -6.656  9.123   1.00 12.49 ? 100 ILE A C   1 
ATOM   496  O O   . ILE A 1 59  ? -11.209 -6.475  10.040  1.00 16.58 ? 100 ILE A O   1 
ATOM   497  C CB  . ILE A 1 59  ? -12.948 -9.009  9.579   1.00 16.78 ? 100 ILE A CB  1 
ATOM   498  C CG1 . ILE A 1 59  ? -12.230 -9.679  8.437   1.00 15.20 ? 100 ILE A CG1 1 
ATOM   499  C CG2 . ILE A 1 59  ? -14.243 -9.753  9.924   1.00 17.47 ? 100 ILE A CG2 1 
ATOM   500  C CD1 . ILE A 1 59  ? -11.965 -11.152 8.754   1.00 17.60 ? 100 ILE A CD1 1 
ATOM   501  N N   . ILE A 1 60  ? -11.715 -6.124  7.929   1.00 11.87 ? 101 ILE A N   1 
ATOM   502  C CA  . ILE A 1 60  ? -10.590 -5.237  7.644   1.00 11.36 ? 101 ILE A CA  1 
ATOM   503  C C   . ILE A 1 60  ? -11.083 -3.776  7.747   1.00 11.37 ? 101 ILE A C   1 
ATOM   504  O O   . ILE A 1 60  ? -11.913 -3.338  6.979   1.00 11.98 ? 101 ILE A O   1 
ATOM   505  C CB  . ILE A 1 60  ? -9.970  -5.540  6.254   1.00 12.45 ? 101 ILE A CB  1 
ATOM   506  C CG1 . ILE A 1 60  ? -9.375  -6.962  6.201   1.00 13.19 ? 101 ILE A CG1 1 
ATOM   507  C CG2 . ILE A 1 60  ? -8.905  -4.509  5.906   1.00 12.66 ? 101 ILE A CG2 1 
ATOM   508  C CD1 . ILE A 1 60  ? -8.231  -7.252  7.160   1.00 13.74 ? 101 ILE A CD1 1 
ATOM   509  N N   . LYS A 1 61  ? -10.603 -3.077  8.767   1.00 12.04 ? 102 LYS A N   1 
ATOM   510  C CA  . LYS A 1 61  ? -10.986 -1.668  9.016   1.00 12.34 ? 102 LYS A CA  1 
ATOM   511  C C   . LYS A 1 61  ? -10.411 -0.626  8.063   1.00 12.12 ? 102 LYS A C   1 
ATOM   512  O O   . LYS A 1 61  ? -11.080 0.318   7.711   1.00 12.51 ? 102 LYS A O   1 
ATOM   513  C CB  . LYS A 1 61  ? -10.684 -1.239  10.469  1.00 14.24 ? 102 LYS A CB  1 
ATOM   514  C CG  . LYS A 1 61  ? -11.215 0.168   10.824  1.00 18.33 ? 102 LYS A CG  1 
ATOM   515  C CD  . LYS A 1 61  ? -10.620 0.719   12.140  1.00 19.33 ? 102 LYS A CD  1 
ATOM   516  C CE  . LYS A 1 61  ? -11.153 2.110   12.501  1.00 23.17 ? 102 LYS A CE  1 
ATOM   517  N NZ  . LYS A 1 61  ? -10.608 2.634   13.776  1.00 25.75 ? 102 LYS A NZ  1 
ATOM   518  N N   . THR A 1 62  ? -9.148  -0.826  7.693   1.00 10.87 ? 103 THR A N   1 
ATOM   519  C CA  . THR A 1 62  ? -8.421  0.111   6.889   1.00 11.26 ? 103 THR A CA  1 
ATOM   520  C C   . THR A 1 62  ? -7.796  -0.610  5.679   1.00 9.75  ? 103 THR A C   1 
ATOM   521  O O   . THR A 1 62  ? -6.630  -0.956  5.685   1.00 10.40 ? 103 THR A O   1 
ATOM   522  C CB  . THR A 1 62  ? -7.320  0.826   7.736   1.00 12.24 ? 103 THR A CB  1 
ATOM   523  O OG1 . THR A 1 62  ? -7.909  1.385   8.915   1.00 15.23 ? 103 THR A OG1 1 
ATOM   524  C CG2 . THR A 1 62  ? -6.656  1.920   6.918   1.00 12.92 ? 103 THR A CG2 1 
ATOM   525  N N   . PRO A 1 63  ? -8.603  -0.896  4.665   1.00 9.50  ? 104 PRO A N   1 
ATOM   526  C CA  . PRO A 1 63  ? -8.041  -1.508  3.465   1.00 9.53  ? 104 PRO A CA  1 
ATOM   527  C C   . PRO A 1 63  ? -6.977  -0.580  2.881   1.00 9.33  ? 104 PRO A C   1 
ATOM   528  O O   . PRO A 1 63  ? -7.080  0.622   2.932   1.00 9.55  ? 104 PRO A O   1 
ATOM   529  C CB  . PRO A 1 63  ? -9.247  -1.720  2.561   1.00 11.41 ? 104 PRO A CB  1 
ATOM   530  C CG  . PRO A 1 63  ? -10.383 -0.993  3.178   1.00 11.21 ? 104 PRO A CG  1 
ATOM   531  C CD  . PRO A 1 63  ? -10.035 -0.611  4.574   1.00 10.59 ? 104 PRO A CD  1 
ATOM   532  N N   . MET A 1 64  ? -5.995  -1.188  2.214   1.00 8.96  ? 105 MET A N   1 
ATOM   533  C CA  . MET A 1 64  ? -4.989  -0.418  1.496   1.00 8.39  ? 105 MET A CA  1 
ATOM   534  C C   . MET A 1 64  ? -4.366  -1.312  0.440   1.00 7.84  ? 105 MET A C   1 
ATOM   535  O O   . MET A 1 64  ? -4.264  -2.521  0.619   1.00 8.64  ? 105 MET A O   1 
ATOM   536  C CB  . MET A 1 64  ? -3.924  0.087   2.466   1.00 8.73  ? 105 MET A CB  1 
ATOM   537  C CG  . MET A 1 64  ? -2.949  1.062   1.905   1.00 9.78  ? 105 MET A CG  1 
ATOM   538  S SD  . MET A 1 64  ? -3.673  2.469   0.984   1.00 10.25 ? 105 MET A SD  1 
ATOM   539  C CE  . MET A 1 64  ? -4.790  3.163   2.204   1.00 11.21 ? 105 MET A CE  1 
ATOM   540  N N   . ASP A 1 65  ? -3.896  -0.672  -0.594  1.00 8.12  ? 106 ASP A N   1 
ATOM   541  C CA  . ASP A 1 65  ? -3.315  -1.364  -1.774  1.00 8.01  ? 106 ASP A CA  1 
ATOM   542  C C   . ASP A 1 65  ? -2.328  -0.428  -2.412  1.00 7.81  ? 106 ASP A C   1 
ATOM   543  O O   . ASP A 1 65  ? -2.386  0.823   -2.215  1.00 8.65  ? 106 ASP A O   1 
ATOM   544  C CB  . ASP A 1 65  ? -4.403  -1.809  -2.752  1.00 8.75  ? 106 ASP A CB  1 
ATOM   545  C CG  . ASP A 1 65  ? -5.058  -0.604  -3.352  1.00 8.74  ? 106 ASP A CG  1 
ATOM   546  O OD1 . ASP A 1 65  ? -5.976  0.003   -2.698  1.00 9.43  ? 106 ASP A OD1 1 
ATOM   547  O OD2 . ASP A 1 65  ? -4.654  -0.197  -4.458  1.00 9.46  ? 106 ASP A OD2 1 
ATOM   548  N N   . MET A 1 66  ? -1.462  -0.945  -3.274  1.00 8.21  ? 107 MET A N   1 
ATOM   549  C CA  . MET A 1 66  ? -0.458  -0.114  -3.937  1.00 9.05  ? 107 MET A CA  1 
ATOM   550  C C   . MET A 1 66  ? -1.071  0.780   -4.985  1.00 9.48  ? 107 MET A C   1 
ATOM   551  O O   . MET A 1 66  ? -0.421  1.805   -5.294  1.00 10.68 ? 107 MET A O   1 
ATOM   552  C CB  . MET A 1 66  ? 0.654   -0.952  -4.566  1.00 10.25 ? 107 MET A CB  1 
ATOM   553  C CG  . MET A 1 66  ? 1.503   -1.679  -3.557  1.00 10.29 ? 107 MET A CG  1 
ATOM   554  S SD  . MET A 1 66  ? 3.098   -2.188  -4.143  1.00 11.92 ? 107 MET A SD  1 
ATOM   555  C CE  . MET A 1 66  ? 2.681   -3.313  -5.469  1.00 12.26 ? 107 MET A CE  1 
ATOM   556  N N   . GLY A 1 67  ? -2.181  0.465   -5.610  1.00 9.46  ? 108 GLY A N   1 
ATOM   557  C CA  . GLY A 1 67  ? -2.787  1.404   -6.543  1.00 10.22 ? 108 GLY A CA  1 
ATOM   558  C C   . GLY A 1 67  ? -3.188  2.684   -5.825  1.00 10.31 ? 108 GLY A C   1 
ATOM   559  O O   . GLY A 1 67  ? -2.956  3.796   -6.354  1.00 11.51 ? 108 GLY A O   1 
ATOM   560  N N   . THR A 1 68  ? -3.775  2.533   -4.649  1.00 9.99  ? 109 THR A N   1 
ATOM   561  C CA  . THR A 1 68  ? -4.125  3.690   -3.797  1.00 9.87  ? 109 THR A CA  1 
ATOM   562  C C   . THR A 1 68  ? -2.880  4.450   -3.353  1.00 10.24 ? 109 THR A C   1 
ATOM   563  O O   . THR A 1 68  ? -2.874  5.702   -3.375  1.00 11.41 ? 109 THR A O   1 
ATOM   564  C CB  . THR A 1 68  ? -4.944  3.234   -2.602  1.00 10.00 ? 109 THR A CB  1 
ATOM   565  O OG1 . THR A 1 68  ? -6.147  2.622   -3.062  1.00 10.32 ? 109 THR A OG1 1 
ATOM   566  C CG2 . THR A 1 68  ? -5.278  4.358   -1.657  1.00 10.83 ? 109 THR A CG2 1 
ATOM   567  N N   . ILE A 1 69  ? -1.838  3.747   -2.941  1.00 9.80  ? 110 ILE A N   1 
ATOM   568  C CA  . ILE A 1 69  ? -0.601  4.415   -2.466  1.00 10.92 ? 110 ILE A CA  1 
ATOM   569  C C   . ILE A 1 69  ? -0.009  5.170   -3.638  1.00 11.89 ? 110 ILE A C   1 
ATOM   570  O O   . ILE A 1 69  ? 0.409   6.349   -3.437  1.00 12.09 ? 110 ILE A O   1 
ATOM   571  C CB  . ILE A 1 69  ? 0.370   3.381   -1.899  1.00 10.54 ? 110 ILE A CB  1 
ATOM   572  C CG1 . ILE A 1 69  ? -0.173  2.767   -0.614  1.00 10.52 ? 110 ILE A CG1 1 
ATOM   573  C CG2 . ILE A 1 69  ? 1.711   4.044   -1.649  1.00 11.54 ? 110 ILE A CG2 1 
ATOM   574  C CD1 . ILE A 1 69  ? 0.595   1.546   -0.166  1.00 10.82 ? 110 ILE A CD1 1 
ATOM   575  N N   . LYS A 1 70  ? 0.036   4.601   -4.827  1.00 11.25 ? 111 LYS A N   1 
ATOM   576  C CA  . LYS A 1 70  ? 0.572   5.257   -6.038  1.00 13.12 ? 111 LYS A CA  1 
ATOM   577  C C   . LYS A 1 70  ? -0.238  6.543   -6.258  1.00 14.27 ? 111 LYS A C   1 
ATOM   578  O O   . LYS A 1 70  ? 0.396   7.617   -6.477  1.00 15.53 ? 111 LYS A O   1 
ATOM   579  C CB  . LYS A 1 70  ? 0.500   4.267   -7.192  1.00 14.44 ? 111 LYS A CB  1 
ATOM   580  C CG  . LYS A 1 70  ? 1.003   4.819   -8.527  1.00 16.71 ? 111 LYS A CG  1 
ATOM   581  C CD  . LYS A 1 70  ? 1.116   3.697   -9.536  1.00 18.48 ? 111 LYS A CD  1 
ATOM   582  C CE  . LYS A 1 70  ? 1.859   4.039   -10.812 1.00 25.45 ? 111 LYS A CE  1 
ATOM   583  N NZ  . LYS A 1 70  ? 1.179   5.136   -11.525 1.00 29.06 ? 111 LYS A NZ  1 
ATOM   584  N N   . LYS A 1 71  ? -1.564  6.485   -6.278  1.00 13.27 ? 112 LYS A N   1 
ATOM   585  C CA  . LYS A 1 71  ? -2.398  7.699   -6.476  1.00 14.85 ? 112 LYS A CA  1 
ATOM   586  C C   . LYS A 1 71  ? -2.134  8.682   -5.340  1.00 12.76 ? 112 LYS A C   1 
ATOM   587  O O   . LYS A 1 71  ? -2.195  9.921   -5.600  1.00 15.67 ? 112 LYS A O   1 
ATOM   588  C CB  . LYS A 1 71  ? -3.888  7.313   -6.517  1.00 15.42 ? 112 LYS A CB  1 
ATOM   589  C CG  . LYS A 1 71  ? -4.327  6.587   -7.787  1.00 18.73 ? 112 LYS A CG  1 
ATOM   590  C CD  . LYS A 1 71  ? -5.784  6.089   -7.809  1.00 22.42 ? 112 LYS A CD  1 
ATOM   591  C CE  . LYS A 1 71  ? -6.173  5.402   -9.103  1.00 25.86 ? 112 LYS A CE  1 
ATOM   592  N NZ  . LYS A 1 71  ? -7.584  4.950   -9.091  1.00 31.70 ? 112 LYS A NZ  1 
ATOM   593  N N   . ARG A 1 72  ? -2.030  8.246   -4.110  1.00 13.47 ? 113 ARG A N   1 
ATOM   594  C CA  . ARG A 1 72  ? -1.768  9.160   -2.955  1.00 12.56 ? 113 ARG A CA  1 
ATOM   595  C C   . ARG A 1 72  ? -0.438  9.882   -3.164  1.00 14.31 ? 113 ARG A C   1 
ATOM   596  O O   . ARG A 1 72  ? -0.402  11.145  -2.996  1.00 15.26 ? 113 ARG A O   1 
ATOM   597  C CB  . ARG A 1 72  ? -1.788  8.452   -1.613  1.00 12.22 ? 113 ARG A CB  1 
ATOM   598  C CG  . ARG A 1 72  ? -3.183  8.156   -1.126  1.00 12.13 ? 113 ARG A CG  1 
ATOM   599  C CD  . ARG A 1 72  ? -3.318  7.475   0.178   1.00 12.91 ? 113 ARG A CD  1 
ATOM   600  N NE  . ARG A 1 72  ? -4.709  7.430   0.573   1.00 11.54 ? 113 ARG A NE  1 
ATOM   601  C CZ  . ARG A 1 72  ? -5.144  7.155   1.754   1.00 13.15 ? 113 ARG A CZ  1 
ATOM   602  N NH1 . ARG A 1 72  ? -4.323  6.732   2.716   1.00 13.70 ? 113 ARG A NH1 1 
ATOM   603  N NH2 . ARG A 1 72  ? -6.412  7.281   2.049   1.00 14.02 ? 113 ARG A NH2 1 
ATOM   604  N N   . LEU A 1 73  ? 0.593   9.214   -3.653  1.00 13.60 ? 114 LEU A N   1 
ATOM   605  C CA  . LEU A 1 73  ? 1.906   9.867   -3.853  1.00 14.48 ? 114 LEU A CA  1 
ATOM   606  C C   . LEU A 1 73  ? 1.752   10.829  -5.023  1.00 16.79 ? 114 LEU A C   1 
ATOM   607  O O   . LEU A 1 73  ? 2.195   11.984  -4.939  1.00 17.05 ? 114 LEU A O   1 
ATOM   608  C CB  . LEU A 1 73  ? 2.975   8.809   -4.112  1.00 13.96 ? 114 LEU A CB  1 
ATOM   609  C CG  . LEU A 1 73  ? 3.442   8.037   -2.883  1.00 14.17 ? 114 LEU A CG  1 
ATOM   610  C CD1 . LEU A 1 73  ? 4.158   6.750   -3.276  1.00 13.53 ? 114 LEU A CD1 1 
ATOM   611  C CD2 . LEU A 1 73  ? 4.360   8.897   -2.050  1.00 13.20 ? 114 LEU A CD2 1 
ATOM   612  N N   . GLU A 1 74  ? 1.105   10.411  -6.088  1.00 16.30 ? 115 GLU A N   1 
ATOM   613  C CA  . GLU A 1 74  ? 0.862   11.255  -7.291  1.00 18.53 ? 115 GLU A CA  1 
ATOM   614  C C   . GLU A 1 74  ? 0.040   12.482  -6.948  1.00 14.48 ? 115 GLU A C   1 
ATOM   615  O O   . GLU A 1 74  ? 0.332   13.556  -7.587  1.00 18.49 ? 115 GLU A O   1 
ATOM   616  C CB  . GLU A 1 74  ? 0.147   10.485  -8.391  1.00 19.03 ? 115 GLU A CB  1 
ATOM   617  C CG  . GLU A 1 74  ? 1.052   9.510   -9.123  1.00 21.73 ? 115 GLU A CG  1 
ATOM   618  C CD  . GLU A 1 74  ? 0.324   8.468   -9.976  1.00 23.89 ? 115 GLU A CD  1 
ATOM   619  O OE1 . GLU A 1 74  ? -0.913  8.387   -9.895  1.00 24.91 ? 115 GLU A OE1 1 
ATOM   620  O OE2 . GLU A 1 74  ? 0.995   7.701   -10.706 1.00 26.84 ? 115 GLU A OE2 1 
ATOM   621  N N   . ASN A 1 75  ? -0.855  12.446  -5.991  1.00 15.95 ? 116 ASN A N   1 
ATOM   622  C CA  . ASN A 1 75  ? -1.748  13.572  -5.655  1.00 16.99 ? 116 ASN A CA  1 
ATOM   623  C C   . ASN A 1 75  ? -1.225  14.312  -4.424  1.00 18.45 ? 116 ASN A C   1 
ATOM   624  O O   . ASN A 1 75  ? -1.961  15.110  -3.863  1.00 18.14 ? 116 ASN A O   1 
ATOM   625  C CB  . ASN A 1 75  ? -3.188  13.108  -5.464  1.00 19.97 ? 116 ASN A CB  1 
ATOM   626  C CG  . ASN A 1 75  ? -3.801  12.546  -6.724  1.00 21.37 ? 116 ASN A CG  1 
ATOM   627  O OD1 . ASN A 1 75  ? -3.352  12.863  -7.834  1.00 25.57 ? 116 ASN A OD1 1 
ATOM   628  N ND2 . ASN A 1 75  ? -4.837  11.731  -6.558  1.00 21.36 ? 116 ASN A ND2 1 
ATOM   629  N N   . ASN A 1 76  ? -0.009  14.049  -3.948  1.00 17.48 ? 117 ASN A N   1 
ATOM   630  C CA  . ASN A 1 76  ? 0.583   14.686  -2.738  1.00 16.01 ? 117 ASN A CA  1 
ATOM   631  C C   . ASN A 1 76  ? -0.346  14.610  -1.531  1.00 16.32 ? 117 ASN A C   1 
ATOM   632  O O   . ASN A 1 76  ? -0.460  15.567  -0.739  1.00 18.58 ? 117 ASN A O   1 
ATOM   633  C CB  . ASN A 1 76  ? 0.958   16.143  -3.006  1.00 19.70 ? 117 ASN A CB  1 
ATOM   634  C CG  . ASN A 1 76  ? 1.617   16.273  -4.356  1.00 24.24 ? 117 ASN A CG  1 
ATOM   635  O OD1 . ASN A 1 76  ? 0.988   16.782  -5.288  1.00 36.35 ? 117 ASN A OD1 1 
ATOM   636  N ND2 . ASN A 1 76  ? 2.815   15.741  -4.498  1.00 22.62 ? 117 ASN A ND2 1 
ATOM   637  N N   . TYR A 1 77  ? -1.038  13.488  -1.397  1.00 14.02 ? 118 TYR A N   1 
ATOM   638  C CA  . TYR A 1 77  ? -1.923  13.204  -0.259  1.00 13.90 ? 118 TYR A CA  1 
ATOM   639  C C   . TYR A 1 77  ? -1.136  13.117  1.071   1.00 12.57 ? 118 TYR A C   1 
ATOM   640  O O   . TYR A 1 77  ? -1.691  13.397  2.109   1.00 13.70 ? 118 TYR A O   1 
ATOM   641  C CB  . TYR A 1 77  ? -2.756  11.938  -0.536  1.00 12.76 ? 118 TYR A CB  1 
ATOM   642  C CG  . TYR A 1 77  ? -3.876  11.638  0.413   1.00 14.98 ? 118 TYR A CG  1 
ATOM   643  C CD1 . TYR A 1 77  ? -5.136  12.193  0.184   1.00 16.04 ? 118 TYR A CD1 1 
ATOM   644  C CD2 . TYR A 1 77  ? -3.737  10.836  1.528   1.00 14.70 ? 118 TYR A CD2 1 
ATOM   645  C CE1 . TYR A 1 77  ? -6.209  11.899  1.015   1.00 16.65 ? 118 TYR A CE1 1 
ATOM   646  C CE2 . TYR A 1 77  ? -4.795  10.593  2.379   1.00 17.47 ? 118 TYR A CE2 1 
ATOM   647  C CZ  . TYR A 1 77  ? -6.041  11.127  2.118   1.00 17.36 ? 118 TYR A CZ  1 
ATOM   648  O OH  . TYR A 1 77  ? -7.075  10.901  2.984   1.00 20.21 ? 118 TYR A OH  1 
ATOM   649  N N   . TYR A 1 78  ? 0.112   12.594  1.018   1.00 12.58 ? 119 TYR A N   1 
ATOM   650  C CA  . TYR A 1 78  ? 0.880   12.334  2.246   1.00 13.09 ? 119 TYR A CA  1 
ATOM   651  C C   . TYR A 1 78  ? 1.677   13.569  2.587   1.00 12.75 ? 119 TYR A C   1 
ATOM   652  O O   . TYR A 1 78  ? 2.416   14.081  1.749   1.00 12.71 ? 119 TYR A O   1 
ATOM   653  C CB  . TYR A 1 78  ? 1.852   11.171  2.111   1.00 12.04 ? 119 TYR A CB  1 
ATOM   654  C CG  . TYR A 1 78  ? 1.202   9.868   1.736   1.00 11.85 ? 119 TYR A CG  1 
ATOM   655  C CD1 . TYR A 1 78  ? 0.334   9.273   2.608   1.00 12.08 ? 119 TYR A CD1 1 
ATOM   656  C CD2 . TYR A 1 78  ? 1.549   9.204   0.572   1.00 12.77 ? 119 TYR A CD2 1 
ATOM   657  C CE1 . TYR A 1 78  ? -0.183  8.037   2.295   1.00 12.07 ? 119 TYR A CE1 1 
ATOM   658  C CE2 . TYR A 1 78  ? 0.967   7.993   0.227   1.00 11.87 ? 119 TYR A CE2 1 
ATOM   659  C CZ  . TYR A 1 78  ? 0.150   7.359   1.129   1.00 12.95 ? 119 TYR A CZ  1 
ATOM   660  O OH  . TYR A 1 78  ? -0.336  6.110   0.809   1.00 13.50 ? 119 TYR A OH  1 
ATOM   661  N N   . TRP A 1 79  ? 1.557   14.010  3.818   1.00 11.42 ? 120 TRP A N   1 
ATOM   662  C CA  . TRP A 1 79  ? 2.417   15.113  4.337   1.00 10.82 ? 120 TRP A CA  1 
ATOM   663  C C   . TRP A 1 79  ? 3.818   14.599  4.612   1.00 11.74 ? 120 TRP A C   1 
ATOM   664  O O   . TRP A 1 79  ? 4.793   15.392  4.500   1.00 12.08 ? 120 TRP A O   1 
ATOM   665  C CB  . TRP A 1 79  ? 1.786   15.625  5.621   1.00 10.73 ? 120 TRP A CB  1 
ATOM   666  C CG  . TRP A 1 79  ? 2.466   16.820  6.168   1.00 10.39 ? 120 TRP A CG  1 
ATOM   667  C CD1 . TRP A 1 79  ? 3.338   16.876  7.206   1.00 11.41 ? 120 TRP A CD1 1 
ATOM   668  C CD2 . TRP A 1 79  ? 2.347   18.166  5.694   1.00 9.25  ? 120 TRP A CD2 1 
ATOM   669  N NE1 . TRP A 1 79  ? 3.794   18.132  7.400   1.00 11.38 ? 120 TRP A NE1 1 
ATOM   670  C CE2 . TRP A 1 79  ? 3.198   18.959  6.509   1.00 9.80  ? 120 TRP A CE2 1 
ATOM   671  C CE3 . TRP A 1 79  ? 1.628   18.784  4.676   1.00 9.29  ? 120 TRP A CE3 1 
ATOM   672  C CZ2 . TRP A 1 79  ? 3.322   20.330  6.322   1.00 10.20 ? 120 TRP A CZ2 1 
ATOM   673  C CZ3 . TRP A 1 79  ? 1.774   20.144  4.487   1.00 10.59 ? 120 TRP A CZ3 1 
ATOM   674  C CH2 . TRP A 1 79  ? 2.590   20.899  5.320   1.00 10.46 ? 120 TRP A CH2 1 
ATOM   675  N N   . ASN A 1 80  ? 3.977   13.373  5.026   1.00 11.94 ? 121 ASN A N   1 
ATOM   676  C CA  . ASN A 1 80  ? 5.328   12.920  5.381   1.00 11.88 ? 121 ASN A CA  1 
ATOM   677  C C   . ASN A 1 80  ? 5.475   11.442  5.045   1.00 12.55 ? 121 ASN A C   1 
ATOM   678  O O   . ASN A 1 80  ? 4.489   10.688  4.674   1.00 12.54 ? 121 ASN A O   1 
ATOM   679  C CB  . ASN A 1 80  ? 5.607   13.256  6.830   1.00 14.05 ? 121 ASN A CB  1 
ATOM   680  C CG  . ASN A 1 80  ? 4.727   12.517  7.798   1.00 13.17 ? 121 ASN A CG  1 
ATOM   681  O OD1 . ASN A 1 80  ? 4.305   11.374  7.535   1.00 14.96 ? 121 ASN A OD1 1 
ATOM   682  N ND2 . ASN A 1 80  ? 4.382   13.128  8.919   1.00 14.23 ? 121 ASN A ND2 1 
ATOM   683  N N   . ALA A 1 81  ? 6.692   10.966  5.222   1.00 11.73 ? 122 ALA A N   1 
ATOM   684  C CA  . ALA A 1 81  ? 7.058   9.589   4.852   1.00 12.89 ? 122 ALA A CA  1 
ATOM   685  C C   . ALA A 1 81  ? 6.351   8.634   5.772   1.00 13.11 ? 122 ALA A C   1 
ATOM   686  O O   . ALA A 1 81  ? 5.991   7.513   5.322   1.00 13.26 ? 122 ALA A O   1 
ATOM   687  C CB  . ALA A 1 81  ? 8.554   9.398   4.920   1.00 12.93 ? 122 ALA A CB  1 
ATOM   688  N N   . GLN A 1 82  ? 6.191   8.946   7.033   1.00 12.82 ? 123 GLN A N   1 
ATOM   689  C CA  . GLN A 1 82  ? 5.573   8.022   8.008   1.00 14.71 ? 123 GLN A CA  1 
ATOM   690  C C   . GLN A 1 82  ? 4.160   7.681   7.532   1.00 13.09 ? 123 GLN A C   1 
ATOM   691  O O   . GLN A 1 82  ? 3.788   6.534   7.724   1.00 12.31 ? 123 GLN A O   1 
ATOM   692  C CB  . GLN A 1 82  ? 5.549   8.700   9.381   1.00 15.88 ? 123 GLN A CB  1 
ATOM   693  C CG  . GLN A 1 82  ? 4.930   7.961   10.562  1.00 21.35 ? 123 GLN A CG  1 
ATOM   694  C CD  . GLN A 1 82  ? 4.893   8.841   11.801  1.00 28.37 ? 123 GLN A CD  1 
ATOM   695  O OE1 . GLN A 1 82  ? 5.504   9.910   11.852  1.00 31.86 ? 123 GLN A OE1 1 
ATOM   696  N NE2 . GLN A 1 82  ? 4.123   8.449   12.803  1.00 35.08 ? 123 GLN A NE2 1 
ATOM   697  N N   . GLU A 1 83  ? 3.436   8.624   7.003   1.00 11.71 ? 124 GLU A N   1 
ATOM   698  C CA  . GLU A 1 83  ? 2.061   8.321   6.549   1.00 11.68 ? 124 GLU A CA  1 
ATOM   699  C C   . GLU A 1 83  ? 2.069   7.335   5.383   1.00 10.87 ? 124 GLU A C   1 
ATOM   700  O O   . GLU A 1 83  ? 1.182   6.446   5.294   1.00 10.92 ? 124 GLU A O   1 
ATOM   701  C CB  . GLU A 1 83  ? 1.352   9.582   6.096   1.00 13.38 ? 124 GLU A CB  1 
ATOM   702  C CG  . GLU A 1 83  ? 1.004   10.592  7.194   1.00 14.68 ? 124 GLU A CG  1 
ATOM   703  C CD  . GLU A 1 83  ? 0.395   11.868  6.661   1.00 16.67 ? 124 GLU A CD  1 
ATOM   704  O OE1 . GLU A 1 83  ? 0.486   12.186  5.462   1.00 19.82 ? 124 GLU A OE1 1 
ATOM   705  O OE2 . GLU A 1 83  ? -0.361  12.535  7.438   1.00 15.25 ? 124 GLU A OE2 1 
ATOM   706  N N   . CYS A 1 84  ? 2.965   7.508   4.459   1.00 10.91 ? 125 CYS A N   1 
ATOM   707  C CA  . CYS A 1 84  ? 3.029   6.585   3.306   1.00 10.12 ? 125 CYS A CA  1 
ATOM   708  C C   . CYS A 1 84  ? 3.552   5.229   3.770   1.00 10.16 ? 125 CYS A C   1 
ATOM   709  O O   . CYS A 1 84  ? 2.973   4.174   3.378   1.00 10.53 ? 125 CYS A O   1 
ATOM   710  C CB  . CYS A 1 84  ? 3.964   7.205   2.292   1.00 11.07 ? 125 CYS A CB  1 
ATOM   711  S SG  . CYS A 1 84  ? 4.283   6.125   0.869   1.00 12.43 ? 125 CYS A SG  1 
ATOM   712  N N   . ILE A 1 85  ? 4.596   5.155   4.570   1.00 10.43 ? 126 ILE A N   1 
ATOM   713  C CA  . ILE A 1 85  ? 5.113   3.897   5.121   1.00 10.60 ? 126 ILE A CA  1 
ATOM   714  C C   . ILE A 1 85  ? 3.994   3.206   5.877   1.00 10.61 ? 126 ILE A C   1 
ATOM   715  O O   . ILE A 1 85  ? 3.882   1.982   5.777   1.00 10.82 ? 126 ILE A O   1 
ATOM   716  C CB  . ILE A 1 85  ? 6.374   4.196   5.966   1.00 11.68 ? 126 ILE A CB  1 
ATOM   717  C CG1 . ILE A 1 85  ? 7.508   4.634   5.036   1.00 13.30 ? 126 ILE A CG1 1 
ATOM   718  C CG2 . ILE A 1 85  ? 6.730   3.012   6.832   1.00 12.60 ? 126 ILE A CG2 1 
ATOM   719  C CD1 . ILE A 1 85  ? 8.699   5.255   5.757   1.00 15.29 ? 126 ILE A CD1 1 
ATOM   720  N N   . GLN A 1 86  ? 3.174   3.941   6.621   1.00 11.12 ? 127 GLN A N   1 
ATOM   721  C CA  . GLN A 1 86  ? 2.090   3.299   7.343   1.00 10.73 ? 127 GLN A CA  1 
ATOM   722  C C   . GLN A 1 86  ? 1.125   2.630   6.368   1.00 9.99  ? 127 GLN A C   1 
ATOM   723  O O   . GLN A 1 86  ? 0.627   1.567   6.630   1.00 10.92 ? 127 GLN A O   1 
ATOM   724  C CB  . GLN A 1 86  ? 1.346   4.304   8.239   1.00 11.45 ? 127 GLN A CB  1 
ATOM   725  C CG  . GLN A 1 86  ? 0.199   3.697   9.019   1.00 13.54 ? 127 GLN A CG  1 
ATOM   726  C CD  . GLN A 1 86  ? 0.641   2.538   9.889   1.00 18.09 ? 127 GLN A CD  1 
ATOM   727  O OE1 . GLN A 1 86  ? 0.359   1.373   9.608   1.00 20.41 ? 127 GLN A OE1 1 
ATOM   728  N NE2 . GLN A 1 86  ? 1.345   2.858   10.955  1.00 20.40 ? 127 GLN A NE2 1 
ATOM   729  N N   . ASP A 1 87  ? 0.847   3.284   5.266   1.00 9.48  ? 128 ASP A N   1 
ATOM   730  C CA  . ASP A 1 87  ? -0.059  2.661   4.299   1.00 9.31  ? 128 ASP A CA  1 
ATOM   731  C C   . ASP A 1 87  ? 0.517   1.352   3.740   1.00 9.09  ? 128 ASP A C   1 
ATOM   732  O O   . ASP A 1 87  ? -0.204  0.401   3.589   1.00 8.72  ? 128 ASP A O   1 
ATOM   733  C CB  . ASP A 1 87  ? -0.425  3.615   3.180   1.00 10.46 ? 128 ASP A CB  1 
ATOM   734  C CG  . ASP A 1 87  ? -1.568  4.569   3.559   1.00 10.99 ? 128 ASP A CG  1 
ATOM   735  O OD1 . ASP A 1 87  ? -2.181  4.416   4.608   1.00 12.03 ? 128 ASP A OD1 1 
ATOM   736  O OD2 . ASP A 1 87  ? -1.794  5.424   2.737   1.00 12.71 ? 128 ASP A OD2 1 
ATOM   737  N N   . PHE A 1 88  ? 1.806   1.328   3.431   1.00 8.51  ? 129 PHE A N   1 
ATOM   738  C CA  . PHE A 1 88  ? 2.414   0.068   2.980   1.00 8.89  ? 129 PHE A CA  1 
ATOM   739  C C   . PHE A 1 88  ? 2.306   -0.989  4.096   1.00 9.31  ? 129 PHE A C   1 
ATOM   740  O O   . PHE A 1 88  ? 1.962   -2.103  3.822   1.00 9.16  ? 129 PHE A O   1 
ATOM   741  C CB  . PHE A 1 88  ? 3.903   0.260   2.639   1.00 9.95  ? 129 PHE A CB  1 
ATOM   742  C CG  . PHE A 1 88  ? 4.171   0.753   1.243   1.00 9.28  ? 129 PHE A CG  1 
ATOM   743  C CD1 . PHE A 1 88  ? 4.124   -0.116  0.144   1.00 10.50 ? 129 PHE A CD1 1 
ATOM   744  C CD2 . PHE A 1 88  ? 4.515   2.078   1.031   1.00 9.92  ? 129 PHE A CD2 1 
ATOM   745  C CE1 . PHE A 1 88  ? 4.405   0.345   -1.126  1.00 11.32 ? 129 PHE A CE1 1 
ATOM   746  C CE2 . PHE A 1 88  ? 4.804   2.528   -0.238  1.00 10.46 ? 129 PHE A CE2 1 
ATOM   747  C CZ  . PHE A 1 88  ? 4.753   1.659   -1.318  1.00 11.98 ? 129 PHE A CZ  1 
ATOM   748  N N   . ASN A 1 89  ? 2.583   -0.626  5.356   1.00 9.42  ? 130 ASN A N   1 
ATOM   749  C CA  . ASN A 1 89  ? 2.510   -1.593  6.447   1.00 10.30 ? 130 ASN A CA  1 
ATOM   750  C C   . ASN A 1 89  ? 1.096   -2.072  6.642   1.00 9.42  ? 130 ASN A C   1 
ATOM   751  O O   . ASN A 1 89  ? 0.933   -3.240  6.947   1.00 10.24 ? 130 ASN A O   1 
ATOM   752  C CB  . ASN A 1 89  ? 3.148   -1.019  7.704   1.00 11.06 ? 130 ASN A CB  1 
ATOM   753  C CG  . ASN A 1 89  ? 4.643   -1.230  7.684   1.00 13.98 ? 130 ASN A CG  1 
ATOM   754  O OD1 . ASN A 1 89  ? 5.110   -2.289  7.269   1.00 17.78 ? 130 ASN A OD1 1 
ATOM   755  N ND2 . ASN A 1 89  ? 5.400   -0.209  8.055   1.00 16.35 ? 130 ASN A ND2 1 
ATOM   756  N N   . THR A 1 90  ? 0.110   -1.192  6.544   1.00 9.61  ? 131 THR A N   1 
ATOM   757  C CA  . THR A 1 90  ? -1.290  -1.602  6.627   1.00 9.30  ? 131 THR A CA  1 
ATOM   758  C C   . THR A 1 90  ? -1.624  -2.626  5.532   1.00 8.17  ? 131 THR A C   1 
ATOM   759  O O   . THR A 1 90  ? -2.282  -3.615  5.803   1.00 8.86  ? 131 THR A O   1 
ATOM   760  C CB  . THR A 1 90  ? -2.192  -0.392  6.559   1.00 9.30  ? 131 THR A CB  1 
ATOM   761  O OG1 . THR A 1 90  ? -1.908  0.405   7.728   1.00 10.36 ? 131 THR A OG1 1 
ATOM   762  C CG2 . THR A 1 90  ? -3.651  -0.753  6.513   1.00 10.43 ? 131 THR A CG2 1 
ATOM   763  N N   . MET A 1 91  ? -1.199  -2.327  4.327   1.00 8.36  ? 132 MET A N   1 
ATOM   764  C CA  . MET A 1 91  ? -1.415  -3.275  3.224   1.00 8.47  ? 132 MET A CA  1 
ATOM   765  C C   . MET A 1 91  ? -0.854  -4.644  3.555   1.00 8.40  ? 132 MET A C   1 
ATOM   766  O O   . MET A 1 91  ? -1.574  -5.673  3.403   1.00 8.61  ? 132 MET A O   1 
ATOM   767  C CB  . MET A 1 91  ? -0.796  -2.726  1.956   1.00 8.48  ? 132 MET A CB  1 
ATOM   768  C CG  . MET A 1 91  ? -0.930  -3.659  0.782   1.00 8.56  ? 132 MET A CG  1 
ATOM   769  S SD  . MET A 1 91  ? -0.067  -3.050  -0.697  1.00 9.39  ? 132 MET A SD  1 
ATOM   770  C CE  . MET A 1 91  ? 1.638   -3.433  -0.303  1.00 12.37 ? 132 MET A CE  1 
ATOM   771  N N   . PHE A 1 92  ? 0.362   -4.730  4.046   1.00 8.29  ? 133 PHE A N   1 
ATOM   772  C CA  . PHE A 1 92  ? 0.962   -6.035  4.367   1.00 8.79  ? 133 PHE A CA  1 
ATOM   773  C C   . PHE A 1 92  ? 0.243   -6.693  5.535   1.00 8.86  ? 133 PHE A C   1 
ATOM   774  O O   . PHE A 1 92  ? -0.089  -7.860  5.499   1.00 9.44  ? 133 PHE A O   1 
ATOM   775  C CB  . PHE A 1 92  ? 2.454   -5.895  4.667   1.00 9.36  ? 133 PHE A CB  1 
ATOM   776  C CG  . PHE A 1 92  ? 3.282   -5.455  3.498   1.00 10.41 ? 133 PHE A CG  1 
ATOM   777  C CD1 . PHE A 1 92  ? 3.206   -6.137  2.303   1.00 11.01 ? 133 PHE A CD1 1 
ATOM   778  C CD2 . PHE A 1 92  ? 4.134   -4.369  3.558   1.00 11.53 ? 133 PHE A CD2 1 
ATOM   779  C CE1 . PHE A 1 92  ? 3.983   -5.768  1.213   1.00 13.87 ? 133 PHE A CE1 1 
ATOM   780  C CE2 . PHE A 1 92  ? 4.871   -3.965  2.457   1.00 12.45 ? 133 PHE A CE2 1 
ATOM   781  C CZ  . PHE A 1 92  ? 4.745   -4.653  1.282   1.00 14.10 ? 133 PHE A CZ  1 
ATOM   782  N N   . THR A 1 93  ? 0.022   -5.927  6.596   1.00 9.22  ? 134 THR A N   1 
ATOM   783  C CA  A THR A 1 93  ? -0.578  -6.547  7.802   0.50 10.38 ? 134 THR A CA  1 
ATOM   784  C CA  B THR A 1 93  ? -0.626  -6.432  7.841   0.50 9.71  ? 134 THR A CA  1 
ATOM   785  C C   . THR A 1 93  ? -2.019  -6.999  7.525   1.00 9.80  ? 134 THR A C   1 
ATOM   786  O O   . THR A 1 93  ? -2.364  -8.071  8.029   1.00 10.27 ? 134 THR A O   1 
ATOM   787  C CB  A THR A 1 93  ? -0.386  -5.647  9.011   0.50 11.75 ? 134 THR A CB  1 
ATOM   788  C CB  B THR A 1 93  ? -0.744  -5.359  8.940   0.50 9.42  ? 134 THR A CB  1 
ATOM   789  O OG1 A THR A 1 93  ? -0.884  -4.349  8.750   0.50 14.54 ? 134 THR A OG1 1 
ATOM   790  O OG1 B THR A 1 93  ? 0.580   -4.939  9.308   0.50 10.42 ? 134 THR A OG1 1 
ATOM   791  C CG2 A THR A 1 93  ? 1.076   -5.515  9.331   0.50 10.01 ? 134 THR A CG2 1 
ATOM   792  C CG2 B THR A 1 93  ? -1.438  -5.931  10.173  0.50 10.29 ? 134 THR A CG2 1 
ATOM   793  N N   . ASN A 1 94  ? -2.781  -6.258  6.737   1.00 9.65  ? 135 ASN A N   1 
ATOM   794  C CA  . ASN A 1 94  ? -4.130  -6.731  6.364   1.00 9.15  ? 135 ASN A CA  1 
ATOM   795  C C   . ASN A 1 94  ? -4.020  -8.118  5.754   1.00 8.97  ? 135 ASN A C   1 
ATOM   796  O O   . ASN A 1 94  ? -4.834  -8.991  6.025   1.00 9.86  ? 135 ASN A O   1 
ATOM   797  C CB  . ASN A 1 94  ? -4.802  -5.786  5.377   1.00 9.21  ? 135 ASN A CB  1 
ATOM   798  C CG  . ASN A 1 94  ? -5.239  -4.474  5.989   1.00 9.13  ? 135 ASN A CG  1 
ATOM   799  O OD1 . ASN A 1 94  ? -5.320  -4.318  7.228   1.00 10.44 ? 135 ASN A OD1 1 
ATOM   800  N ND2 . ASN A 1 94  ? -5.565  -3.534  5.139   1.00 9.11  ? 135 ASN A ND2 1 
ATOM   801  N N   . CYS A 1 95  ? -3.066  -8.278  4.829   1.00 8.54  ? 136 CYS A N   1 
ATOM   802  C CA  . CYS A 1 95  ? -2.891  -9.537  4.140   1.00 9.47  ? 136 CYS A CA  1 
ATOM   803  C C   . CYS A 1 95  ? -2.549  -10.660 5.143   1.00 9.85  ? 136 CYS A C   1 
ATOM   804  O O   . CYS A 1 95  ? -3.119  -11.759 5.094   1.00 10.25 ? 136 CYS A O   1 
ATOM   805  C CB  . CYS A 1 95  ? -1.831  -9.376  3.064   1.00 9.69  ? 136 CYS A CB  1 
ATOM   806  S SG  . CYS A 1 95  ? -1.601  -10.819 2.021   1.00 10.57 ? 136 CYS A SG  1 
ATOM   807  N N   . TYR A 1 96  ? -1.639  -10.399 6.041   1.00 9.70  ? 137 TYR A N   1 
ATOM   808  C CA  . TYR A 1 96  ? -1.198  -11.421 7.002   1.00 11.41 ? 137 TYR A CA  1 
ATOM   809  C C   . TYR A 1 96  ? -2.303  -11.732 8.000   1.00 13.47 ? 137 TYR A C   1 
ATOM   810  O O   . TYR A 1 96  ? -2.475  -12.919 8.375   1.00 16.32 ? 137 TYR A O   1 
ATOM   811  C CB  . TYR A 1 96  ? 0.012   -10.923 7.768   1.00 11.18 ? 137 TYR A CB  1 
ATOM   812  C CG  . TYR A 1 96  ? 1.209   -10.617 6.913   1.00 10.46 ? 137 TYR A CG  1 
ATOM   813  C CD1 . TYR A 1 96  ? 1.442   -11.289 5.716   1.00 11.66 ? 137 TYR A CD1 1 
ATOM   814  C CD2 . TYR A 1 96  ? 2.066   -9.596  7.254   1.00 10.51 ? 137 TYR A CD2 1 
ATOM   815  C CE1 . TYR A 1 96  ? 2.510   -10.982 4.893   1.00 12.24 ? 137 TYR A CE1 1 
ATOM   816  C CE2 . TYR A 1 96  ? 3.151   -9.300  6.467   1.00 11.06 ? 137 TYR A CE2 1 
ATOM   817  C CZ  . TYR A 1 96  ? 3.378   -10.000 5.293   1.00 11.06 ? 137 TYR A CZ  1 
ATOM   818  O OH  . TYR A 1 96  ? 4.442   -9.767  4.447   1.00 13.91 ? 137 TYR A OH  1 
ATOM   819  N N   . ILE A 1 97  ? -3.114  -10.770 8.372   1.00 11.72 ? 138 ILE A N   1 
ATOM   820  C CA  . ILE A 1 97  ? -4.224  -11.037 9.327   1.00 14.42 ? 138 ILE A CA  1 
ATOM   821  C C   . ILE A 1 97  ? -5.314  -11.823 8.625   1.00 12.86 ? 138 ILE A C   1 
ATOM   822  O O   . ILE A 1 97  ? -5.873  -12.751 9.248   1.00 14.16 ? 138 ILE A O   1 
ATOM   823  C CB  . ILE A 1 97  ? -4.688  -9.739  9.982   1.00 17.89 ? 138 ILE A CB  1 
ATOM   824  C CG1 . ILE A 1 97  ? -3.609  -9.342  11.000  1.00 21.10 ? 138 ILE A CG1 1 
ATOM   825  C CG2 . ILE A 1 97  ? -6.084  -9.875  10.601  1.00 21.06 ? 138 ILE A CG2 1 
ATOM   826  C CD1 . ILE A 1 97  ? -3.846  -8.095  11.814  1.00 25.29 ? 138 ILE A CD1 1 
ATOM   827  N N   . TYR A 1 98  ? -5.707  -11.462 7.431   1.00 12.24 ? 139 TYR A N   1 
ATOM   828  C CA  . TYR A 1 98  ? -6.852  -12.083 6.753   1.00 11.98 ? 139 TYR A CA  1 
ATOM   829  C C   . TYR A 1 98  ? -6.541  -13.512 6.322   1.00 12.53 ? 139 TYR A C   1 
ATOM   830  O O   . TYR A 1 98  ? -7.428  -14.404 6.362   1.00 12.73 ? 139 TYR A O   1 
ATOM   831  C CB  . TYR A 1 98  ? -7.315  -11.252 5.566   1.00 12.00 ? 139 TYR A CB  1 
ATOM   832  C CG  . TYR A 1 98  ? -8.600  -11.794 5.011   1.00 12.00 ? 139 TYR A CG  1 
ATOM   833  C CD1 . TYR A 1 98  ? -9.820  -11.499 5.630   1.00 11.76 ? 139 TYR A CD1 1 
ATOM   834  C CD2 . TYR A 1 98  ? -8.606  -12.676 3.946   1.00 12.23 ? 139 TYR A CD2 1 
ATOM   835  C CE1 . TYR A 1 98  ? -10.999 -12.021 5.159   1.00 11.46 ? 139 TYR A CE1 1 
ATOM   836  C CE2 . TYR A 1 98  ? -9.780  -13.239 3.489   1.00 12.49 ? 139 TYR A CE2 1 
ATOM   837  C CZ  . TYR A 1 98  ? -10.988 -12.924 4.114   1.00 11.70 ? 139 TYR A CZ  1 
ATOM   838  O OH  . TYR A 1 98  ? -12.105 -13.517 3.597   1.00 12.26 ? 139 TYR A OH  1 
ATOM   839  N N   . ASN A 1 99  ? -5.317  -13.786 5.918   1.00 12.34 ? 140 ASN A N   1 
ATOM   840  C CA  . ASN A 1 99  ? -4.944  -15.061 5.278   1.00 12.25 ? 140 ASN A CA  1 
ATOM   841  C C   . ASN A 1 99  ? -4.181  -15.906 6.296   1.00 13.87 ? 140 ASN A C   1 
ATOM   842  O O   . ASN A 1 99  ? -4.022  -15.491 7.449   1.00 17.40 ? 140 ASN A O   1 
ATOM   843  C CB  . ASN A 1 99  ? -4.162  -14.758 4.009   1.00 11.64 ? 140 ASN A CB  1 
ATOM   844  C CG  . ASN A 1 99  ? -5.017  -14.002 3.031   1.00 12.05 ? 140 ASN A CG  1 
ATOM   845  O OD1 . ASN A 1 99  ? -5.906  -14.607 2.403   1.00 13.84 ? 140 ASN A OD1 1 
ATOM   846  N ND2 . ASN A 1 99  ? -4.756  -12.727 2.865   1.00 12.28 ? 140 ASN A ND2 1 
ATOM   847  N N   . LYS A 1 100 ? -3.703  -17.065 5.884   1.00 16.40 ? 141 LYS A N   1 
ATOM   848  C CA  . LYS A 1 100 ? -2.976  -18.006 6.764   1.00 16.75 ? 141 LYS A CA  1 
ATOM   849  C C   . LYS A 1 100 ? -1.524  -18.047 6.360   1.00 16.89 ? 141 LYS A C   1 
ATOM   850  O O   . LYS A 1 100 ? -1.163  -17.878 5.189   1.00 14.99 ? 141 LYS A O   1 
ATOM   851  C CB  . LYS A 1 100 ? -3.611  -19.387 6.659   1.00 19.80 ? 141 LYS A CB  1 
ATOM   852  C CG  . LYS A 1 100 ? -5.020  -19.455 7.225   1.00 23.87 ? 141 LYS A CG  1 
ATOM   853  C CD  . LYS A 1 100 ? -5.740  -20.780 7.007   1.00 30.99 ? 141 LYS A CD  1 
ATOM   854  C CE  . LYS A 1 100 ? -5.601  -21.362 5.610   1.00 35.19 ? 141 LYS A CE  1 
ATOM   855  N NZ  . LYS A 1 100 ? -6.194  -22.717 5.539   1.00 40.32 ? 141 LYS A NZ  1 
ATOM   856  N N   . PRO A 1 101 ? -0.618  -18.384 7.301   1.00 16.24 ? 142 PRO A N   1 
ATOM   857  C CA  . PRO A 1 101 ? 0.795   -18.465 6.970   1.00 18.97 ? 142 PRO A CA  1 
ATOM   858  C C   . PRO A 1 101 ? 0.992   -19.472 5.838   1.00 18.71 ? 142 PRO A C   1 
ATOM   859  O O   . PRO A 1 101 ? 0.407   -20.527 5.862   1.00 18.46 ? 142 PRO A O   1 
ATOM   860  C CB  . PRO A 1 101 ? 1.444   -18.971 8.273   1.00 18.87 ? 142 PRO A CB  1 
ATOM   861  C CG  . PRO A 1 101 ? 0.491   -18.544 9.340   1.00 19.96 ? 142 PRO A CG  1 
ATOM   862  C CD  . PRO A 1 101 ? -0.897  -18.603 8.736   1.00 19.14 ? 142 PRO A CD  1 
ATOM   863  N N   . GLY A 1 102 ? 1.900   -19.166 4.931   1.00 19.81 ? 143 GLY A N   1 
ATOM   864  C CA  . GLY A 1 102 ? 2.213   -20.081 3.823   1.00 19.00 ? 143 GLY A CA  1 
ATOM   865  C C   . GLY A 1 102 ? 1.189   -20.067 2.702   1.00 15.83 ? 143 GLY A C   1 
ATOM   866  O O   . GLY A 1 102 ? 1.459   -20.681 1.682   1.00 17.63 ? 143 GLY A O   1 
ATOM   867  N N   . ASP A 1 103 ? 0.067   -19.346 2.814   1.00 14.09 ? 144 ASP A N   1 
ATOM   868  C CA  . ASP A 1 103 ? -0.848  -19.195 1.669   1.00 13.23 ? 144 ASP A CA  1 
ATOM   869  C C   . ASP A 1 103 ? -0.085  -18.462 0.572   1.00 12.03 ? 144 ASP A C   1 
ATOM   870  O O   . ASP A 1 103 ? 0.798   -17.613 0.860   1.00 12.33 ? 144 ASP A O   1 
ATOM   871  C CB  . ASP A 1 103 ? -2.068  -18.357 2.009   1.00 13.83 ? 144 ASP A CB  1 
ATOM   872  C CG  . ASP A 1 103 ? -3.127  -19.031 2.850   1.00 16.04 ? 144 ASP A CG  1 
ATOM   873  O OD1 . ASP A 1 103 ? -2.998  -20.273 3.075   1.00 17.31 ? 144 ASP A OD1 1 
ATOM   874  O OD2 . ASP A 1 103 ? -4.046  -18.329 3.249   1.00 16.30 ? 144 ASP A OD2 1 
ATOM   875  N N   . ASP A 1 104 ? -0.441  -18.727 -0.685  1.00 11.35 ? 145 ASP A N   1 
ATOM   876  C CA  . ASP A 1 104 ? 0.220   -18.082 -1.827  1.00 11.80 ? 145 ASP A CA  1 
ATOM   877  C C   . ASP A 1 104 ? 0.210   -16.545 -1.653  1.00 10.06 ? 145 ASP A C   1 
ATOM   878  O O   . ASP A 1 104 ? 1.204   -15.943 -1.915  1.00 10.62 ? 145 ASP A O   1 
ATOM   879  C CB  . ASP A 1 104 ? -0.471  -18.512 -3.123  1.00 12.43 ? 145 ASP A CB  1 
ATOM   880  C CG  . ASP A 1 104 ? -0.018  -19.888 -3.623  1.00 13.42 ? 145 ASP A CG  1 
ATOM   881  O OD1 . ASP A 1 104 ? 1.025   -20.396 -3.150  1.00 15.79 ? 145 ASP A OD1 1 
ATOM   882  O OD2 . ASP A 1 104 ? -0.740  -20.422 -4.526  1.00 16.06 ? 145 ASP A OD2 1 
ATOM   883  N N   . ILE A 1 105 ? -0.937  -15.968 -1.322  1.00 9.55  ? 146 ILE A N   1 
ATOM   884  C CA  . ILE A 1 105 ? -1.009  -14.481 -1.272  1.00 9.94  ? 146 ILE A CA  1 
ATOM   885  C C   . ILE A 1 105 ? -0.051  -13.977 -0.185  1.00 9.57  ? 146 ILE A C   1 
ATOM   886  O O   . ILE A 1 105 ? 0.506   -12.884 -0.328  1.00 10.11 ? 146 ILE A O   1 
ATOM   887  C CB  . ILE A 1 105 ? -2.465  -14.024 -1.088  1.00 10.52 ? 146 ILE A CB  1 
ATOM   888  C CG1 . ILE A 1 105 ? -2.652  -12.536 -1.364  1.00 9.91  ? 146 ILE A CG1 1 
ATOM   889  C CG2 . ILE A 1 105 ? -3.051  -14.368 0.262   1.00 10.82 ? 146 ILE A CG2 1 
ATOM   890  C CD1 . ILE A 1 105 ? -2.307  -12.113 -2.784  1.00 10.77 ? 146 ILE A CD1 1 
ATOM   891  N N   . VAL A 1 106 ? 0.109   -14.726 0.897   1.00 9.45  ? 147 VAL A N   1 
ATOM   892  C CA  . VAL A 1 106 ? 1.034   -14.357 1.993   1.00 9.66  ? 147 VAL A CA  1 
ATOM   893  C C   . VAL A 1 106 ? 2.463   -14.465 1.514   1.00 9.81  ? 147 VAL A C   1 
ATOM   894  O O   . VAL A 1 106 ? 3.275   -13.550 1.821   1.00 10.53 ? 147 VAL A O   1 
ATOM   895  C CB  . VAL A 1 106 ? 0.768   -15.185 3.255   1.00 10.40 ? 147 VAL A CB  1 
ATOM   896  C CG1 . VAL A 1 106 ? 1.818   -14.978 4.316   1.00 11.23 ? 147 VAL A CG1 1 
ATOM   897  C CG2 . VAL A 1 106 ? -0.605  -14.845 3.802   1.00 10.72 ? 147 VAL A CG2 1 
ATOM   898  N N   . LEU A 1 107 ? 2.821   -15.505 0.786   1.00 10.72 ? 148 LEU A N   1 
ATOM   899  C CA  . LEU A 1 107 ? 4.176   -15.620 0.257   1.00 11.07 ? 148 LEU A CA  1 
ATOM   900  C C   . LEU A 1 107 ? 4.462   -14.423 -0.649  1.00 10.42 ? 148 LEU A C   1 
ATOM   901  O O   . LEU A 1 107 ? 5.557   -13.896 -0.661  1.00 11.03 ? 148 LEU A O   1 
ATOM   902  C CB  . LEU A 1 107 ? 4.311   -16.919 -0.543  1.00 13.11 ? 148 LEU A CB  1 
ATOM   903  C CG  . LEU A 1 107 ? 4.209   -18.215 0.261   1.00 14.38 ? 148 LEU A CG  1 
ATOM   904  C CD1 . LEU A 1 107 ? 4.154   -19.422 -0.674  1.00 15.39 ? 148 LEU A CD1 1 
ATOM   905  C CD2 . LEU A 1 107 ? 5.278   -18.330 1.338   1.00 17.07 ? 148 LEU A CD2 1 
ATOM   906  N N   . MET A 1 108 ? 3.480   -14.027 -1.437  1.00 9.76  ? 149 MET A N   1 
ATOM   907  C CA  . MET A 1 108 ? 3.659   -12.869 -2.335  1.00 10.19 ? 149 MET A CA  1 
ATOM   908  C C   . MET A 1 108 ? 3.868   -11.585 -1.532  1.00 9.71  ? 149 MET A C   1 
ATOM   909  O O   . MET A 1 108 ? 4.810   -10.850 -1.817  1.00 10.46 ? 149 MET A O   1 
ATOM   910  C CB  . MET A 1 108 ? 2.454   -12.737 -3.250  1.00 9.75  ? 149 MET A CB  1 
ATOM   911  C CG  . MET A 1 108 ? 2.380   -13.923 -4.231  1.00 11.00 ? 149 MET A CG  1 
ATOM   912  S SD  . MET A 1 108 ? 0.845   -14.052 -5.177  1.00 12.14 ? 149 MET A SD  1 
ATOM   913  C CE  . MET A 1 108 ? 1.275   -13.044 -6.601  1.00 12.12 ? 149 MET A CE  1 
ATOM   914  N N   . ALA A 1 109 ? 3.026   -11.373 -0.526  1.00 9.51  ? 150 ALA A N   1 
ATOM   915  C CA  . ALA A 1 109 ? 3.197   -10.197 0.354   1.00 9.38  ? 150 ALA A CA  1 
ATOM   916  C C   . ALA A 1 109 ? 4.556   -10.215 1.034   1.00 10.57 ? 150 ALA A C   1 
ATOM   917  O O   . ALA A 1 109 ? 5.216   -9.138  1.073   1.00 10.07 ? 150 ALA A O   1 
ATOM   918  C CB  . ALA A 1 109 ? 2.084   -10.120 1.367   1.00 10.03 ? 150 ALA A CB  1 
ATOM   919  N N   . GLU A 1 110 ? 4.998   -11.361 1.491   1.00 10.79 ? 151 GLU A N   1 
ATOM   920  C CA  . GLU A 1 110 ? 6.279   -11.422 2.196   1.00 11.03 ? 151 GLU A CA  1 
ATOM   921  C C   . GLU A 1 110 ? 7.439   -11.058 1.282   1.00 10.98 ? 151 GLU A C   1 
ATOM   922  O O   . GLU A 1 110 ? 8.375   -10.396 1.742   1.00 10.78 ? 151 GLU A O   1 
ATOM   923  C CB  . GLU A 1 110 ? 6.536   -12.807 2.783   1.00 12.16 ? 151 GLU A CB  1 
ATOM   924  C CG  . GLU A 1 110 ? 5.665   -13.046 3.976   1.00 15.05 ? 151 GLU A CG  1 
ATOM   925  C CD  . GLU A 1 110 ? 5.644   -14.433 4.561   1.00 18.29 ? 151 GLU A CD  1 
ATOM   926  O OE1 . GLU A 1 110 ? 5.951   -15.405 3.843   1.00 19.55 ? 151 GLU A OE1 1 
ATOM   927  O OE2 . GLU A 1 110 ? 5.168   -14.528 5.726   1.00 21.03 ? 151 GLU A OE2 1 
ATOM   928  N N   . ALA A 1 111 ? 7.386   -11.458 0.012   1.00 11.24 ? 152 ALA A N   1 
ATOM   929  C CA  . ALA A 1 111 ? 8.447   -11.107 -0.951  1.00 11.82 ? 152 ALA A CA  1 
ATOM   930  C C   . ALA A 1 111 ? 8.437   -9.593  -1.173  1.00 11.52 ? 152 ALA A C   1 
ATOM   931  O O   . ALA A 1 111 ? 9.522   -8.957  -1.277  1.00 12.14 ? 152 ALA A O   1 
ATOM   932  C CB  . ALA A 1 111 ? 8.256   -11.870 -2.223  1.00 12.79 ? 152 ALA A CB  1 
ATOM   933  N N   . LEU A 1 112 ? 7.276   -9.006  -1.357  1.00 10.56 ? 153 LEU A N   1 
ATOM   934  C CA  . LEU A 1 112 ? 7.175   -7.552  -1.534  1.00 10.99 ? 153 LEU A CA  1 
ATOM   935  C C   . LEU A 1 112 ? 7.645   -6.824  -0.288  1.00 9.94  ? 153 LEU A C   1 
ATOM   936  O O   . LEU A 1 112 ? 8.348   -5.781  -0.405  1.00 10.84 ? 153 LEU A O   1 
ATOM   937  C CB  . LEU A 1 112 ? 5.769   -7.141  -1.900  1.00 10.64 ? 153 LEU A CB  1 
ATOM   938  C CG  . LEU A 1 112 ? 5.236   -7.730  -3.211  1.00 11.97 ? 153 LEU A CG  1 
ATOM   939  C CD1 . LEU A 1 112 ? 3.758   -7.428  -3.357  1.00 13.46 ? 153 LEU A CD1 1 
ATOM   940  C CD2 . LEU A 1 112 ? 6.012   -7.234  -4.411  1.00 14.79 ? 153 LEU A CD2 1 
ATOM   941  N N   . GLU A 1 113 ? 7.286   -7.320  0.868   1.00 10.31 ? 154 GLU A N   1 
ATOM   942  C CA  . GLU A 1 113 ? 7.646   -6.639  2.121   1.00 10.51 ? 154 GLU A CA  1 
ATOM   943  C C   . GLU A 1 113 ? 9.163   -6.690  2.310   1.00 11.18 ? 154 GLU A C   1 
ATOM   944  O O   . GLU A 1 113 ? 9.751   -5.701  2.833   1.00 11.09 ? 154 GLU A O   1 
ATOM   945  C CB  . GLU A 1 113 ? 6.930   -7.293  3.288   1.00 10.89 ? 154 GLU A CB  1 
ATOM   946  C CG  . GLU A 1 113 ? 7.135   -6.553  4.575   1.00 12.41 ? 154 GLU A CG  1 
ATOM   947  C CD  . GLU A 1 113 ? 6.592   -7.214  5.841   1.00 13.39 ? 154 GLU A CD  1 
ATOM   948  O OE1 . GLU A 1 113 ? 6.341   -8.414  5.799   1.00 15.02 ? 154 GLU A OE1 1 
ATOM   949  O OE2 . GLU A 1 113 ? 6.449   -6.515  6.883   1.00 17.15 ? 154 GLU A OE2 1 
ATOM   950  N N   . LYS A 1 114 ? 9.825   -7.770  1.959   1.00 10.75 ? 155 LYS A N   1 
ATOM   951  C CA  . LYS A 1 114 ? 11.300  -7.837  2.061   1.00 12.54 ? 155 LYS A CA  1 
ATOM   952  C C   . LYS A 1 114 ? 11.913  -6.729  1.209   1.00 11.61 ? 155 LYS A C   1 
ATOM   953  O O   . LYS A 1 114 ? 12.822  -6.012  1.726   1.00 12.71 ? 155 LYS A O   1 
ATOM   954  C CB  . LYS A 1 114 ? 11.744  -9.226  1.635   1.00 13.87 ? 155 LYS A CB  1 
ATOM   955  C CG  . LYS A 1 114 ? 13.236  -9.439  1.730   1.00 16.83 ? 155 LYS A CG  1 
ATOM   956  C CD  . LYS A 1 114 ? 13.676  -10.891 1.465   1.00 19.61 ? 155 LYS A CD  1 
ATOM   957  C CE  . LYS A 1 114 ? 15.175  -11.127 1.507   1.00 24.39 ? 155 LYS A CE  1 
ATOM   958  N NZ  . LYS A 1 114 ? 15.478  -12.584 1.456   1.00 28.93 ? 155 LYS A NZ  1 
ATOM   959  N N   . LEU A 1 115 ? 11.458  -6.544  0.016   1.00 11.78 ? 156 LEU A N   1 
ATOM   960  C CA  . LEU A 1 115 ? 12.001  -5.471  -0.835  1.00 12.81 ? 156 LEU A CA  1 
ATOM   961  C C   . LEU A 1 115 ? 11.687  -4.094  -0.250  1.00 12.50 ? 156 LEU A C   1 
ATOM   962  O O   . LEU A 1 115 ? 12.559  -3.200  -0.242  1.00 12.33 ? 156 LEU A O   1 
ATOM   963  C CB  . LEU A 1 115 ? 11.402  -5.571  -2.221  1.00 14.45 ? 156 LEU A CB  1 
ATOM   964  C CG  . LEU A 1 115 ? 12.015  -6.639  -3.115  1.00 21.33 ? 156 LEU A CG  1 
ATOM   965  C CD1 . LEU A 1 115 ? 11.068  -6.963  -4.273  1.00 22.96 ? 156 LEU A CD1 1 
ATOM   966  C CD2 . LEU A 1 115 ? 13.378  -6.201  -3.636  1.00 26.17 ? 156 LEU A CD2 1 
ATOM   967  N N   . PHE A 1 116 ? 10.480  -3.912  0.252   1.00 10.69 ? 157 PHE A N   1 
ATOM   968  C CA  . PHE A 1 116 ? 10.068  -2.668  0.920   1.00 10.01 ? 157 PHE A CA  1 
ATOM   969  C C   . PHE A 1 116 ? 11.018  -2.355  2.066   1.00 11.07 ? 157 PHE A C   1 
ATOM   970  O O   . PHE A 1 116 ? 11.483  -1.175  2.165   1.00 11.18 ? 157 PHE A O   1 
ATOM   971  C CB  . PHE A 1 116 ? 8.629   -2.822  1.375   1.00 10.39 ? 157 PHE A CB  1 
ATOM   972  C CG  . PHE A 1 116 ? 8.157   -1.677  2.230   1.00 10.86 ? 157 PHE A CG  1 
ATOM   973  C CD1 . PHE A 1 116 ? 7.810   -0.476  1.643   1.00 11.68 ? 157 PHE A CD1 1 
ATOM   974  C CD2 . PHE A 1 116 ? 8.032   -1.820  3.588   1.00 14.24 ? 157 PHE A CD2 1 
ATOM   975  C CE1 . PHE A 1 116 ? 7.349   0.576   2.394   1.00 13.63 ? 157 PHE A CE1 1 
ATOM   976  C CE2 . PHE A 1 116 ? 7.549   -0.757  4.346   1.00 16.84 ? 157 PHE A CE2 1 
ATOM   977  C CZ  . PHE A 1 116 ? 7.214   0.415   3.732   1.00 15.35 ? 157 PHE A CZ  1 
ATOM   978  N N   . LEU A 1 117 ? 11.244  -3.314  2.953   1.00 10.79 ? 158 LEU A N   1 
ATOM   979  C CA  . LEU A 1 117 ? 12.069  -3.050  4.163   1.00 11.59 ? 158 LEU A CA  1 
ATOM   980  C C   . LEU A 1 117 ? 13.466  -2.669  3.707   1.00 12.15 ? 158 LEU A C   1 
ATOM   981  O O   . LEU A 1 117 ? 14.086  -1.776  4.345   1.00 12.39 ? 158 LEU A O   1 
ATOM   982  C CB  . LEU A 1 117 ? 12.069  -4.303  5.019   1.00 11.76 ? 158 LEU A CB  1 
ATOM   983  C CG  . LEU A 1 117 ? 10.777  -4.513  5.792   1.00 13.56 ? 158 LEU A CG  1 
ATOM   984  C CD1 . LEU A 1 117 ? 10.744  -5.896  6.412   1.00 14.67 ? 158 LEU A CD1 1 
ATOM   985  C CD2 . LEU A 1 117 ? 10.621  -3.454  6.883   1.00 16.22 ? 158 LEU A CD2 1 
ATOM   986  N N   . GLN A 1 118 ? 13.988  -3.289  2.688   1.00 11.50 ? 159 GLN A N   1 
ATOM   987  C CA  . GLN A 1 118 ? 15.348  -2.927  2.229   1.00 12.69 ? 159 GLN A CA  1 
ATOM   988  C C   . GLN A 1 118 ? 15.359  -1.490  1.716   1.00 12.93 ? 159 GLN A C   1 
ATOM   989  O O   . GLN A 1 118 ? 16.286  -0.725  2.047   1.00 14.35 ? 159 GLN A O   1 
ATOM   990  C CB  . GLN A 1 118 ? 15.799  -3.893  1.147   1.00 13.76 ? 159 GLN A CB  1 
ATOM   991  C CG  . GLN A 1 118 ? 17.270  -3.749  0.755   1.00 15.97 ? 159 GLN A CG  1 
ATOM   992  C CD  . GLN A 1 118 ? 17.492  -2.815  -0.411  1.00 19.01 ? 159 GLN A CD  1 
ATOM   993  O OE1 . GLN A 1 118 ? 16.965  -3.008  -1.497  1.00 24.47 ? 159 GLN A OE1 1 
ATOM   994  N NE2 . GLN A 1 118 ? 18.367  -1.837  -0.226  1.00 22.06 ? 159 GLN A NE2 1 
ATOM   995  N N   . LYS A 1 119 ? 14.399  -1.098  0.911   1.00 11.97 ? 160 LYS A N   1 
ATOM   996  C CA  . LYS A 1 119 ? 14.375  0.265   0.331   1.00 12.96 ? 160 LYS A CA  1 
ATOM   997  C C   . LYS A 1 119 ? 14.130  1.282   1.421   1.00 13.12 ? 160 LYS A C   1 
ATOM   998  O O   . LYS A 1 119 ? 14.773  2.381   1.399   1.00 14.16 ? 160 LYS A O   1 
ATOM   999  C CB  . LYS A 1 119 ? 13.392  0.395   -0.819  1.00 13.80 ? 160 LYS A CB  1 
ATOM   1000 C CG  . LYS A 1 119 ? 13.629  -0.494  -2.015  1.00 14.78 ? 160 LYS A CG  1 
ATOM   1001 C CD  . LYS A 1 119 ? 15.056  -0.455  -2.527  1.00 17.12 ? 160 LYS A CD  1 
ATOM   1002 C CE  . LYS A 1 119 ? 15.224  -1.381  -3.712  1.00 21.41 ? 160 LYS A CE  1 
ATOM   1003 N NZ  . LYS A 1 119 ? 16.642  -1.545  -4.131  1.00 25.05 ? 160 LYS A NZ  1 
ATOM   1004 N N   A ILE A 1 120 ? 13.267  1.057   2.396   0.50 13.21 ? 161 ILE A N   1 
ATOM   1005 N N   B ILE A 1 120 ? 13.296  0.954   2.394   0.50 13.35 ? 161 ILE A N   1 
ATOM   1006 C CA  A ILE A 1 120 ? 13.047  2.181   3.349   0.50 14.08 ? 161 ILE A CA  1 
ATOM   1007 C CA  B ILE A 1 120 ? 12.926  1.959   3.419   0.50 14.26 ? 161 ILE A CA  1 
ATOM   1008 C C   A ILE A 1 120 ? 14.146  2.171   4.422   0.50 13.69 ? 161 ILE A C   1 
ATOM   1009 C C   B ILE A 1 120 ? 14.108  2.141   4.378   0.50 13.90 ? 161 ILE A C   1 
ATOM   1010 O O   A ILE A 1 120 ? 14.276  3.177   5.143   0.50 13.54 ? 161 ILE A O   1 
ATOM   1011 O O   B ILE A 1 120 ? 14.259  3.258   4.905   0.50 14.26 ? 161 ILE A O   1 
ATOM   1012 C CB  A ILE A 1 120 ? 11.651  2.205   3.960   0.50 13.35 ? 161 ILE A CB  1 
ATOM   1013 C CB  B ILE A 1 120 ? 11.598  1.622   4.105   0.50 14.62 ? 161 ILE A CB  1 
ATOM   1014 C CG1 A ILE A 1 120 ? 11.474  0.977   4.831   0.50 12.39 ? 161 ILE A CG1 1 
ATOM   1015 C CG1 B ILE A 1 120 ? 10.819  2.908   4.403   0.50 15.39 ? 161 ILE A CG1 1 
ATOM   1016 C CG2 A ILE A 1 120 ? 10.560  2.395   2.912   0.50 13.21 ? 161 ILE A CG2 1 
ATOM   1017 C CG2 B ILE A 1 120 ? 11.799  0.748   5.307   0.50 17.35 ? 161 ILE A CG2 1 
ATOM   1018 C CD1 A ILE A 1 120 ? 10.287  1.100   5.729   0.50 14.15 ? 161 ILE A CD1 1 
ATOM   1019 C CD1 B ILE A 1 120 ? 10.246  3.540   3.166   0.50 16.80 ? 161 ILE A CD1 1 
ATOM   1020 N N   . ASN A 1 121 ? 14.955  1.130   4.537   1.00 15.18 ? 162 ASN A N   1 
ATOM   1021 C CA  . ASN A 1 121 ? 16.172  1.222   5.387   1.00 15.79 ? 162 ASN A CA  1 
ATOM   1022 C C   . ASN A 1 121 ? 17.053  2.368   4.872   1.00 17.98 ? 162 ASN A C   1 
ATOM   1023 O O   . ASN A 1 121 ? 17.833  2.959   5.682   1.00 18.61 ? 162 ASN A O   1 
ATOM   1024 C CB  . ASN A 1 121 ? 16.897  -0.113  5.413   1.00 18.11 ? 162 ASN A CB  1 
ATOM   1025 C CG  . ASN A 1 121 ? 18.122  -0.074  6.294   1.00 19.80 ? 162 ASN A CG  1 
ATOM   1026 O OD1 . ASN A 1 121 ? 19.256  -0.070  5.796   1.00 26.43 ? 162 ASN A OD1 1 
ATOM   1027 N ND2 . ASN A 1 121 ? 17.868  0.021   7.579   1.00 21.38 ? 162 ASN A ND2 1 
ATOM   1028 N N   . GLU A 1 122 ? 16.989  2.682   3.600   1.00 16.66 ? 163 GLU A N   1 
ATOM   1029 C CA  . GLU A 1 122 ? 17.831  3.786   3.070   1.00 17.26 ? 163 GLU A CA  1 
ATOM   1030 C C   . GLU A 1 122 ? 17.004  5.003   2.679   1.00 16.71 ? 163 GLU A C   1 
ATOM   1031 O O   . GLU A 1 122 ? 17.412  5.790   1.835   1.00 17.24 ? 163 GLU A O   1 
ATOM   1032 C CB  . GLU A 1 122 ? 18.608  3.259   1.896   1.00 20.11 ? 163 GLU A CB  1 
ATOM   1033 C CG  . GLU A 1 122 ? 19.512  2.122   2.334   1.00 23.18 ? 163 GLU A CG  1 
ATOM   1034 C CD  . GLU A 1 122 ? 20.192  1.352   1.238   1.00 31.58 ? 163 GLU A CD  1 
ATOM   1035 O OE1 . GLU A 1 122 ? 19.814  1.547   0.059   1.00 36.13 ? 163 GLU A OE1 1 
ATOM   1036 O OE2 . GLU A 1 122 ? 21.063  0.526   1.595   1.00 37.55 ? 163 GLU A OE2 1 
ATOM   1037 N N   . LEU A 1 123 ? 15.879  5.182   3.310   1.00 14.36 ? 164 LEU A N   1 
ATOM   1038 C CA  . LEU A 1 123 ? 15.111  6.421   3.152   1.00 15.00 ? 164 LEU A CA  1 
ATOM   1039 C C   . LEU A 1 123 ? 16.044  7.594   3.441   1.00 15.08 ? 164 LEU A C   1 
ATOM   1040 O O   . LEU A 1 123 ? 16.657  7.636   4.504   1.00 14.42 ? 164 LEU A O   1 
ATOM   1041 C CB  . LEU A 1 123 ? 13.947  6.392   4.121   1.00 14.86 ? 164 LEU A CB  1 
ATOM   1042 C CG  . LEU A 1 123 ? 13.008  7.580   4.051   1.00 15.12 ? 164 LEU A CG  1 
ATOM   1043 C CD1 . LEU A 1 123 ? 12.148  7.536   2.798   1.00 17.30 ? 164 LEU A CD1 1 
ATOM   1044 C CD2 . LEU A 1 123 ? 12.168  7.654   5.303   1.00 15.86 ? 164 LEU A CD2 1 
ATOM   1045 N N   . PRO A 1 124 ? 16.182  8.547   2.506   1.00 16.30 ? 165 PRO A N   1 
ATOM   1046 C CA  . PRO A 1 124 ? 17.082  9.671   2.750   1.00 17.15 ? 165 PRO A CA  1 
ATOM   1047 C C   . PRO A 1 124 ? 16.617  10.486  3.958   1.00 17.65 ? 165 PRO A C   1 
ATOM   1048 O O   . PRO A 1 124 ? 15.422  10.607  4.279   1.00 18.91 ? 165 PRO A O   1 
ATOM   1049 C CB  . PRO A 1 124 ? 17.067  10.508  1.461   1.00 20.18 ? 165 PRO A CB  1 
ATOM   1050 C CG  . PRO A 1 124 ? 16.059  9.856   0.533   1.00 19.89 ? 165 PRO A CG  1 
ATOM   1051 C CD  . PRO A 1 124 ? 15.559  8.591   1.188   1.00 17.13 ? 165 PRO A CD  1 
ATOM   1052 N N   . THR A 1 125 ? 17.587  11.143  4.611   1.00 18.66 ? 166 THR A N   1 
ATOM   1053 C CA  . THR A 1 125 ? 17.265  12.149  5.646   1.00 20.06 ? 166 THR A CA  1 
ATOM   1054 C C   . THR A 1 125 ? 16.418  13.233  5.007   1.00 19.59 ? 166 THR A C   1 
ATOM   1055 O O   . THR A 1 125 ? 16.691  13.596  3.856   1.00 18.94 ? 166 THR A O   1 
ATOM   1056 C CB  . THR A 1 125 ? 18.491  12.831  6.267   1.00 20.42 ? 166 THR A CB  1 
ATOM   1057 O OG1 . THR A 1 125 ? 19.280  11.741  6.747   1.00 24.49 ? 166 THR A OG1 1 
ATOM   1058 C CG2 . THR A 1 125 ? 18.140  13.816  7.367   1.00 24.55 ? 166 THR A CG2 1 
ATOM   1059 N N   . GLU A 1 126 ? 15.436  13.691  5.744   1.00 21.56 ? 167 GLU A N   1 
ATOM   1060 C CA  . GLU A 1 126 ? 14.579  14.806  5.296   1.00 26.19 ? 167 GLU A CA  1 
ATOM   1061 C C   . GLU A 1 126 ? 15.484  16.011  4.980   1.00 27.98 ? 167 GLU A C   1 
ATOM   1062 O O   . GLU A 1 126 ? 16.352  16.357  5.816   1.00 25.76 ? 167 GLU A O   1 
ATOM   1063 C CB  . GLU A 1 126 ? 13.557  15.021  6.394   1.00 28.07 ? 167 GLU A CB  1 
ATOM   1064 C CG  . GLU A 1 126 ? 12.427  15.892  5.986   1.00 29.60 ? 167 GLU A CG  1 
ATOM   1065 C CD  . GLU A 1 126 ? 11.326  15.888  7.012   1.00 26.10 ? 167 GLU A CD  1 
ATOM   1066 O OE1 . GLU A 1 126 ? 11.584  15.478  8.190   1.00 36.20 ? 167 GLU A OE1 1 
ATOM   1067 O OE2 . GLU A 1 126 ? 10.231  16.306  6.649   1.00 36.58 ? 167 GLU A OE2 1 
ATOM   1068 N N   . GLU A 1 127 ? 15.402  16.542  3.760   1.00 26.67 ? 168 GLU A N   1 
ATOM   1069 C CA  . GLU A 1 127 ? 15.901  17.895  3.421   1.00 31.10 ? 168 GLU A CA  1 
ATOM   1070 C C   . GLU A 1 127 ? 14.740  18.876  3.591   1.00 35.29 ? 168 GLU A C   1 
ATOM   1071 O O   . GLU A 1 127 ? 15.037  20.023  3.866   1.00 34.76 ? 168 GLU A O   1 
ATOM   1072 C CB  . GLU A 1 127 ? 16.411  17.980  1.989   1.00 33.26 ? 168 GLU A CB  1 
ATOM   1073 C CG  . GLU A 1 127 ? 17.461  16.950  1.656   1.00 38.00 ? 168 GLU A CG  1 
ATOM   1074 C CD  . GLU A 1 127 ? 17.789  16.891  0.178   1.00 41.27 ? 168 GLU A CD  1 
ATOM   1075 O OE1 . GLU A 1 127 ? 16.973  17.390  -0.625  1.00 43.44 ? 168 GLU A OE1 1 
ATOM   1076 O OE2 . GLU A 1 127 ? 18.860  16.343  -0.163  1.00 52.29 ? 168 GLU A OE2 1 
ATOM   1077 O OXT . GLU A 1 127 ? 13.540  18.541  3.440   1.00 35.45 ? 168 GLU A OXT 1 
HETATM 1078 C C1  . Y36 B 2 .   ? -6.975  -10.479 -6.314  1.00 10.16 ? 201 Y36 A C1  1 
HETATM 1079 C C2  . Y36 B 2 .   ? -6.590  -10.113 -5.004  1.00 10.31 ? 201 Y36 A C2  1 
HETATM 1080 C C3  . Y36 B 2 .   ? -6.226  -11.089 -4.078  1.00 10.03 ? 201 Y36 A C3  1 
HETATM 1081 C C4  . Y36 B 2 .   ? -6.231  -12.436 -4.423  1.00 10.18 ? 201 Y36 A C4  1 
HETATM 1082 C C5  . Y36 B 2 .   ? -6.609  -12.796 -5.705  1.00 9.84  ? 201 Y36 A C5  1 
HETATM 1083 C C6  . Y36 B 2 .   ? -6.991  -11.851 -6.668  1.00 10.25 ? 201 Y36 A C6  1 
HETATM 1084 C C7  . Y36 B 2 .   ? -7.290  -12.573 -7.874  1.00 10.12 ? 201 Y36 A C7  1 
HETATM 1085 C C8  . Y36 B 2 .   ? -7.120  -13.870 -7.586  1.00 11.09 ? 201 Y36 A C8  1 
HETATM 1086 C C9  . Y36 B 2 .   ? -6.313  -15.330 -5.653  1.00 12.07 ? 201 Y36 A C9  1 
HETATM 1087 C C10 . Y36 B 2 .   ? -4.785  -15.492 -5.639  1.00 11.29 ? 201 Y36 A C10 1 
HETATM 1088 C C11 . Y36 B 2 .   ? -4.292  -16.729 -5.251  1.00 11.70 ? 201 Y36 A C11 1 
HETATM 1089 C C12 . Y36 B 2 .   ? -2.974  -16.966 -5.323  1.00 13.09 ? 201 Y36 A C12 1 
HETATM 1090 C C13 . Y36 B 2 .   ? -2.107  -16.004 -5.743  1.00 13.20 ? 201 Y36 A C13 1 
HETATM 1091 C C14 . Y36 B 2 .   ? -2.640  -14.774 -6.107  1.00 11.86 ? 201 Y36 A C14 1 
HETATM 1092 C C15 . Y36 B 2 .   ? -6.854  -15.422 -4.209  1.00 14.05 ? 201 Y36 A C15 1 
HETATM 1093 C C16 . Y36 B 2 .   ? -8.686  -15.418 -2.807  1.00 18.30 ? 201 Y36 A C16 1 
HETATM 1094 C C17 . Y36 B 2 .   ? -7.900  -15.594 -1.704  1.00 18.21 ? 201 Y36 A C17 1 
HETATM 1095 C C18 . Y36 B 2 .   ? -6.546  -15.660 -1.849  1.00 17.32 ? 201 Y36 A C18 1 
HETATM 1096 C C19 . Y36 B 2 .   ? -6.004  -15.562 -3.131  1.00 13.88 ? 201 Y36 A C19 1 
HETATM 1097 C C20 . Y36 B 2 .   ? -6.924  -16.540 -6.416  1.00 12.97 ? 201 Y36 A C20 1 
HETATM 1098 C C21 . Y36 B 2 .   ? -6.837  -6.937  -6.591  1.00 10.40 ? 201 Y36 A C21 1 
HETATM 1099 C C22 . Y36 B 2 .   ? -6.002  -6.741  -7.849  1.00 10.81 ? 201 Y36 A C22 1 
HETATM 1100 N N1  . Y36 B 2 .   ? -3.954  -14.524 -6.073  1.00 12.65 ? 201 Y36 A N1  1 
HETATM 1101 N N2  . Y36 B 2 .   ? -6.716  -14.063 -6.289  1.00 11.08 ? 201 Y36 A N2  1 
HETATM 1102 N N3  . Y36 B 2 .   ? -8.175  -15.366 -4.067  1.00 15.74 ? 201 Y36 A N3  1 
HETATM 1103 N N4  . Y36 B 2 .   ? -7.389  -9.529  -7.239  1.00 10.07 ? 201 Y36 A N4  1 
HETATM 1104 C C23 . Y36 B 2 .   ? -5.922  -10.714 -2.672  1.00 10.65 ? 201 Y36 A C23 1 
HETATM 1105 C C24 . Y36 B 2 .   ? -6.574  -11.391 -1.669  1.00 10.58 ? 201 Y36 A C24 1 
HETATM 1106 C C25 . Y36 B 2 .   ? -6.337  -11.090 -0.332  1.00 11.63 ? 201 Y36 A C25 1 
HETATM 1107 C C26 . Y36 B 2 .   ? -5.483  -10.151 0.005   1.00 12.08 ? 201 Y36 A C26 1 
HETATM 1108 C C27 . Y36 B 2 .   ? -5.106  -9.716  -2.373  1.00 10.32 ? 201 Y36 A C27 1 
HETATM 1109 C C28 . Y36 B 2 .   ? -8.176  -12.428 0.576   1.00 18.77 ? 201 Y36 A C28 1 
HETATM 1110 S S1  . Y36 B 2 .   ? -8.114  -8.146  -6.884  1.00 9.67  ? 201 Y36 A S1  1 
HETATM 1111 O O1  . Y36 B 2 .   ? -8.839  -7.772  -8.052  1.00 10.60 ? 201 Y36 A O1  1 
HETATM 1112 O O2  . Y36 B 2 .   ? -8.852  -8.300  -5.653  1.00 10.37 ? 201 Y36 A O2  1 
HETATM 1113 N N5  . Y36 B 2 .   ? -6.926  -11.773 0.721   1.00 15.11 ? 201 Y36 A N5  1 
HETATM 1114 N N6  . Y36 B 2 .   ? -4.882  -9.449  -0.997  1.00 11.15 ? 201 Y36 A N6  1 
HETATM 1115 C C29 . Y36 B 2 .   ? -4.003  -8.353  -0.635  1.00 13.58 ? 201 Y36 A C29 1 
HETATM 1116 O O3  . Y36 B 2 .   ? -5.197  -9.928  1.213   1.00 13.24 ? 201 Y36 A O3  1 
HETATM 1117 O O   . HOH C 3 .   ? 9.899   18.415  7.424   1.00 21.39 ? 301 HOH A O   1 
HETATM 1118 O O   . HOH C 3 .   ? 11.757  14.869  2.824   1.00 25.37 ? 302 HOH A O   1 
HETATM 1119 O O   . HOH C 3 .   ? 10.035  16.223  4.319   1.00 24.33 ? 303 HOH A O   1 
HETATM 1120 O O   . HOH C 3 .   ? 8.667   14.659  7.353   1.00 23.06 ? 304 HOH A O   1 
HETATM 1121 O O   . HOH C 3 .   ? -11.196 15.315  -6.301  1.00 31.71 ? 305 HOH A O   1 
HETATM 1122 O O   . HOH C 3 .   ? -18.773 -12.956 -7.122  1.00 31.29 ? 306 HOH A O   1 
HETATM 1123 O O   . HOH C 3 .   ? -11.820 -16.494 -3.348  1.00 33.20 ? 307 HOH A O   1 
HETATM 1124 O O   . HOH C 3 .   ? -1.487  -22.054 4.103   1.00 33.44 ? 308 HOH A O   1 
HETATM 1125 O O   . HOH C 3 .   ? -5.499  -7.788  2.777   1.00 9.67  ? 309 HOH A O   1 
HETATM 1126 O O   . HOH C 3 .   ? 7.910   14.643  3.614   1.00 24.43 ? 310 HOH A O   1 
HETATM 1127 O O   . HOH C 3 .   ? -1.093  11.749  9.784   1.00 19.01 ? 311 HOH A O   1 
HETATM 1128 O O   . HOH C 3 .   ? 14.704  18.462  -1.255  1.00 32.21 ? 312 HOH A O   1 
HETATM 1129 O O   . HOH C 3 .   ? -11.754 -6.369  -10.077 1.00 23.87 ? 313 HOH A O   1 
HETATM 1130 O O   . HOH C 3 .   ? -2.616  -4.873  -12.139 1.00 26.37 ? 314 HOH A O   1 
HETATM 1131 O O   . HOH C 3 .   ? 8.774   12.962  5.261   1.00 19.11 ? 315 HOH A O   1 
HETATM 1132 O O   . HOH C 3 .   ? -3.099  9.844   -10.002 1.00 34.67 ? 316 HOH A O   1 
HETATM 1133 O O   . HOH C 3 .   ? 7.245   -4.093  7.534   1.00 18.70 ? 317 HOH A O   1 
HETATM 1134 O O   . HOH C 3 .   ? -1.744  6.005   -10.658 1.00 29.38 ? 318 HOH A O   1 
HETATM 1135 O O   . HOH C 3 .   ? -19.944 0.821   -2.552  1.00 31.05 ? 319 HOH A O   1 
HETATM 1136 O O   . HOH C 3 .   ? -12.311 13.919  -2.841  1.00 35.28 ? 320 HOH A O   1 
HETATM 1137 O O   . HOH C 3 .   ? 21.666  -0.251  6.902   1.00 35.07 ? 321 HOH A O   1 
HETATM 1138 O O   . HOH C 3 .   ? -0.879  -14.981 7.850   1.00 21.65 ? 322 HOH A O   1 
HETATM 1139 O O   . HOH C 3 .   ? -3.708  -0.309  -10.561 1.00 25.93 ? 323 HOH A O   1 
HETATM 1140 O O   . HOH C 3 .   ? -2.661  2.887   7.082   1.00 16.92 ? 324 HOH A O   1 
HETATM 1141 O O   . HOH C 3 .   ? -12.391 18.237  0.183   1.00 35.45 ? 325 HOH A O   1 
HETATM 1142 O O   . HOH C 3 .   ? 15.681  8.030   6.972   1.00 30.32 ? 326 HOH A O   1 
HETATM 1143 O O   . HOH C 3 .   ? 13.454  4.125   7.518   1.00 25.08 ? 327 HOH A O   1 
HETATM 1144 O O   . HOH C 3 .   ? -3.418  -20.594 -4.649  1.00 17.19 ? 328 HOH A O   1 
HETATM 1145 O O   . HOH C 3 .   ? -2.041  11.978  4.574   1.00 21.45 ? 329 HOH A O   1 
HETATM 1146 O O   . HOH C 3 .   ? -1.269  15.778  3.713   1.00 13.96 ? 330 HOH A O   1 
HETATM 1147 O O   . HOH C 3 .   ? -11.450 -7.274  12.596  1.00 31.76 ? 331 HOH A O   1 
HETATM 1148 O O   . HOH C 3 .   ? -3.422  -3.623  9.278   1.00 24.50 ? 332 HOH A O   1 
HETATM 1149 O O   . HOH C 3 .   ? 8.114   -15.981 2.339   1.00 23.18 ? 333 HOH A O   1 
HETATM 1150 O O   . HOH C 3 .   ? -9.678  -14.268 7.844   1.00 17.84 ? 334 HOH A O   1 
HETATM 1151 O O   . HOH C 3 .   ? -8.333  14.361  3.408   1.00 18.74 ? 335 HOH A O   1 
HETATM 1152 O O   . HOH C 3 .   ? -15.877 -15.579 7.678   1.00 14.47 ? 336 HOH A O   1 
HETATM 1153 O O   . HOH C 3 .   ? 1.394   -21.711 -0.817  1.00 21.48 ? 337 HOH A O   1 
HETATM 1154 O O   . HOH C 3 .   ? -20.604 -0.297  -0.678  1.00 21.85 ? 338 HOH A O   1 
HETATM 1155 O O   . HOH C 3 .   ? 10.555  10.621  7.882   1.00 28.00 ? 339 HOH A O   1 
HETATM 1156 O O   . HOH C 3 .   ? -18.757 0.151   -4.520  1.00 31.47 ? 340 HOH A O   1 
HETATM 1157 O O   . HOH C 3 .   ? -8.772  2.436   4.027   1.00 14.06 ? 341 HOH A O   1 
HETATM 1158 O O   . HOH C 3 .   ? -1.424  6.904   5.886   1.00 14.55 ? 342 HOH A O   1 
HETATM 1159 O O   . HOH C 3 .   ? 14.813  -6.717  3.428   1.00 17.33 ? 343 HOH A O   1 
HETATM 1160 O O   . HOH C 3 .   ? 16.545  -3.845  -5.567  1.00 40.06 ? 344 HOH A O   1 
HETATM 1161 O O   . HOH C 3 .   ? -15.824 -7.737  -9.627  1.00 27.10 ? 345 HOH A O   1 
HETATM 1162 O O   . HOH C 3 .   ? -8.839  3.914   8.561   1.00 24.28 ? 346 HOH A O   1 
HETATM 1163 O O   . HOH C 3 .   ? -12.007 -15.128 6.656   1.00 15.61 ? 347 HOH A O   1 
HETATM 1164 O O   . HOH C 3 .   ? -18.065 -6.206  1.336   1.00 17.62 ? 348 HOH A O   1 
HETATM 1165 O O   . HOH C 3 .   ? -11.780 -16.238 3.434   1.00 28.34 ? 349 HOH A O   1 
HETATM 1166 O O   . HOH C 3 .   ? -2.872  -0.531  10.123  1.00 23.65 ? 350 HOH A O   1 
HETATM 1167 O O   . HOH C 3 .   ? -5.271  -17.124 1.107   1.00 19.42 ? 351 HOH A O   1 
HETATM 1168 O O   . HOH C 3 .   ? 7.360   -5.560  -14.501 1.00 21.35 ? 352 HOH A O   1 
HETATM 1169 O O   . HOH C 3 .   ? 17.159  5.634   -10.909 1.00 29.24 ? 353 HOH A O   1 
HETATM 1170 O O   . HOH C 3 .   ? -10.258 -3.511  -7.306  1.00 16.62 ? 354 HOH A O   1 
HETATM 1171 O O   . HOH C 3 .   ? 1.526   16.549  0.930   1.00 18.32 ? 355 HOH A O   1 
HETATM 1172 O O   . HOH C 3 .   ? -8.494  -13.043 10.029  1.00 23.60 ? 356 HOH A O   1 
HETATM 1173 O O   . HOH C 3 .   ? 11.227  -5.516  -8.192  1.00 22.77 ? 357 HOH A O   1 
HETATM 1174 O O   . HOH C 3 .   ? 19.321  7.239   5.068   1.00 18.73 ? 358 HOH A O   1 
HETATM 1175 O O   . HOH C 3 .   ? -15.351 -6.934  12.553  1.00 22.47 ? 359 HOH A O   1 
HETATM 1176 O O   . HOH C 3 .   ? -11.838 1.024   0.846   1.00 10.98 ? 360 HOH A O   1 
HETATM 1177 O O   . HOH C 3 .   ? 7.969   -15.137 -0.170  1.00 20.14 ? 361 HOH A O   1 
HETATM 1178 O O   . HOH C 3 .   ? -8.482  -6.644  -11.532 1.00 31.53 ? 362 HOH A O   1 
HETATM 1179 O O   . HOH C 3 .   ? -4.095  -6.217  -10.570 1.00 19.53 ? 363 HOH A O   1 
HETATM 1180 O O   . HOH C 3 .   ? 7.646   0.074   -11.646 1.00 19.22 ? 364 HOH A O   1 
HETATM 1181 O O   . HOH C 3 .   ? -6.221  -4.208  2.172   1.00 10.12 ? 365 HOH A O   1 
HETATM 1182 O O   . HOH C 3 .   ? -20.400 -6.008  9.483   1.00 15.69 ? 366 HOH A O   1 
HETATM 1183 O O   . HOH C 3 .   ? -8.415  9.891   -7.509  1.00 31.49 ? 367 HOH A O   1 
HETATM 1184 O O   . HOH C 3 .   ? -10.149 11.325  4.771   1.00 27.27 ? 368 HOH A O   1 
HETATM 1185 O O   . HOH C 3 .   ? 13.527  -1.764  -14.150 1.00 18.50 ? 369 HOH A O   1 
HETATM 1186 O O   . HOH C 3 .   ? -9.762  6.950   -4.465  1.00 17.64 ? 370 HOH A O   1 
HETATM 1187 O O   . HOH C 3 .   ? 4.402   -6.126  -11.920 1.00 20.22 ? 371 HOH A O   1 
HETATM 1188 O O   . HOH C 3 .   ? -7.702  -0.754  -0.664  1.00 9.97  ? 372 HOH A O   1 
HETATM 1189 O O   . HOH C 3 .   ? 3.643   -22.375 1.891   1.00 24.06 ? 373 HOH A O   1 
HETATM 1190 O O   . HOH C 3 .   ? 2.820   -22.153 -4.323  1.00 17.88 ? 374 HOH A O   1 
HETATM 1191 O O   . HOH C 3 .   ? 0.627   22.847  -1.112  1.00 15.38 ? 375 HOH A O   1 
HETATM 1192 O O   . HOH C 3 .   ? 11.658  -11.172 -4.821  1.00 22.43 ? 376 HOH A O   1 
HETATM 1193 O O   . HOH C 3 .   ? -25.348 -6.691  -2.969  1.00 25.55 ? 377 HOH A O   1 
HETATM 1194 O O   . HOH C 3 .   ? 16.943  -5.689  -2.238  1.00 26.56 ? 378 HOH A O   1 
HETATM 1195 O O   . HOH C 3 .   ? 7.425   11.683  10.897  1.00 31.37 ? 379 HOH A O   1 
HETATM 1196 O O   . HOH C 3 .   ? -5.098  -5.634  -3.054  1.00 9.70  ? 380 HOH A O   1 
HETATM 1197 O O   . HOH C 3 .   ? -3.850  -5.815  1.805   1.00 9.64  ? 381 HOH A O   1 
HETATM 1198 O O   . HOH C 3 .   ? 14.555  11.965  -3.161  1.00 22.03 ? 382 HOH A O   1 
HETATM 1199 O O   . HOH C 3 .   ? 3.920   -12.605 7.313   1.00 20.66 ? 383 HOH A O   1 
HETATM 1200 O O   . HOH C 3 .   ? 11.788  -10.318 -2.169  1.00 16.59 ? 384 HOH A O   1 
HETATM 1201 O O   . HOH C 3 .   ? -15.713 0.446   -4.933  1.00 23.87 ? 385 HOH A O   1 
HETATM 1202 O O   . HOH C 3 .   ? 4.982   4.830   9.602   1.00 19.09 ? 386 HOH A O   1 
HETATM 1203 O O   . HOH C 3 .   ? -13.592 7.079   -2.079  1.00 16.68 ? 387 HOH A O   1 
HETATM 1204 O O   . HOH C 3 .   ? -2.671  3.890   -9.145  1.00 21.26 ? 388 HOH A O   1 
HETATM 1205 O O   . HOH C 3 .   ? -15.368 -14.188 -9.856  1.00 17.95 ? 389 HOH A O   1 
HETATM 1206 O O   . HOH C 3 .   ? 6.744   4.915   -9.279  1.00 31.95 ? 390 HOH A O   1 
HETATM 1207 O O   . HOH C 3 .   ? 14.237  -1.480  -8.441  1.00 27.19 ? 391 HOH A O   1 
HETATM 1208 O O   . HOH C 3 .   ? 3.396   11.630  11.133  1.00 18.73 ? 392 HOH A O   1 
HETATM 1209 O O   . HOH C 3 .   ? -16.116 -14.670 3.445   1.00 31.10 ? 393 HOH A O   1 
HETATM 1210 O O   . HOH C 3 .   ? 5.979   11.286  -4.383  1.00 20.46 ? 394 HOH A O   1 
HETATM 1211 O O   . HOH C 3 .   ? -7.047  -2.657  8.712   1.00 12.73 ? 395 HOH A O   1 
HETATM 1212 O O   . HOH C 3 .   ? -3.784  -4.917  -0.793  1.00 10.62 ? 396 HOH A O   1 
HETATM 1213 O O   . HOH C 3 .   ? -22.662 -6.057  0.518   1.00 18.75 ? 397 HOH A O   1 
HETATM 1214 O O   . HOH C 3 .   ? 17.458  1.146   -4.441  1.00 30.79 ? 398 HOH A O   1 
HETATM 1215 O O   . HOH C 3 .   ? -16.103 -7.923  1.891   1.00 10.64 ? 399 HOH A O   1 
HETATM 1216 O O   . HOH C 3 .   ? -7.148  3.087   -5.675  1.00 23.82 ? 400 HOH A O   1 
HETATM 1217 O O   . HOH C 3 .   ? -20.019 -16.534 0.274   1.00 23.93 ? 401 HOH A O   1 
HETATM 1218 O O   . HOH C 3 .   ? 17.573  2.731   -2.540  1.00 22.18 ? 402 HOH A O   1 
HETATM 1219 O O   . HOH C 3 .   ? -9.433  7.122   2.897   1.00 18.47 ? 403 HOH A O   1 
HETATM 1220 O O   . HOH C 3 .   ? 2.906   23.466  2.242   1.00 14.25 ? 404 HOH A O   1 
HETATM 1221 O O   . HOH C 3 .   ? 4.074   12.785  -2.944  1.00 19.25 ? 405 HOH A O   1 
HETATM 1222 O O   . HOH C 3 .   ? 10.692  18.710  3.556   1.00 24.03 ? 406 HOH A O   1 
HETATM 1223 O O   . HOH C 3 .   ? 3.097   -12.140 -12.664 1.00 24.41 ? 407 HOH A O   1 
HETATM 1224 O O   . HOH C 3 .   ? -2.215  -20.893 -1.252  1.00 17.92 ? 408 HOH A O   1 
HETATM 1225 O O   . HOH C 3 .   ? -25.963 0.346   -2.739  1.00 24.12 ? 409 HOH A O   1 
HETATM 1226 O O   . HOH C 3 .   ? 6.149   11.740  13.954  1.00 26.47 ? 410 HOH A O   1 
HETATM 1227 O O   . HOH C 3 .   ? 10.117  -11.600 -12.525 1.00 20.92 ? 411 HOH A O   1 
HETATM 1228 O O   . HOH C 3 .   ? -10.534 10.465  -3.489  1.00 16.54 ? 412 HOH A O   1 
HETATM 1229 O O   . HOH C 3 .   ? -6.640  -18.309 4.484   1.00 30.70 ? 413 HOH A O   1 
HETATM 1230 O O   . HOH C 3 .   ? 18.987  -1.411  2.751   1.00 31.97 ? 414 HOH A O   1 
HETATM 1231 O O   . HOH C 3 .   ? 5.843   -8.074  9.230   1.00 23.23 ? 415 HOH A O   1 
HETATM 1232 O O   . HOH C 3 .   ? 6.026   21.852  -1.210  1.00 22.58 ? 416 HOH A O   1 
HETATM 1233 O O   . HOH C 3 .   ? -12.693 -0.508  -2.743  1.00 10.68 ? 417 HOH A O   1 
HETATM 1234 O O   . HOH C 3 .   ? -12.988 -3.042  -3.882  1.00 11.76 ? 418 HOH A O   1 
HETATM 1235 O O   . HOH C 3 .   ? -12.985 5.209   1.744   1.00 17.41 ? 419 HOH A O   1 
HETATM 1236 O O   . HOH C 3 .   ? 2.383   12.700  -0.790  1.00 17.59 ? 420 HOH A O   1 
HETATM 1237 O O   . HOH C 3 .   ? -10.702 -0.889  -0.838  1.00 9.86  ? 421 HOH A O   1 
HETATM 1238 O O   . HOH C 3 .   ? -11.852 14.341  3.643   1.00 30.43 ? 422 HOH A O   1 
HETATM 1239 O O   . HOH C 3 .   ? 20.109  11.019  3.177   1.00 24.69 ? 423 HOH A O   1 
HETATM 1240 O O   . HOH C 3 .   ? -4.861  5.363   5.243   1.00 17.95 ? 424 HOH A O   1 
HETATM 1241 O O   . HOH C 3 .   ? 13.467  -1.332  7.158   1.00 19.48 ? 425 HOH A O   1 
HETATM 1242 O O   . HOH C 3 .   ? 7.495   -13.406 -14.002 1.00 31.26 ? 426 HOH A O   1 
HETATM 1243 O O   . HOH C 3 .   ? -19.521 -7.173  3.230   1.00 20.14 ? 427 HOH A O   1 
HETATM 1244 O O   . HOH C 3 .   ? 7.082   -8.722  -13.332 1.00 24.83 ? 428 HOH A O   1 
HETATM 1245 O O   . HOH C 3 .   ? -5.629  12.041  6.521   1.00 24.65 ? 429 HOH A O   1 
HETATM 1246 O O   . HOH C 3 .   ? -7.333  -3.507  -0.635  1.00 10.06 ? 430 HOH A O   1 
HETATM 1247 O O   . HOH C 3 .   ? 1.266   -1.463  -14.403 1.00 34.00 ? 431 HOH A O   1 
HETATM 1248 O O   . HOH C 3 .   ? -8.526  -4.149  10.527  1.00 16.25 ? 432 HOH A O   1 
HETATM 1249 O O   . HOH C 3 .   ? 7.071   14.959  -3.023  1.00 24.66 ? 433 HOH A O   1 
HETATM 1250 O O   . HOH C 3 .   ? -11.247 5.495   13.712  1.00 21.76 ? 434 HOH A O   1 
HETATM 1251 O O   . HOH C 3 .   ? 13.232  2.381   -8.921  1.00 32.26 ? 435 HOH A O   1 
HETATM 1252 O O   . HOH C 3 .   ? -13.055 -15.967 -7.266  1.00 27.38 ? 436 HOH A O   1 
HETATM 1253 O O   . HOH C 3 .   ? 13.899  -14.558 2.973   1.00 38.60 ? 437 HOH A O   1 
HETATM 1254 O O   . HOH C 3 .   ? 9.888   -10.097 -10.105 1.00 18.95 ? 438 HOH A O   1 
HETATM 1255 O O   . HOH C 3 .   ? 19.127  13.699  2.181   1.00 29.47 ? 439 HOH A O   1 
HETATM 1256 O O   . HOH C 3 .   ? 4.442   2.100   9.638   1.00 20.53 ? 440 HOH A O   1 
HETATM 1257 O O   . HOH C 3 .   ? 1.347   -6.506  -12.765 1.00 24.65 ? 441 HOH A O   1 
HETATM 1258 O O   . HOH C 3 .   ? -3.529  -17.398 -1.163  1.00 15.60 ? 442 HOH A O   1 
HETATM 1259 O O   . HOH C 3 .   ? 1.886   -6.467  11.489  1.00 32.40 ? 443 HOH A O   1 
HETATM 1260 O O   . HOH C 3 .   ? 18.961  0.046   -2.442  1.00 33.06 ? 444 HOH A O   1 
HETATM 1261 O O   . HOH C 3 .   ? 7.694   11.118  8.403   1.00 21.39 ? 445 HOH A O   1 
HETATM 1262 O O   . HOH C 3 .   ? 2.789   -8.460  -11.006 1.00 15.93 ? 446 HOH A O   1 
HETATM 1263 O O   . HOH C 3 .   ? 3.481   -4.615  8.208   1.00 21.44 ? 447 HOH A O   1 
HETATM 1264 O O   . HOH C 3 .   ? -5.156  -5.927  9.766   1.00 21.61 ? 448 HOH A O   1 
HETATM 1265 O O   . HOH C 3 .   ? -19.836 -3.168  -5.421  1.00 22.38 ? 449 HOH A O   1 
HETATM 1266 O O   . HOH C 3 .   ? 1.349   5.760   11.782  1.00 33.58 ? 450 HOH A O   1 
HETATM 1267 O O   . HOH C 3 .   ? 5.884   18.809  9.473   1.00 12.89 ? 451 HOH A O   1 
HETATM 1268 O O   . HOH C 3 .   ? -10.377 18.843  4.031   1.00 15.96 ? 452 HOH A O   1 
HETATM 1269 O O   . HOH C 3 .   ? -9.799  -4.736  -9.390  1.00 38.34 ? 453 HOH A O   1 
HETATM 1270 O O   . HOH C 3 .   ? 16.869  12.774  -1.222  1.00 25.26 ? 454 HOH A O   1 
HETATM 1271 O O   . HOH C 3 .   ? -17.428 -3.112  -7.131  1.00 29.77 ? 455 HOH A O   1 
HETATM 1272 O O   . HOH C 3 .   ? -20.414 -19.120 -1.790  1.00 32.61 ? 456 HOH A O   1 
HETATM 1273 O O   . HOH C 3 .   ? 19.421  16.389  5.674   1.00 28.17 ? 457 HOH A O   1 
HETATM 1274 O O   . HOH C 3 .   ? 8.303   0.535   8.748   1.00 33.42 ? 458 HOH A O   1 
HETATM 1275 O O   . HOH C 3 .   ? -1.642  15.096  6.306   1.00 14.55 ? 459 HOH A O   1 
HETATM 1276 O O   . HOH C 3 .   ? 0.369   19.720  -4.577  1.00 23.81 ? 460 HOH A O   1 
HETATM 1277 O O   . HOH C 3 .   ? 2.760   -4.163  -13.498 1.00 23.27 ? 461 HOH A O   1 
HETATM 1278 O O   . HOH C 3 .   ? -8.513  -16.404 4.273   1.00 35.03 ? 462 HOH A O   1 
HETATM 1279 O O   . HOH C 3 .   ? -1.929  17.829  -5.821  1.00 25.89 ? 463 HOH A O   1 
HETATM 1280 O O   . HOH C 3 .   ? -7.124  11.518  -8.682  1.00 30.22 ? 464 HOH A O   1 
HETATM 1281 O O   . HOH C 3 .   ? -4.447  -21.148 0.426   1.00 38.07 ? 465 HOH A O   1 
HETATM 1282 O O   . HOH C 3 .   ? -4.642  14.207  -2.396  1.00 26.63 ? 466 HOH A O   1 
HETATM 1283 O O   . HOH C 3 .   ? -8.197  8.010   -9.593  1.00 34.59 ? 467 HOH A O   1 
HETATM 1284 O O   . HOH C 3 .   ? 20.432  6.411   2.537   1.00 35.09 ? 468 HOH A O   1 
HETATM 1285 O O   . HOH C 3 .   ? -14.494 -3.679  -8.557  1.00 30.70 ? 469 HOH A O   1 
HETATM 1286 O O   . HOH C 3 .   ? -3.416  13.284  7.813   1.00 23.28 ? 470 HOH A O   1 
HETATM 1287 O O   . HOH C 3 .   ? -10.638 -16.492 -5.800  1.00 23.51 ? 471 HOH A O   1 
HETATM 1288 O O   . HOH C 3 .   ? -9.049  4.874   -6.152  1.00 20.74 ? 472 HOH A O   1 
HETATM 1289 O O   . HOH C 3 .   ? -10.070 -0.957  -8.719  1.00 29.33 ? 473 HOH A O   1 
HETATM 1290 O O   . HOH C 3 .   ? -12.904 -4.999  12.552  1.00 38.67 ? 474 HOH A O   1 
HETATM 1291 O O   . HOH C 3 .   ? -7.539  5.014   4.295   1.00 20.39 ? 475 HOH A O   1 
HETATM 1292 O O   . HOH C 3 .   ? 23.768  2.570   1.410   1.00 29.84 ? 476 HOH A O   1 
HETATM 1293 O O   . HOH C 3 .   ? 15.271  -7.239  -0.552  1.00 28.46 ? 477 HOH A O   1 
HETATM 1294 O O   . HOH C 3 .   ? -5.960  -7.905  -11.375 1.00 18.16 ? 478 HOH A O   1 
HETATM 1295 O O   . HOH C 3 .   ? -12.172 7.667   2.655   1.00 28.53 ? 479 HOH A O   1 
HETATM 1296 O O   . HOH C 3 .   ? 16.474  9.464   -11.954 1.00 42.44 ? 480 HOH A O   1 
HETATM 1297 O O   . HOH C 3 .   ? 1.166   7.874   9.888   1.00 28.37 ? 481 HOH A O   1 
HETATM 1298 O O   . HOH C 3 .   ? 15.874  -4.947  5.356   1.00 28.63 ? 482 HOH A O   1 
HETATM 1299 O O   . HOH C 3 .   ? 10.286  -13.583 0.763   1.00 23.32 ? 483 HOH A O   1 
HETATM 1300 O O   . HOH C 3 .   ? -12.792 -2.993  -6.508  1.00 23.84 ? 484 HOH A O   1 
HETATM 1301 O O   . HOH C 3 .   ? -2.254  0.990   12.280  1.00 33.02 ? 485 HOH A O   1 
HETATM 1302 O O   . HOH C 3 .   ? 18.191  -3.482  4.571   1.00 31.44 ? 486 HOH A O   1 
HETATM 1303 O O   . HOH C 3 .   ? 9.585   7.659   8.171   1.00 31.39 ? 487 HOH A O   1 
HETATM 1304 O O   . HOH C 3 .   ? -7.525  -6.826  11.065  1.00 28.45 ? 488 HOH A O   1 
HETATM 1305 O O   . HOH C 3 .   ? -13.731 -3.023  10.998  1.00 23.85 ? 489 HOH A O   1 
HETATM 1306 O O   . HOH C 3 .   ? -6.281  1.605   -7.648  1.00 24.39 ? 490 HOH A O   1 
HETATM 1307 O O   . HOH C 3 .   ? 10.886  -2.159  -14.690 1.00 25.76 ? 491 HOH A O   1 
HETATM 1308 O O   . HOH C 3 .   ? -2.709  9.432   5.252   1.00 21.94 ? 492 HOH A O   1 
HETATM 1309 O O   . HOH C 3 .   ? -12.406 0.258   -5.450  1.00 20.77 ? 493 HOH A O   1 
HETATM 1310 O O   . HOH C 3 .   ? 5.163   -3.518  -14.408 1.00 26.42 ? 494 HOH A O   1 
HETATM 1311 O O   . HOH C 3 .   ? 6.383   -1.303  -13.677 1.00 22.72 ? 495 HOH A O   1 
HETATM 1312 O O   . HOH C 3 .   ? 0.941   10.344  10.980  1.00 23.49 ? 496 HOH A O   1 
HETATM 1313 O O   . HOH C 3 .   ? -19.460 3.316   -3.733  1.00 23.37 ? 497 HOH A O   1 
HETATM 1314 O O   . HOH C 3 .   ? -3.385  -2.202  -12.348 1.00 36.87 ? 498 HOH A O   1 
HETATM 1315 O O   . HOH C 3 .   ? -16.965 3.016   -5.314  1.00 26.90 ? 499 HOH A O   1 
HETATM 1316 O O   . HOH C 3 .   ? -18.154 -17.636 1.728   1.00 32.28 ? 500 HOH A O   1 
HETATM 1317 O O   . HOH C 3 .   ? 8.310   -4.386  10.026  1.00 20.74 ? 501 HOH A O   1 
HETATM 1318 O O   . HOH C 3 .   ? 10.098  -17.257 -13.373 1.00 27.99 ? 502 HOH A O   1 
HETATM 1319 O O   . HOH C 3 .   ? -4.865  9.506   6.318   1.00 24.89 ? 503 HOH A O   1 
HETATM 1320 O O   . HOH C 3 .   ? 10.025  0.251   -13.285 1.00 26.66 ? 504 HOH A O   1 
HETATM 1321 O O   . HOH C 3 .   ? -8.802  -8.837  12.606  1.00 35.32 ? 505 HOH A O   1 
HETATM 1322 O O   . HOH C 3 .   ? -1.262  7.245   8.749   1.00 26.05 ? 506 HOH A O   1 
HETATM 1323 O O   . HOH C 3 .   ? -11.877 7.775   -5.935  1.00 27.15 ? 507 HOH A O   1 
HETATM 1324 O O   . HOH C 3 .   ? -3.922  3.952   9.290   1.00 30.57 ? 508 HOH A O   1 
HETATM 1325 O O   . HOH C 3 .   ? -13.950 -17.625 2.103   1.00 29.09 ? 509 HOH A O   1 
HETATM 1326 O O   . HOH C 3 .   ? 13.666  -8.201  5.471   1.00 22.62 ? 510 HOH A O   1 
HETATM 1327 O O   . HOH C 3 .   ? -1.387  -0.772  -14.097 1.00 39.80 ? 511 HOH A O   1 
HETATM 1328 O O   . HOH C 3 .   ? 20.473  -5.585  1.072   1.00 34.93 ? 512 HOH A O   1 
HETATM 1329 O O   . HOH C 3 .   ? 14.293  -9.413  -1.983  1.00 27.92 ? 513 HOH A O   1 
HETATM 1330 O O   . HOH C 3 .   ? 11.738  -12.879 -1.345  1.00 23.78 ? 514 HOH A O   1 
HETATM 1331 O O   . HOH C 3 .   ? -9.780  -16.702 1.234   1.00 30.10 ? 515 HOH A O   1 
HETATM 1332 O O   . HOH C 3 .   ? 19.116  -7.087  -1.064  1.00 32.16 ? 516 HOH A O   1 
HETATM 1333 O O   . HOH C 3 .   ? -4.954  -18.658 -3.297  1.00 20.78 ? 517 HOH A O   1 
HETATM 1334 O O   . HOH C 3 .   ? 7.201   12.532  -6.714  1.00 30.80 ? 518 HOH A O   1 
HETATM 1335 O O   . HOH C 3 .   ? -2.984  2.287   -11.120 1.00 29.68 ? 519 HOH A O   1 
HETATM 1336 O O   . HOH C 3 .   ? -14.401 7.178   -4.645  1.00 28.29 ? 520 HOH A O   1 
HETATM 1337 O O   . HOH C 3 .   ? 10.599  -14.408 -3.523  1.00 29.33 ? 521 HOH A O   1 
HETATM 1338 O O   . HOH C 3 .   ? 19.068  -5.782  3.290   1.00 34.58 ? 522 HOH A O   1 
HETATM 1339 O O   . HOH C 3 .   ? -7.098  -7.178  13.495  1.00 31.68 ? 523 HOH A O   1 
# 
loop_
_pdbx_poly_seq_scheme.asym_id 
_pdbx_poly_seq_scheme.entity_id 
_pdbx_poly_seq_scheme.seq_id 
_pdbx_poly_seq_scheme.mon_id 
_pdbx_poly_seq_scheme.ndb_seq_num 
_pdbx_poly_seq_scheme.pdb_seq_num 
_pdbx_poly_seq_scheme.auth_seq_num 
_pdbx_poly_seq_scheme.pdb_mon_id 
_pdbx_poly_seq_scheme.auth_mon_id 
_pdbx_poly_seq_scheme.pdb_strand_id 
_pdbx_poly_seq_scheme.pdb_ins_code 
_pdbx_poly_seq_scheme.hetero 
A 1 1   LEU 1   42  42  LEU LEU A . n 
A 1 2   GLU 2   43  43  GLU GLU A . n 
A 1 3   ASN 3   44  44  ASN ASN A . n 
A 1 4   PRO 4   45  45  PRO PRO A . n 
A 1 5   PRO 5   46  46  PRO PRO A . n 
A 1 6   PRO 6   47  47  PRO PRO A . n 
A 1 7   PRO 7   48  48  PRO PRO A . n 
A 1 8   GLU 8   49  49  GLU GLU A . n 
A 1 9   THR 9   50  50  THR THR A . n 
A 1 10  SER 10  51  51  SER SER A . n 
A 1 11  ASN 11  52  52  ASN ASN A . n 
A 1 12  PRO 12  53  53  PRO PRO A . n 
A 1 13  ASN 13  54  54  ASN ASN A . n 
A 1 14  LYS 14  55  55  LYS LYS A . n 
A 1 15  PRO 15  56  56  PRO PRO A . n 
A 1 16  LYS 16  57  57  LYS LYS A . n 
A 1 17  ARG 17  58  58  ARG ARG A . n 
A 1 18  GLN 18  59  59  GLN GLN A . n 
A 1 19  THR 19  60  60  THR THR A . n 
A 1 20  ASN 20  61  61  ASN ASN A . n 
A 1 21  GLN 21  62  62  GLN GLN A . n 
A 1 22  LEU 22  63  63  LEU LEU A . n 
A 1 23  GLN 23  64  64  GLN GLN A . n 
A 1 24  TYR 24  65  65  TYR TYR A . n 
A 1 25  LEU 25  66  66  LEU LEU A . n 
A 1 26  LEU 26  67  67  LEU LEU A . n 
A 1 27  ARG 27  68  68  ARG ARG A . n 
A 1 28  VAL 28  69  69  VAL VAL A . n 
A 1 29  VAL 29  70  70  VAL VAL A . n 
A 1 30  LEU 30  71  71  LEU LEU A . n 
A 1 31  LYS 31  72  72  LYS LYS A . n 
A 1 32  THR 32  73  73  THR THR A . n 
A 1 33  LEU 33  74  74  LEU LEU A . n 
A 1 34  TRP 34  75  75  TRP TRP A . n 
A 1 35  LYS 35  76  76  LYS LYS A . n 
A 1 36  HIS 36  77  77  HIS HIS A . n 
A 1 37  GLN 37  78  78  GLN GLN A . n 
A 1 38  PHE 38  79  79  PHE PHE A . n 
A 1 39  ALA 39  80  80  ALA ALA A . n 
A 1 40  TRP 40  81  81  TRP TRP A . n 
A 1 41  PRO 41  82  82  PRO PRO A . n 
A 1 42  PHE 42  83  83  PHE PHE A . n 
A 1 43  GLN 43  84  84  GLN GLN A . n 
A 1 44  GLN 44  85  85  GLN GLN A . n 
A 1 45  PRO 45  86  86  PRO PRO A . n 
A 1 46  VAL 46  87  87  VAL VAL A . n 
A 1 47  ASP 47  88  88  ASP ASP A . n 
A 1 48  ALA 48  89  89  ALA ALA A . n 
A 1 49  VAL 49  90  90  VAL VAL A . n 
A 1 50  LYS 50  91  91  LYS LYS A . n 
A 1 51  LEU 51  92  92  LEU LEU A . n 
A 1 52  ASN 52  93  93  ASN ASN A . n 
A 1 53  LEU 53  94  94  LEU LEU A . n 
A 1 54  PRO 54  95  95  PRO PRO A . n 
A 1 55  ASP 55  96  96  ASP ASP A . n 
A 1 56  TYR 56  97  97  TYR TYR A . n 
A 1 57  TYR 57  98  98  TYR TYR A . n 
A 1 58  LYS 58  99  99  LYS LYS A . n 
A 1 59  ILE 59  100 100 ILE ILE A . n 
A 1 60  ILE 60  101 101 ILE ILE A . n 
A 1 61  LYS 61  102 102 LYS LYS A . n 
A 1 62  THR 62  103 103 THR THR A . n 
A 1 63  PRO 63  104 104 PRO PRO A . n 
A 1 64  MET 64  105 105 MET MET A . n 
A 1 65  ASP 65  106 106 ASP ASP A . n 
A 1 66  MET 66  107 107 MET MET A . n 
A 1 67  GLY 67  108 108 GLY GLY A . n 
A 1 68  THR 68  109 109 THR THR A . n 
A 1 69  ILE 69  110 110 ILE ILE A . n 
A 1 70  LYS 70  111 111 LYS LYS A . n 
A 1 71  LYS 71  112 112 LYS LYS A . n 
A 1 72  ARG 72  113 113 ARG ARG A . n 
A 1 73  LEU 73  114 114 LEU LEU A . n 
A 1 74  GLU 74  115 115 GLU GLU A . n 
A 1 75  ASN 75  116 116 ASN ASN A . n 
A 1 76  ASN 76  117 117 ASN ASN A . n 
A 1 77  TYR 77  118 118 TYR TYR A . n 
A 1 78  TYR 78  119 119 TYR TYR A . n 
A 1 79  TRP 79  120 120 TRP TRP A . n 
A 1 80  ASN 80  121 121 ASN ASN A . n 
A 1 81  ALA 81  122 122 ALA ALA A . n 
A 1 82  GLN 82  123 123 GLN GLN A . n 
A 1 83  GLU 83  124 124 GLU GLU A . n 
A 1 84  CYS 84  125 125 CYS CYS A . n 
A 1 85  ILE 85  126 126 ILE ILE A . n 
A 1 86  GLN 86  127 127 GLN GLN A . n 
A 1 87  ASP 87  128 128 ASP ASP A . n 
A 1 88  PHE 88  129 129 PHE PHE A . n 
A 1 89  ASN 89  130 130 ASN ASN A . n 
A 1 90  THR 90  131 131 THR THR A . n 
A 1 91  MET 91  132 132 MET MET A . n 
A 1 92  PHE 92  133 133 PHE PHE A . n 
A 1 93  THR 93  134 134 THR THR A . n 
A 1 94  ASN 94  135 135 ASN ASN A . n 
A 1 95  CYS 95  136 136 CYS CYS A . n 
A 1 96  TYR 96  137 137 TYR TYR A . n 
A 1 97  ILE 97  138 138 ILE ILE A . n 
A 1 98  TYR 98  139 139 TYR TYR A . n 
A 1 99  ASN 99  140 140 ASN ASN A . n 
A 1 100 LYS 100 141 141 LYS LYS A . n 
A 1 101 PRO 101 142 142 PRO PRO A . n 
A 1 102 GLY 102 143 143 GLY GLY A . n 
A 1 103 ASP 103 144 144 ASP ASP A . n 
A 1 104 ASP 104 145 145 ASP ASP A . n 
A 1 105 ILE 105 146 146 ILE ILE A . n 
A 1 106 VAL 106 147 147 VAL VAL A . n 
A 1 107 LEU 107 148 148 LEU LEU A . n 
A 1 108 MET 108 149 149 MET MET A . n 
A 1 109 ALA 109 150 150 ALA ALA A . n 
A 1 110 GLU 110 151 151 GLU GLU A . n 
A 1 111 ALA 111 152 152 ALA ALA A . n 
A 1 112 LEU 112 153 153 LEU LEU A . n 
A 1 113 GLU 113 154 154 GLU GLU A . n 
A 1 114 LYS 114 155 155 LYS LYS A . n 
A 1 115 LEU 115 156 156 LEU LEU A . n 
A 1 116 PHE 116 157 157 PHE PHE A . n 
A 1 117 LEU 117 158 158 LEU LEU A . n 
A 1 118 GLN 118 159 159 GLN GLN A . n 
A 1 119 LYS 119 160 160 LYS LYS A . n 
A 1 120 ILE 120 161 161 ILE ILE A . n 
A 1 121 ASN 121 162 162 ASN ASN A . n 
A 1 122 GLU 122 163 163 GLU GLU A . n 
A 1 123 LEU 123 164 164 LEU LEU A . n 
A 1 124 PRO 124 165 165 PRO PRO A . n 
A 1 125 THR 125 166 166 THR THR A . n 
A 1 126 GLU 126 167 167 GLU GLU A . n 
A 1 127 GLU 127 168 168 GLU GLU A . n 
# 
loop_
_pdbx_nonpoly_scheme.asym_id 
_pdbx_nonpoly_scheme.entity_id 
_pdbx_nonpoly_scheme.mon_id 
_pdbx_nonpoly_scheme.ndb_seq_num 
_pdbx_nonpoly_scheme.pdb_seq_num 
_pdbx_nonpoly_scheme.auth_seq_num 
_pdbx_nonpoly_scheme.pdb_mon_id 
_pdbx_nonpoly_scheme.auth_mon_id 
_pdbx_nonpoly_scheme.pdb_strand_id 
_pdbx_nonpoly_scheme.pdb_ins_code 
B 2 Y36 1   201 201 Y36 Y36 A . 
C 3 HOH 1   301 19  HOH HOH A . 
C 3 HOH 2   302 187 HOH HOH A . 
C 3 HOH 3   303 186 HOH HOH A . 
C 3 HOH 4   304 157 HOH HOH A . 
C 3 HOH 5   305 204 HOH HOH A . 
C 3 HOH 6   306 219 HOH HOH A . 
C 3 HOH 7   307 86  HOH HOH A . 
C 3 HOH 8   308 72  HOH HOH A . 
C 3 HOH 9   309 14  HOH HOH A . 
C 3 HOH 10  310 172 HOH HOH A . 
C 3 HOH 11  311 45  HOH HOH A . 
C 3 HOH 12  312 171 HOH HOH A . 
C 3 HOH 13  313 90  HOH HOH A . 
C 3 HOH 14  314 105 HOH HOH A . 
C 3 HOH 15  315 144 HOH HOH A . 
C 3 HOH 16  316 213 HOH HOH A . 
C 3 HOH 17  317 49  HOH HOH A . 
C 3 HOH 18  318 115 HOH HOH A . 
C 3 HOH 19  319 200 HOH HOH A . 
C 3 HOH 20  320 215 HOH HOH A . 
C 3 HOH 21  321 214 HOH HOH A . 
C 3 HOH 22  322 85  HOH HOH A . 
C 3 HOH 23  323 173 HOH HOH A . 
C 3 HOH 24  324 15  HOH HOH A . 
C 3 HOH 25  325 181 HOH HOH A . 
C 3 HOH 26  326 192 HOH HOH A . 
C 3 HOH 27  327 79  HOH HOH A . 
C 3 HOH 28  328 145 HOH HOH A . 
C 3 HOH 29  329 53  HOH HOH A . 
C 3 HOH 30  330 31  HOH HOH A . 
C 3 HOH 31  331 216 HOH HOH A . 
C 3 HOH 32  332 163 HOH HOH A . 
C 3 HOH 33  333 127 HOH HOH A . 
C 3 HOH 34  334 30  HOH HOH A . 
C 3 HOH 35  335 149 HOH HOH A . 
C 3 HOH 36  336 29  HOH HOH A . 
C 3 HOH 37  337 102 HOH HOH A . 
C 3 HOH 38  338 44  HOH HOH A . 
C 3 HOH 39  339 103 HOH HOH A . 
C 3 HOH 40  340 137 HOH HOH A . 
C 3 HOH 41  341 17  HOH HOH A . 
C 3 HOH 42  342 59  HOH HOH A . 
C 3 HOH 43  343 71  HOH HOH A . 
C 3 HOH 44  344 203 HOH HOH A . 
C 3 HOH 45  345 167 HOH HOH A . 
C 3 HOH 46  346 106 HOH HOH A . 
C 3 HOH 47  347 21  HOH HOH A . 
C 3 HOH 48  348 63  HOH HOH A . 
C 3 HOH 49  349 64  HOH HOH A . 
C 3 HOH 50  350 47  HOH HOH A . 
C 3 HOH 51  351 76  HOH HOH A . 
C 3 HOH 52  352 58  HOH HOH A . 
C 3 HOH 53  353 117 HOH HOH A . 
C 3 HOH 54  354 9   HOH HOH A . 
C 3 HOH 55  355 48  HOH HOH A . 
C 3 HOH 56  356 93  HOH HOH A . 
C 3 HOH 57  357 75  HOH HOH A . 
C 3 HOH 58  358 22  HOH HOH A . 
C 3 HOH 59  359 26  HOH HOH A . 
C 3 HOH 60  360 4   HOH HOH A . 
C 3 HOH 61  361 38  HOH HOH A . 
C 3 HOH 62  362 104 HOH HOH A . 
C 3 HOH 63  363 33  HOH HOH A . 
C 3 HOH 64  364 66  HOH HOH A . 
C 3 HOH 65  365 7   HOH HOH A . 
C 3 HOH 66  366 142 HOH HOH A . 
C 3 HOH 67  367 180 HOH HOH A . 
C 3 HOH 68  368 165 HOH HOH A . 
C 3 HOH 69  369 41  HOH HOH A . 
C 3 HOH 70  370 110 HOH HOH A . 
C 3 HOH 71  371 46  HOH HOH A . 
C 3 HOH 72  372 8   HOH HOH A . 
C 3 HOH 73  373 80  HOH HOH A . 
C 3 HOH 74  374 34  HOH HOH A . 
C 3 HOH 75  375 141 HOH HOH A . 
C 3 HOH 76  376 24  HOH HOH A . 
C 3 HOH 77  377 57  HOH HOH A . 
C 3 HOH 78  378 108 HOH HOH A . 
C 3 HOH 79  379 162 HOH HOH A . 
C 3 HOH 80  380 10  HOH HOH A . 
C 3 HOH 81  381 6   HOH HOH A . 
C 3 HOH 82  382 129 HOH HOH A . 
C 3 HOH 83  383 120 HOH HOH A . 
C 3 HOH 84  384 18  HOH HOH A . 
C 3 HOH 85  385 39  HOH HOH A . 
C 3 HOH 86  386 148 HOH HOH A . 
C 3 HOH 87  387 60  HOH HOH A . 
C 3 HOH 88  388 98  HOH HOH A . 
C 3 HOH 89  389 5   HOH HOH A . 
C 3 HOH 90  390 116 HOH HOH A . 
C 3 HOH 91  391 134 HOH HOH A . 
C 3 HOH 92  392 132 HOH HOH A . 
C 3 HOH 93  393 202 HOH HOH A . 
C 3 HOH 94  394 27  HOH HOH A . 
C 3 HOH 95  395 23  HOH HOH A . 
C 3 HOH 96  396 3   HOH HOH A . 
C 3 HOH 97  397 147 HOH HOH A . 
C 3 HOH 98  398 206 HOH HOH A . 
C 3 HOH 99  399 28  HOH HOH A . 
C 3 HOH 100 400 73  HOH HOH A . 
C 3 HOH 101 401 166 HOH HOH A . 
C 3 HOH 102 402 74  HOH HOH A . 
C 3 HOH 103 403 88  HOH HOH A . 
C 3 HOH 104 404 138 HOH HOH A . 
C 3 HOH 105 405 99  HOH HOH A . 
C 3 HOH 106 406 84  HOH HOH A . 
C 3 HOH 107 407 100 HOH HOH A . 
C 3 HOH 108 408 143 HOH HOH A . 
C 3 HOH 109 409 151 HOH HOH A . 
C 3 HOH 110 410 111 HOH HOH A . 
C 3 HOH 111 411 159 HOH HOH A . 
C 3 HOH 112 412 37  HOH HOH A . 
C 3 HOH 113 413 91  HOH HOH A . 
C 3 HOH 114 414 55  HOH HOH A . 
C 3 HOH 115 415 68  HOH HOH A . 
C 3 HOH 116 416 150 HOH HOH A . 
C 3 HOH 117 417 1   HOH HOH A . 
C 3 HOH 118 418 13  HOH HOH A . 
C 3 HOH 119 419 146 HOH HOH A . 
C 3 HOH 120 420 43  HOH HOH A . 
C 3 HOH 121 421 11  HOH HOH A . 
C 3 HOH 122 422 95  HOH HOH A . 
C 3 HOH 123 423 164 HOH HOH A . 
C 3 HOH 124 424 32  HOH HOH A . 
C 3 HOH 125 425 56  HOH HOH A . 
C 3 HOH 126 426 205 HOH HOH A . 
C 3 HOH 127 427 152 HOH HOH A . 
C 3 HOH 128 428 81  HOH HOH A . 
C 3 HOH 129 429 158 HOH HOH A . 
C 3 HOH 130 430 2   HOH HOH A . 
C 3 HOH 131 431 208 HOH HOH A . 
C 3 HOH 132 432 12  HOH HOH A . 
C 3 HOH 133 433 89  HOH HOH A . 
C 3 HOH 134 434 153 HOH HOH A . 
C 3 HOH 135 435 169 HOH HOH A . 
C 3 HOH 136 436 82  HOH HOH A . 
C 3 HOH 137 437 220 HOH HOH A . 
C 3 HOH 138 438 42  HOH HOH A . 
C 3 HOH 139 439 168 HOH HOH A . 
C 3 HOH 140 440 40  HOH HOH A . 
C 3 HOH 141 441 176 HOH HOH A . 
C 3 HOH 142 442 139 HOH HOH A . 
C 3 HOH 143 443 188 HOH HOH A . 
C 3 HOH 144 444 209 HOH HOH A . 
C 3 HOH 145 445 185 HOH HOH A . 
C 3 HOH 146 446 25  HOH HOH A . 
C 3 HOH 147 447 97  HOH HOH A . 
C 3 HOH 148 448 155 HOH HOH A . 
C 3 HOH 149 449 51  HOH HOH A . 
C 3 HOH 150 450 182 HOH HOH A . 
C 3 HOH 151 451 20  HOH HOH A . 
C 3 HOH 152 452 140 HOH HOH A . 
C 3 HOH 153 453 207 HOH HOH A . 
C 3 HOH 154 454 160 HOH HOH A . 
C 3 HOH 155 455 210 HOH HOH A . 
C 3 HOH 156 456 212 HOH HOH A . 
C 3 HOH 157 457 122 HOH HOH A . 
C 3 HOH 158 458 54  HOH HOH A . 
C 3 HOH 159 459 131 HOH HOH A . 
C 3 HOH 160 460 67  HOH HOH A . 
C 3 HOH 161 461 96  HOH HOH A . 
C 3 HOH 162 462 170 HOH HOH A . 
C 3 HOH 163 463 52  HOH HOH A . 
C 3 HOH 164 464 179 HOH HOH A . 
C 3 HOH 165 465 201 HOH HOH A . 
C 3 HOH 166 466 118 HOH HOH A . 
C 3 HOH 167 467 211 HOH HOH A . 
C 3 HOH 168 468 126 HOH HOH A . 
C 3 HOH 169 469 178 HOH HOH A . 
C 3 HOH 170 470 112 HOH HOH A . 
C 3 HOH 171 471 154 HOH HOH A . 
C 3 HOH 172 472 69  HOH HOH A . 
C 3 HOH 173 473 125 HOH HOH A . 
C 3 HOH 174 474 221 HOH HOH A . 
C 3 HOH 175 475 65  HOH HOH A . 
C 3 HOH 176 476 175 HOH HOH A . 
C 3 HOH 177 477 191 HOH HOH A . 
C 3 HOH 178 478 36  HOH HOH A . 
C 3 HOH 179 479 128 HOH HOH A . 
C 3 HOH 180 480 107 HOH HOH A . 
C 3 HOH 181 481 94  HOH HOH A . 
C 3 HOH 182 482 70  HOH HOH A . 
C 3 HOH 183 483 50  HOH HOH A . 
C 3 HOH 184 484 16  HOH HOH A . 
C 3 HOH 185 485 101 HOH HOH A . 
C 3 HOH 186 486 198 HOH HOH A . 
C 3 HOH 187 487 133 HOH HOH A . 
C 3 HOH 188 488 189 HOH HOH A . 
C 3 HOH 189 489 161 HOH HOH A . 
C 3 HOH 190 490 77  HOH HOH A . 
C 3 HOH 191 491 156 HOH HOH A . 
C 3 HOH 192 492 61  HOH HOH A . 
C 3 HOH 193 493 83  HOH HOH A . 
C 3 HOH 194 494 183 HOH HOH A . 
C 3 HOH 195 495 87  HOH HOH A . 
C 3 HOH 196 496 78  HOH HOH A . 
C 3 HOH 197 497 135 HOH HOH A . 
C 3 HOH 198 498 222 HOH HOH A . 
C 3 HOH 199 499 113 HOH HOH A . 
C 3 HOH 200 500 177 HOH HOH A . 
C 3 HOH 201 501 130 HOH HOH A . 
C 3 HOH 202 502 123 HOH HOH A . 
C 3 HOH 203 503 193 HOH HOH A . 
C 3 HOH 204 504 184 HOH HOH A . 
C 3 HOH 205 505 217 HOH HOH A . 
C 3 HOH 206 506 35  HOH HOH A . 
C 3 HOH 207 507 194 HOH HOH A . 
C 3 HOH 208 508 92  HOH HOH A . 
C 3 HOH 209 509 124 HOH HOH A . 
C 3 HOH 210 510 114 HOH HOH A . 
C 3 HOH 211 511 218 HOH HOH A . 
C 3 HOH 212 512 196 HOH HOH A . 
C 3 HOH 213 513 62  HOH HOH A . 
C 3 HOH 214 514 121 HOH HOH A . 
C 3 HOH 215 515 190 HOH HOH A . 
C 3 HOH 216 516 195 HOH HOH A . 
C 3 HOH 217 517 119 HOH HOH A . 
C 3 HOH 218 518 109 HOH HOH A . 
C 3 HOH 219 519 174 HOH HOH A . 
C 3 HOH 220 520 199 HOH HOH A . 
C 3 HOH 221 521 136 HOH HOH A . 
C 3 HOH 222 522 197 HOH HOH A . 
C 3 HOH 223 523 223 HOH HOH A . 
# 
_pdbx_struct_assembly.id                   1 
_pdbx_struct_assembly.details              author_and_software_defined_assembly 
_pdbx_struct_assembly.method_details       PISA 
_pdbx_struct_assembly.oligomeric_details   monomeric 
_pdbx_struct_assembly.oligomeric_count     1 
# 
_pdbx_struct_assembly_gen.assembly_id       1 
_pdbx_struct_assembly_gen.oper_expression   1 
_pdbx_struct_assembly_gen.asym_id_list      A,B,C 
# 
_pdbx_struct_oper_list.id                   1 
_pdbx_struct_oper_list.type                 'identity operation' 
_pdbx_struct_oper_list.name                 1_555 
_pdbx_struct_oper_list.symmetry_operation   x,y,z 
_pdbx_struct_oper_list.matrix[1][1]         1.0000000000 
_pdbx_struct_oper_list.matrix[1][2]         0.0000000000 
_pdbx_struct_oper_list.matrix[1][3]         0.0000000000 
_pdbx_struct_oper_list.vector[1]            0.0000000000 
_pdbx_struct_oper_list.matrix[2][1]         0.0000000000 
_pdbx_struct_oper_list.matrix[2][2]         1.0000000000 
_pdbx_struct_oper_list.matrix[2][3]         0.0000000000 
_pdbx_struct_oper_list.vector[2]            0.0000000000 
_pdbx_struct_oper_list.matrix[3][1]         0.0000000000 
_pdbx_struct_oper_list.matrix[3][2]         0.0000000000 
_pdbx_struct_oper_list.matrix[3][3]         1.0000000000 
_pdbx_struct_oper_list.vector[3]            0.0000000000 
# 
loop_
_pdbx_audit_revision_history.ordinal 
_pdbx_audit_revision_history.data_content_type 
_pdbx_audit_revision_history.major_revision 
_pdbx_audit_revision_history.minor_revision 
_pdbx_audit_revision_history.revision_date 
1 'Structure model' 1 0 2021-06-23 
2 'Structure model' 1 1 2021-09-08 
3 'Structure model' 1 2 2023-10-18 
# 
_pdbx_audit_revision_details.ordinal             1 
_pdbx_audit_revision_details.revision_ordinal    1 
_pdbx_audit_revision_details.data_content_type   'Structure model' 
_pdbx_audit_revision_details.provider            repository 
_pdbx_audit_revision_details.type                'Initial release' 
_pdbx_audit_revision_details.description         ? 
_pdbx_audit_revision_details.details             ? 
# 
loop_
_pdbx_audit_revision_group.ordinal 
_pdbx_audit_revision_group.revision_ordinal 
_pdbx_audit_revision_group.data_content_type 
_pdbx_audit_revision_group.group 
1 2 'Structure model' 'Database references'    
2 2 'Structure model' Other                    
3 2 'Structure model' 'Structure summary'      
4 3 'Structure model' 'Data collection'        
5 3 'Structure model' 'Refinement description' 
# 
loop_
_pdbx_audit_revision_category.ordinal 
_pdbx_audit_revision_category.revision_ordinal 
_pdbx_audit_revision_category.data_content_type 
_pdbx_audit_revision_category.category 
1 2 'Structure model' audit_author                  
2 2 'Structure model' database_2                    
3 2 'Structure model' pdbx_SG_project               
4 2 'Structure model' pdbx_database_status          
5 3 'Structure model' chem_comp_atom                
6 3 'Structure model' chem_comp_bond                
7 3 'Structure model' pdbx_initial_refinement_model 
# 
loop_
_pdbx_audit_revision_item.ordinal 
_pdbx_audit_revision_item.revision_ordinal 
_pdbx_audit_revision_item.data_content_type 
_pdbx_audit_revision_item.item 
1 2 'Structure model' '_database_2.pdbx_DOI'                
2 2 'Structure model' '_database_2.pdbx_database_accession' 
3 2 'Structure model' '_pdbx_database_status.SG_entry'      
# 
loop_
_software.citation_id 
_software.classification 
_software.compiler_name 
_software.compiler_version 
_software.contact_author 
_software.contact_author_email 
_software.date 
_software.description 
_software.dependencies 
_software.hardware 
_software.language 
_software.location 
_software.mods 
_software.name 
_software.os 
_software.os_version 
_software.type 
_software.version 
_software.pdbx_ordinal 
? 'data reduction'  ? ? ? ? ? ? ? ? ? ? ? XDS         ? ? ? .        1 
? 'data scaling'    ? ? ? ? ? ? ? ? ? ? ? Aimless     ? ? ? 0.7.4    2 
? refinement        ? ? ? ? ? ? ? ? ? ? ? REFMAC      ? ? ? 5.8.0258 3 
? 'data extraction' ? ? ? ? ? ? ? ? ? ? ? PDB_EXTRACT ? ? ? 3.25     4 
? phasing           ? ? ? ? ? ? ? ? ? ? ? MOLREP      ? ? ? .        5 
# 
_pdbx_entry_details.entry_id                 7JKX 
_pdbx_entry_details.has_ligand_of_interest   Y 
_pdbx_entry_details.compound_details         ? 
_pdbx_entry_details.source_details           ? 
_pdbx_entry_details.nonpolymer_details       ? 
_pdbx_entry_details.sequence_details         ? 
# 
_pdbx_validate_torsion.id              1 
_pdbx_validate_torsion.PDB_model_num   1 
_pdbx_validate_torsion.auth_comp_id    LEU 
_pdbx_validate_torsion.auth_asym_id    A 
_pdbx_validate_torsion.auth_seq_id     94 
_pdbx_validate_torsion.PDB_ins_code    ? 
_pdbx_validate_torsion.label_alt_id    ? 
_pdbx_validate_torsion.phi             -118.15 
_pdbx_validate_torsion.psi             76.37 
# 
loop_
_chem_comp_atom.comp_id 
_chem_comp_atom.atom_id 
_chem_comp_atom.type_symbol 
_chem_comp_atom.pdbx_aromatic_flag 
_chem_comp_atom.pdbx_stereo_config 
_chem_comp_atom.pdbx_ordinal 
ALA N    N N N 1   
ALA CA   C N S 2   
ALA C    C N N 3   
ALA O    O N N 4   
ALA CB   C N N 5   
ALA OXT  O N N 6   
ALA H    H N N 7   
ALA H2   H N N 8   
ALA HA   H N N 9   
ALA HB1  H N N 10  
ALA HB2  H N N 11  
ALA HB3  H N N 12  
ALA HXT  H N N 13  
ARG N    N N N 14  
ARG CA   C N S 15  
ARG C    C N N 16  
ARG O    O N N 17  
ARG CB   C N N 18  
ARG CG   C N N 19  
ARG CD   C N N 20  
ARG NE   N N N 21  
ARG CZ   C N N 22  
ARG NH1  N N N 23  
ARG NH2  N N N 24  
ARG OXT  O N N 25  
ARG H    H N N 26  
ARG H2   H N N 27  
ARG HA   H N N 28  
ARG HB2  H N N 29  
ARG HB3  H N N 30  
ARG HG2  H N N 31  
ARG HG3  H N N 32  
ARG HD2  H N N 33  
ARG HD3  H N N 34  
ARG HE   H N N 35  
ARG HH11 H N N 36  
ARG HH12 H N N 37  
ARG HH21 H N N 38  
ARG HH22 H N N 39  
ARG HXT  H N N 40  
ASN N    N N N 41  
ASN CA   C N S 42  
ASN C    C N N 43  
ASN O    O N N 44  
ASN CB   C N N 45  
ASN CG   C N N 46  
ASN OD1  O N N 47  
ASN ND2  N N N 48  
ASN OXT  O N N 49  
ASN H    H N N 50  
ASN H2   H N N 51  
ASN HA   H N N 52  
ASN HB2  H N N 53  
ASN HB3  H N N 54  
ASN HD21 H N N 55  
ASN HD22 H N N 56  
ASN HXT  H N N 57  
ASP N    N N N 58  
ASP CA   C N S 59  
ASP C    C N N 60  
ASP O    O N N 61  
ASP CB   C N N 62  
ASP CG   C N N 63  
ASP OD1  O N N 64  
ASP OD2  O N N 65  
ASP OXT  O N N 66  
ASP H    H N N 67  
ASP H2   H N N 68  
ASP HA   H N N 69  
ASP HB2  H N N 70  
ASP HB3  H N N 71  
ASP HD2  H N N 72  
ASP HXT  H N N 73  
CYS N    N N N 74  
CYS CA   C N R 75  
CYS C    C N N 76  
CYS O    O N N 77  
CYS CB   C N N 78  
CYS SG   S N N 79  
CYS OXT  O N N 80  
CYS H    H N N 81  
CYS H2   H N N 82  
CYS HA   H N N 83  
CYS HB2  H N N 84  
CYS HB3  H N N 85  
CYS HG   H N N 86  
CYS HXT  H N N 87  
GLN N    N N N 88  
GLN CA   C N S 89  
GLN C    C N N 90  
GLN O    O N N 91  
GLN CB   C N N 92  
GLN CG   C N N 93  
GLN CD   C N N 94  
GLN OE1  O N N 95  
GLN NE2  N N N 96  
GLN OXT  O N N 97  
GLN H    H N N 98  
GLN H2   H N N 99  
GLN HA   H N N 100 
GLN HB2  H N N 101 
GLN HB3  H N N 102 
GLN HG2  H N N 103 
GLN HG3  H N N 104 
GLN HE21 H N N 105 
GLN HE22 H N N 106 
GLN HXT  H N N 107 
GLU N    N N N 108 
GLU CA   C N S 109 
GLU C    C N N 110 
GLU O    O N N 111 
GLU CB   C N N 112 
GLU CG   C N N 113 
GLU CD   C N N 114 
GLU OE1  O N N 115 
GLU OE2  O N N 116 
GLU OXT  O N N 117 
GLU H    H N N 118 
GLU H2   H N N 119 
GLU HA   H N N 120 
GLU HB2  H N N 121 
GLU HB3  H N N 122 
GLU HG2  H N N 123 
GLU HG3  H N N 124 
GLU HE2  H N N 125 
GLU HXT  H N N 126 
GLY N    N N N 127 
GLY CA   C N N 128 
GLY C    C N N 129 
GLY O    O N N 130 
GLY OXT  O N N 131 
GLY H    H N N 132 
GLY H2   H N N 133 
GLY HA2  H N N 134 
GLY HA3  H N N 135 
GLY HXT  H N N 136 
HIS N    N N N 137 
HIS CA   C N S 138 
HIS C    C N N 139 
HIS O    O N N 140 
HIS CB   C N N 141 
HIS CG   C Y N 142 
HIS ND1  N Y N 143 
HIS CD2  C Y N 144 
HIS CE1  C Y N 145 
HIS NE2  N Y N 146 
HIS OXT  O N N 147 
HIS H    H N N 148 
HIS H2   H N N 149 
HIS HA   H N N 150 
HIS HB2  H N N 151 
HIS HB3  H N N 152 
HIS HD1  H N N 153 
HIS HD2  H N N 154 
HIS HE1  H N N 155 
HIS HE2  H N N 156 
HIS HXT  H N N 157 
HOH O    O N N 158 
HOH H1   H N N 159 
HOH H2   H N N 160 
ILE N    N N N 161 
ILE CA   C N S 162 
ILE C    C N N 163 
ILE O    O N N 164 
ILE CB   C N S 165 
ILE CG1  C N N 166 
ILE CG2  C N N 167 
ILE CD1  C N N 168 
ILE OXT  O N N 169 
ILE H    H N N 170 
ILE H2   H N N 171 
ILE HA   H N N 172 
ILE HB   H N N 173 
ILE HG12 H N N 174 
ILE HG13 H N N 175 
ILE HG21 H N N 176 
ILE HG22 H N N 177 
ILE HG23 H N N 178 
ILE HD11 H N N 179 
ILE HD12 H N N 180 
ILE HD13 H N N 181 
ILE HXT  H N N 182 
LEU N    N N N 183 
LEU CA   C N S 184 
LEU C    C N N 185 
LEU O    O N N 186 
LEU CB   C N N 187 
LEU CG   C N N 188 
LEU CD1  C N N 189 
LEU CD2  C N N 190 
LEU OXT  O N N 191 
LEU H    H N N 192 
LEU H2   H N N 193 
LEU HA   H N N 194 
LEU HB2  H N N 195 
LEU HB3  H N N 196 
LEU HG   H N N 197 
LEU HD11 H N N 198 
LEU HD12 H N N 199 
LEU HD13 H N N 200 
LEU HD21 H N N 201 
LEU HD22 H N N 202 
LEU HD23 H N N 203 
LEU HXT  H N N 204 
LYS N    N N N 205 
LYS CA   C N S 206 
LYS C    C N N 207 
LYS O    O N N 208 
LYS CB   C N N 209 
LYS CG   C N N 210 
LYS CD   C N N 211 
LYS CE   C N N 212 
LYS NZ   N N N 213 
LYS OXT  O N N 214 
LYS H    H N N 215 
LYS H2   H N N 216 
LYS HA   H N N 217 
LYS HB2  H N N 218 
LYS HB3  H N N 219 
LYS HG2  H N N 220 
LYS HG3  H N N 221 
LYS HD2  H N N 222 
LYS HD3  H N N 223 
LYS HE2  H N N 224 
LYS HE3  H N N 225 
LYS HZ1  H N N 226 
LYS HZ2  H N N 227 
LYS HZ3  H N N 228 
LYS HXT  H N N 229 
MET N    N N N 230 
MET CA   C N S 231 
MET C    C N N 232 
MET O    O N N 233 
MET CB   C N N 234 
MET CG   C N N 235 
MET SD   S N N 236 
MET CE   C N N 237 
MET OXT  O N N 238 
MET H    H N N 239 
MET H2   H N N 240 
MET HA   H N N 241 
MET HB2  H N N 242 
MET HB3  H N N 243 
MET HG2  H N N 244 
MET HG3  H N N 245 
MET HE1  H N N 246 
MET HE2  H N N 247 
MET HE3  H N N 248 
MET HXT  H N N 249 
PHE N    N N N 250 
PHE CA   C N S 251 
PHE C    C N N 252 
PHE O    O N N 253 
PHE CB   C N N 254 
PHE CG   C Y N 255 
PHE CD1  C Y N 256 
PHE CD2  C Y N 257 
PHE CE1  C Y N 258 
PHE CE2  C Y N 259 
PHE CZ   C Y N 260 
PHE OXT  O N N 261 
PHE H    H N N 262 
PHE H2   H N N 263 
PHE HA   H N N 264 
PHE HB2  H N N 265 
PHE HB3  H N N 266 
PHE HD1  H N N 267 
PHE HD2  H N N 268 
PHE HE1  H N N 269 
PHE HE2  H N N 270 
PHE HZ   H N N 271 
PHE HXT  H N N 272 
PRO N    N N N 273 
PRO CA   C N S 274 
PRO C    C N N 275 
PRO O    O N N 276 
PRO CB   C N N 277 
PRO CG   C N N 278 
PRO CD   C N N 279 
PRO OXT  O N N 280 
PRO H    H N N 281 
PRO HA   H N N 282 
PRO HB2  H N N 283 
PRO HB3  H N N 284 
PRO HG2  H N N 285 
PRO HG3  H N N 286 
PRO HD2  H N N 287 
PRO HD3  H N N 288 
PRO HXT  H N N 289 
SER N    N N N 290 
SER CA   C N S 291 
SER C    C N N 292 
SER O    O N N 293 
SER CB   C N N 294 
SER OG   O N N 295 
SER OXT  O N N 296 
SER H    H N N 297 
SER H2   H N N 298 
SER HA   H N N 299 
SER HB2  H N N 300 
SER HB3  H N N 301 
SER HG   H N N 302 
SER HXT  H N N 303 
THR N    N N N 304 
THR CA   C N S 305 
THR C    C N N 306 
THR O    O N N 307 
THR CB   C N R 308 
THR OG1  O N N 309 
THR CG2  C N N 310 
THR OXT  O N N 311 
THR H    H N N 312 
THR H2   H N N 313 
THR HA   H N N 314 
THR HB   H N N 315 
THR HG1  H N N 316 
THR HG21 H N N 317 
THR HG22 H N N 318 
THR HG23 H N N 319 
THR HXT  H N N 320 
TRP N    N N N 321 
TRP CA   C N S 322 
TRP C    C N N 323 
TRP O    O N N 324 
TRP CB   C N N 325 
TRP CG   C Y N 326 
TRP CD1  C Y N 327 
TRP CD2  C Y N 328 
TRP NE1  N Y N 329 
TRP CE2  C Y N 330 
TRP CE3  C Y N 331 
TRP CZ2  C Y N 332 
TRP CZ3  C Y N 333 
TRP CH2  C Y N 334 
TRP OXT  O N N 335 
TRP H    H N N 336 
TRP H2   H N N 337 
TRP HA   H N N 338 
TRP HB2  H N N 339 
TRP HB3  H N N 340 
TRP HD1  H N N 341 
TRP HE1  H N N 342 
TRP HE3  H N N 343 
TRP HZ2  H N N 344 
TRP HZ3  H N N 345 
TRP HH2  H N N 346 
TRP HXT  H N N 347 
TYR N    N N N 348 
TYR CA   C N S 349 
TYR C    C N N 350 
TYR O    O N N 351 
TYR CB   C N N 352 
TYR CG   C Y N 353 
TYR CD1  C Y N 354 
TYR CD2  C Y N 355 
TYR CE1  C Y N 356 
TYR CE2  C Y N 357 
TYR CZ   C Y N 358 
TYR OH   O N N 359 
TYR OXT  O N N 360 
TYR H    H N N 361 
TYR H2   H N N 362 
TYR HA   H N N 363 
TYR HB2  H N N 364 
TYR HB3  H N N 365 
TYR HD1  H N N 366 
TYR HD2  H N N 367 
TYR HE1  H N N 368 
TYR HE2  H N N 369 
TYR HH   H N N 370 
TYR HXT  H N N 371 
VAL N    N N N 372 
VAL CA   C N S 373 
VAL C    C N N 374 
VAL O    O N N 375 
VAL CB   C N N 376 
VAL CG1  C N N 377 
VAL CG2  C N N 378 
VAL OXT  O N N 379 
VAL H    H N N 380 
VAL H2   H N N 381 
VAL HA   H N N 382 
VAL HB   H N N 383 
VAL HG11 H N N 384 
VAL HG12 H N N 385 
VAL HG13 H N N 386 
VAL HG21 H N N 387 
VAL HG22 H N N 388 
VAL HG23 H N N 389 
VAL HXT  H N N 390 
Y36 C1   C Y N 391 
Y36 C2   C Y N 392 
Y36 C3   C Y N 393 
Y36 C4   C Y N 394 
Y36 C5   C Y N 395 
Y36 C6   C Y N 396 
Y36 C7   C Y N 397 
Y36 C8   C Y N 398 
Y36 C9   C N N 399 
Y36 C10  C Y N 400 
Y36 C11  C Y N 401 
Y36 C12  C Y N 402 
Y36 C13  C Y N 403 
Y36 C14  C Y N 404 
Y36 C15  C Y N 405 
Y36 C16  C Y N 406 
Y36 C17  C Y N 407 
Y36 C18  C Y N 408 
Y36 C19  C Y N 409 
Y36 C20  C N N 410 
Y36 C21  C N N 411 
Y36 C22  C N N 412 
Y36 N1   N Y N 413 
Y36 N2   N Y N 414 
Y36 N3   N Y N 415 
Y36 N4   N N N 416 
Y36 C23  C N N 417 
Y36 C24  C N N 418 
Y36 C25  C N N 419 
Y36 C26  C N N 420 
Y36 C27  C N N 421 
Y36 C28  C N N 422 
Y36 S1   S N N 423 
Y36 O1   O N N 424 
Y36 O2   O N N 425 
Y36 N5   N N N 426 
Y36 N6   N N N 427 
Y36 C29  C N N 428 
Y36 O3   O N N 429 
Y36 H1   H N N 430 
Y36 H2   H N N 431 
Y36 H3   H N N 432 
Y36 H4   H N N 433 
Y36 H5   H N N 434 
Y36 H6   H N N 435 
Y36 H7   H N N 436 
Y36 H8   H N N 437 
Y36 H9   H N N 438 
Y36 H10  H N N 439 
Y36 H11  H N N 440 
Y36 H12  H N N 441 
Y36 H13  H N N 442 
Y36 H14  H N N 443 
Y36 H15  H N N 444 
Y36 H16  H N N 445 
Y36 H17  H N N 446 
Y36 H18  H N N 447 
Y36 H19  H N N 448 
Y36 H20  H N N 449 
Y36 H21  H N N 450 
Y36 H22  H N N 451 
Y36 H23  H N N 452 
Y36 H24  H N N 453 
Y36 H25  H N N 454 
Y36 H26  H N N 455 
Y36 H27  H N N 456 
Y36 H28  H N N 457 
Y36 H29  H N N 458 
Y36 H30  H N N 459 
# 
loop_
_chem_comp_bond.comp_id 
_chem_comp_bond.atom_id_1 
_chem_comp_bond.atom_id_2 
_chem_comp_bond.value_order 
_chem_comp_bond.pdbx_aromatic_flag 
_chem_comp_bond.pdbx_stereo_config 
_chem_comp_bond.pdbx_ordinal 
ALA N   CA   sing N N 1   
ALA N   H    sing N N 2   
ALA N   H2   sing N N 3   
ALA CA  C    sing N N 4   
ALA CA  CB   sing N N 5   
ALA CA  HA   sing N N 6   
ALA C   O    doub N N 7   
ALA C   OXT  sing N N 8   
ALA CB  HB1  sing N N 9   
ALA CB  HB2  sing N N 10  
ALA CB  HB3  sing N N 11  
ALA OXT HXT  sing N N 12  
ARG N   CA   sing N N 13  
ARG N   H    sing N N 14  
ARG N   H2   sing N N 15  
ARG CA  C    sing N N 16  
ARG CA  CB   sing N N 17  
ARG CA  HA   sing N N 18  
ARG C   O    doub N N 19  
ARG C   OXT  sing N N 20  
ARG CB  CG   sing N N 21  
ARG CB  HB2  sing N N 22  
ARG CB  HB3  sing N N 23  
ARG CG  CD   sing N N 24  
ARG CG  HG2  sing N N 25  
ARG CG  HG3  sing N N 26  
ARG CD  NE   sing N N 27  
ARG CD  HD2  sing N N 28  
ARG CD  HD3  sing N N 29  
ARG NE  CZ   sing N N 30  
ARG NE  HE   sing N N 31  
ARG CZ  NH1  sing N N 32  
ARG CZ  NH2  doub N N 33  
ARG NH1 HH11 sing N N 34  
ARG NH1 HH12 sing N N 35  
ARG NH2 HH21 sing N N 36  
ARG NH2 HH22 sing N N 37  
ARG OXT HXT  sing N N 38  
ASN N   CA   sing N N 39  
ASN N   H    sing N N 40  
ASN N   H2   sing N N 41  
ASN CA  C    sing N N 42  
ASN CA  CB   sing N N 43  
ASN CA  HA   sing N N 44  
ASN C   O    doub N N 45  
ASN C   OXT  sing N N 46  
ASN CB  CG   sing N N 47  
ASN CB  HB2  sing N N 48  
ASN CB  HB3  sing N N 49  
ASN CG  OD1  doub N N 50  
ASN CG  ND2  sing N N 51  
ASN ND2 HD21 sing N N 52  
ASN ND2 HD22 sing N N 53  
ASN OXT HXT  sing N N 54  
ASP N   CA   sing N N 55  
ASP N   H    sing N N 56  
ASP N   H2   sing N N 57  
ASP CA  C    sing N N 58  
ASP CA  CB   sing N N 59  
ASP CA  HA   sing N N 60  
ASP C   O    doub N N 61  
ASP C   OXT  sing N N 62  
ASP CB  CG   sing N N 63  
ASP CB  HB2  sing N N 64  
ASP CB  HB3  sing N N 65  
ASP CG  OD1  doub N N 66  
ASP CG  OD2  sing N N 67  
ASP OD2 HD2  sing N N 68  
ASP OXT HXT  sing N N 69  
CYS N   CA   sing N N 70  
CYS N   H    sing N N 71  
CYS N   H2   sing N N 72  
CYS CA  C    sing N N 73  
CYS CA  CB   sing N N 74  
CYS CA  HA   sing N N 75  
CYS C   O    doub N N 76  
CYS C   OXT  sing N N 77  
CYS CB  SG   sing N N 78  
CYS CB  HB2  sing N N 79  
CYS CB  HB3  sing N N 80  
CYS SG  HG   sing N N 81  
CYS OXT HXT  sing N N 82  
GLN N   CA   sing N N 83  
GLN N   H    sing N N 84  
GLN N   H2   sing N N 85  
GLN CA  C    sing N N 86  
GLN CA  CB   sing N N 87  
GLN CA  HA   sing N N 88  
GLN C   O    doub N N 89  
GLN C   OXT  sing N N 90  
GLN CB  CG   sing N N 91  
GLN CB  HB2  sing N N 92  
GLN CB  HB3  sing N N 93  
GLN CG  CD   sing N N 94  
GLN CG  HG2  sing N N 95  
GLN CG  HG3  sing N N 96  
GLN CD  OE1  doub N N 97  
GLN CD  NE2  sing N N 98  
GLN NE2 HE21 sing N N 99  
GLN NE2 HE22 sing N N 100 
GLN OXT HXT  sing N N 101 
GLU N   CA   sing N N 102 
GLU N   H    sing N N 103 
GLU N   H2   sing N N 104 
GLU CA  C    sing N N 105 
GLU CA  CB   sing N N 106 
GLU CA  HA   sing N N 107 
GLU C   O    doub N N 108 
GLU C   OXT  sing N N 109 
GLU CB  CG   sing N N 110 
GLU CB  HB2  sing N N 111 
GLU CB  HB3  sing N N 112 
GLU CG  CD   sing N N 113 
GLU CG  HG2  sing N N 114 
GLU CG  HG3  sing N N 115 
GLU CD  OE1  doub N N 116 
GLU CD  OE2  sing N N 117 
GLU OE2 HE2  sing N N 118 
GLU OXT HXT  sing N N 119 
GLY N   CA   sing N N 120 
GLY N   H    sing N N 121 
GLY N   H2   sing N N 122 
GLY CA  C    sing N N 123 
GLY CA  HA2  sing N N 124 
GLY CA  HA3  sing N N 125 
GLY C   O    doub N N 126 
GLY C   OXT  sing N N 127 
GLY OXT HXT  sing N N 128 
HIS N   CA   sing N N 129 
HIS N   H    sing N N 130 
HIS N   H2   sing N N 131 
HIS CA  C    sing N N 132 
HIS CA  CB   sing N N 133 
HIS CA  HA   sing N N 134 
HIS C   O    doub N N 135 
HIS C   OXT  sing N N 136 
HIS CB  CG   sing N N 137 
HIS CB  HB2  sing N N 138 
HIS CB  HB3  sing N N 139 
HIS CG  ND1  sing Y N 140 
HIS CG  CD2  doub Y N 141 
HIS ND1 CE1  doub Y N 142 
HIS ND1 HD1  sing N N 143 
HIS CD2 NE2  sing Y N 144 
HIS CD2 HD2  sing N N 145 
HIS CE1 NE2  sing Y N 146 
HIS CE1 HE1  sing N N 147 
HIS NE2 HE2  sing N N 148 
HIS OXT HXT  sing N N 149 
HOH O   H1   sing N N 150 
HOH O   H2   sing N N 151 
ILE N   CA   sing N N 152 
ILE N   H    sing N N 153 
ILE N   H2   sing N N 154 
ILE CA  C    sing N N 155 
ILE CA  CB   sing N N 156 
ILE CA  HA   sing N N 157 
ILE C   O    doub N N 158 
ILE C   OXT  sing N N 159 
ILE CB  CG1  sing N N 160 
ILE CB  CG2  sing N N 161 
ILE CB  HB   sing N N 162 
ILE CG1 CD1  sing N N 163 
ILE CG1 HG12 sing N N 164 
ILE CG1 HG13 sing N N 165 
ILE CG2 HG21 sing N N 166 
ILE CG2 HG22 sing N N 167 
ILE CG2 HG23 sing N N 168 
ILE CD1 HD11 sing N N 169 
ILE CD1 HD12 sing N N 170 
ILE CD1 HD13 sing N N 171 
ILE OXT HXT  sing N N 172 
LEU N   CA   sing N N 173 
LEU N   H    sing N N 174 
LEU N   H2   sing N N 175 
LEU CA  C    sing N N 176 
LEU CA  CB   sing N N 177 
LEU CA  HA   sing N N 178 
LEU C   O    doub N N 179 
LEU C   OXT  sing N N 180 
LEU CB  CG   sing N N 181 
LEU CB  HB2  sing N N 182 
LEU CB  HB3  sing N N 183 
LEU CG  CD1  sing N N 184 
LEU CG  CD2  sing N N 185 
LEU CG  HG   sing N N 186 
LEU CD1 HD11 sing N N 187 
LEU CD1 HD12 sing N N 188 
LEU CD1 HD13 sing N N 189 
LEU CD2 HD21 sing N N 190 
LEU CD2 HD22 sing N N 191 
LEU CD2 HD23 sing N N 192 
LEU OXT HXT  sing N N 193 
LYS N   CA   sing N N 194 
LYS N   H    sing N N 195 
LYS N   H2   sing N N 196 
LYS CA  C    sing N N 197 
LYS CA  CB   sing N N 198 
LYS CA  HA   sing N N 199 
LYS C   O    doub N N 200 
LYS C   OXT  sing N N 201 
LYS CB  CG   sing N N 202 
LYS CB  HB2  sing N N 203 
LYS CB  HB3  sing N N 204 
LYS CG  CD   sing N N 205 
LYS CG  HG2  sing N N 206 
LYS CG  HG3  sing N N 207 
LYS CD  CE   sing N N 208 
LYS CD  HD2  sing N N 209 
LYS CD  HD3  sing N N 210 
LYS CE  NZ   sing N N 211 
LYS CE  HE2  sing N N 212 
LYS CE  HE3  sing N N 213 
LYS NZ  HZ1  sing N N 214 
LYS NZ  HZ2  sing N N 215 
LYS NZ  HZ3  sing N N 216 
LYS OXT HXT  sing N N 217 
MET N   CA   sing N N 218 
MET N   H    sing N N 219 
MET N   H2   sing N N 220 
MET CA  C    sing N N 221 
MET CA  CB   sing N N 222 
MET CA  HA   sing N N 223 
MET C   O    doub N N 224 
MET C   OXT  sing N N 225 
MET CB  CG   sing N N 226 
MET CB  HB2  sing N N 227 
MET CB  HB3  sing N N 228 
MET CG  SD   sing N N 229 
MET CG  HG2  sing N N 230 
MET CG  HG3  sing N N 231 
MET SD  CE   sing N N 232 
MET CE  HE1  sing N N 233 
MET CE  HE2  sing N N 234 
MET CE  HE3  sing N N 235 
MET OXT HXT  sing N N 236 
PHE N   CA   sing N N 237 
PHE N   H    sing N N 238 
PHE N   H2   sing N N 239 
PHE CA  C    sing N N 240 
PHE CA  CB   sing N N 241 
PHE CA  HA   sing N N 242 
PHE C   O    doub N N 243 
PHE C   OXT  sing N N 244 
PHE CB  CG   sing N N 245 
PHE CB  HB2  sing N N 246 
PHE CB  HB3  sing N N 247 
PHE CG  CD1  doub Y N 248 
PHE CG  CD2  sing Y N 249 
PHE CD1 CE1  sing Y N 250 
PHE CD1 HD1  sing N N 251 
PHE CD2 CE2  doub Y N 252 
PHE CD2 HD2  sing N N 253 
PHE CE1 CZ   doub Y N 254 
PHE CE1 HE1  sing N N 255 
PHE CE2 CZ   sing Y N 256 
PHE CE2 HE2  sing N N 257 
PHE CZ  HZ   sing N N 258 
PHE OXT HXT  sing N N 259 
PRO N   CA   sing N N 260 
PRO N   CD   sing N N 261 
PRO N   H    sing N N 262 
PRO CA  C    sing N N 263 
PRO CA  CB   sing N N 264 
PRO CA  HA   sing N N 265 
PRO C   O    doub N N 266 
PRO C   OXT  sing N N 267 
PRO CB  CG   sing N N 268 
PRO CB  HB2  sing N N 269 
PRO CB  HB3  sing N N 270 
PRO CG  CD   sing N N 271 
PRO CG  HG2  sing N N 272 
PRO CG  HG3  sing N N 273 
PRO CD  HD2  sing N N 274 
PRO CD  HD3  sing N N 275 
PRO OXT HXT  sing N N 276 
SER N   CA   sing N N 277 
SER N   H    sing N N 278 
SER N   H2   sing N N 279 
SER CA  C    sing N N 280 
SER CA  CB   sing N N 281 
SER CA  HA   sing N N 282 
SER C   O    doub N N 283 
SER C   OXT  sing N N 284 
SER CB  OG   sing N N 285 
SER CB  HB2  sing N N 286 
SER CB  HB3  sing N N 287 
SER OG  HG   sing N N 288 
SER OXT HXT  sing N N 289 
THR N   CA   sing N N 290 
THR N   H    sing N N 291 
THR N   H2   sing N N 292 
THR CA  C    sing N N 293 
THR CA  CB   sing N N 294 
THR CA  HA   sing N N 295 
THR C   O    doub N N 296 
THR C   OXT  sing N N 297 
THR CB  OG1  sing N N 298 
THR CB  CG2  sing N N 299 
THR CB  HB   sing N N 300 
THR OG1 HG1  sing N N 301 
THR CG2 HG21 sing N N 302 
THR CG2 HG22 sing N N 303 
THR CG2 HG23 sing N N 304 
THR OXT HXT  sing N N 305 
TRP N   CA   sing N N 306 
TRP N   H    sing N N 307 
TRP N   H2   sing N N 308 
TRP CA  C    sing N N 309 
TRP CA  CB   sing N N 310 
TRP CA  HA   sing N N 311 
TRP C   O    doub N N 312 
TRP C   OXT  sing N N 313 
TRP CB  CG   sing N N 314 
TRP CB  HB2  sing N N 315 
TRP CB  HB3  sing N N 316 
TRP CG  CD1  doub Y N 317 
TRP CG  CD2  sing Y N 318 
TRP CD1 NE1  sing Y N 319 
TRP CD1 HD1  sing N N 320 
TRP CD2 CE2  doub Y N 321 
TRP CD2 CE3  sing Y N 322 
TRP NE1 CE2  sing Y N 323 
TRP NE1 HE1  sing N N 324 
TRP CE2 CZ2  sing Y N 325 
TRP CE3 CZ3  doub Y N 326 
TRP CE3 HE3  sing N N 327 
TRP CZ2 CH2  doub Y N 328 
TRP CZ2 HZ2  sing N N 329 
TRP CZ3 CH2  sing Y N 330 
TRP CZ3 HZ3  sing N N 331 
TRP CH2 HH2  sing N N 332 
TRP OXT HXT  sing N N 333 
TYR N   CA   sing N N 334 
TYR N   H    sing N N 335 
TYR N   H2   sing N N 336 
TYR CA  C    sing N N 337 
TYR CA  CB   sing N N 338 
TYR CA  HA   sing N N 339 
TYR C   O    doub N N 340 
TYR C   OXT  sing N N 341 
TYR CB  CG   sing N N 342 
TYR CB  HB2  sing N N 343 
TYR CB  HB3  sing N N 344 
TYR CG  CD1  doub Y N 345 
TYR CG  CD2  sing Y N 346 
TYR CD1 CE1  sing Y N 347 
TYR CD1 HD1  sing N N 348 
TYR CD2 CE2  doub Y N 349 
TYR CD2 HD2  sing N N 350 
TYR CE1 CZ   doub Y N 351 
TYR CE1 HE1  sing N N 352 
TYR CE2 CZ   sing Y N 353 
TYR CE2 HE2  sing N N 354 
TYR CZ  OH   sing N N 355 
TYR OH  HH   sing N N 356 
TYR OXT HXT  sing N N 357 
VAL N   CA   sing N N 358 
VAL N   H    sing N N 359 
VAL N   H2   sing N N 360 
VAL CA  C    sing N N 361 
VAL CA  CB   sing N N 362 
VAL CA  HA   sing N N 363 
VAL C   O    doub N N 364 
VAL C   OXT  sing N N 365 
VAL CB  CG1  sing N N 366 
VAL CB  CG2  sing N N 367 
VAL CB  HB   sing N N 368 
VAL CG1 HG11 sing N N 369 
VAL CG1 HG12 sing N N 370 
VAL CG1 HG13 sing N N 371 
VAL CG2 HG21 sing N N 372 
VAL CG2 HG22 sing N N 373 
VAL CG2 HG23 sing N N 374 
VAL OXT HXT  sing N N 375 
Y36 C12 C11  doub Y N 376 
Y36 C12 C13  sing Y N 377 
Y36 C11 C10  sing Y N 378 
Y36 C13 C14  doub Y N 379 
Y36 C20 C9   sing N N 380 
Y36 C10 C9   sing N N 381 
Y36 C10 N1   doub Y N 382 
Y36 C14 N1   sing Y N 383 
Y36 C19 C18  doub Y N 384 
Y36 C19 C15  sing Y N 385 
Y36 C18 C17  sing Y N 386 
Y36 C9  C15  sing N N 387 
Y36 C9  N2   sing N N 388 
Y36 C15 N3   doub Y N 389 
Y36 C17 C16  doub Y N 390 
Y36 N3  C16  sing Y N 391 
Y36 N2  C8   sing Y N 392 
Y36 N2  C5   sing Y N 393 
Y36 C8  C7   doub Y N 394 
Y36 C5  C4   doub Y N 395 
Y36 C5  C6   sing Y N 396 
Y36 C4  C3   sing Y N 397 
Y36 C7  C6   sing Y N 398 
Y36 C28 N5   sing N N 399 
Y36 N5  C25  sing N N 400 
Y36 C6  C1   doub Y N 401 
Y36 C24 C25  doub N N 402 
Y36 C24 C23  sing N N 403 
Y36 C25 C26  sing N N 404 
Y36 C3  C23  sing N N 405 
Y36 C3  C2   doub Y N 406 
Y36 C23 C27  doub N N 407 
Y36 C26 O3   doub N N 408 
Y36 C26 N6   sing N N 409 
Y36 C1  C2   sing Y N 410 
Y36 C1  N4   sing N N 411 
Y36 C27 N6   sing N N 412 
Y36 N6  C29  sing N N 413 
Y36 N4  S1   sing N N 414 
Y36 S1  O2   doub N N 415 
Y36 S1  O1   doub N N 416 
Y36 S1  C21  sing N N 417 
Y36 C22 C21  sing N N 418 
Y36 C2  H1   sing N N 419 
Y36 C4  H2   sing N N 420 
Y36 C7  H3   sing N N 421 
Y36 C8  H4   sing N N 422 
Y36 C11 H5   sing N N 423 
Y36 C12 H6   sing N N 424 
Y36 C13 H7   sing N N 425 
Y36 C14 H8   sing N N 426 
Y36 C16 H9   sing N N 427 
Y36 C17 H10  sing N N 428 
Y36 C18 H11  sing N N 429 
Y36 C19 H12  sing N N 430 
Y36 C20 H13  sing N N 431 
Y36 C20 H14  sing N N 432 
Y36 C20 H15  sing N N 433 
Y36 C21 H16  sing N N 434 
Y36 C21 H17  sing N N 435 
Y36 C22 H18  sing N N 436 
Y36 C22 H19  sing N N 437 
Y36 C22 H20  sing N N 438 
Y36 N4  H21  sing N N 439 
Y36 C24 H22  sing N N 440 
Y36 C27 H23  sing N N 441 
Y36 C28 H24  sing N N 442 
Y36 C28 H25  sing N N 443 
Y36 C28 H26  sing N N 444 
Y36 N5  H27  sing N N 445 
Y36 C29 H28  sing N N 446 
Y36 C29 H29  sing N N 447 
Y36 C29 H30  sing N N 448 
# 
_pdbx_audit_support.funding_organization   'National Institutes of Health/National Center for Research Resources (NIH/NCRR)' 
_pdbx_audit_support.country                'United States' 
_pdbx_audit_support.grant_number           UL1RR029879 
_pdbx_audit_support.ordinal                1 
# 
_pdbx_entity_instance_feature.ordinal        1 
_pdbx_entity_instance_feature.comp_id        Y36 
_pdbx_entity_instance_feature.asym_id        ? 
_pdbx_entity_instance_feature.seq_num        ? 
_pdbx_entity_instance_feature.auth_comp_id   Y36 
_pdbx_entity_instance_feature.auth_asym_id   ? 
_pdbx_entity_instance_feature.auth_seq_num   ? 
_pdbx_entity_instance_feature.feature_type   'SUBJECT OF INVESTIGATION' 
_pdbx_entity_instance_feature.details        ? 
# 
loop_
_pdbx_entity_nonpoly.entity_id 
_pdbx_entity_nonpoly.name 
_pdbx_entity_nonpoly.comp_id 
2 'N-{1-[1,1-di(pyridin-2-yl)ethyl]-6-[1-methyl-5-(methylamino)-6-oxo-1,6-dihydropyridin-3-yl]-1H-indol-4-yl}ethanesulfonamide' 
Y36 
3 water                                                                                                                         
HOH 
# 
_pdbx_initial_refinement_model.id               1 
_pdbx_initial_refinement_model.entity_id_list   ? 
_pdbx_initial_refinement_model.type             'experimental model' 
_pdbx_initial_refinement_model.source_name      PDB 
_pdbx_initial_refinement_model.accession_code   3MXF 
_pdbx_initial_refinement_model.details          ? 
# 
_pdbx_struct_assembly_auth_evidence.id                     1 
_pdbx_struct_assembly_auth_evidence.assembly_id            1 
_pdbx_struct_assembly_auth_evidence.experimental_support   homology 
_pdbx_struct_assembly_auth_evidence.details                ? 
# 
